data_6GMI
# 
_entry.id   6GMI 
# 
_audit_conform.dict_name       mmcif_pdbx.dic 
_audit_conform.dict_version    5.383 
_audit_conform.dict_location   http://mmcif.pdb.org/dictionaries/ascii/mmcif_pdbx.dic 
# 
loop_
_database_2.database_id 
_database_2.database_code 
_database_2.pdbx_database_accession 
_database_2.pdbx_DOI 
PDB   6GMI         pdb_00006gmi 10.2210/pdb6gmi/pdb 
WWPDB D_1200010215 ?            ?                   
# 
loop_
_pdbx_audit_revision_history.ordinal 
_pdbx_audit_revision_history.data_content_type 
_pdbx_audit_revision_history.major_revision 
_pdbx_audit_revision_history.minor_revision 
_pdbx_audit_revision_history.revision_date 
1 'Structure model' 1 0 2018-10-10 
2 'Structure model' 1 1 2018-10-31 
3 'Structure model' 1 2 2024-01-17 
# 
_pdbx_audit_revision_details.ordinal             1 
_pdbx_audit_revision_details.revision_ordinal    1 
_pdbx_audit_revision_details.data_content_type   'Structure model' 
_pdbx_audit_revision_details.provider            repository 
_pdbx_audit_revision_details.type                'Initial release' 
_pdbx_audit_revision_details.description         ? 
_pdbx_audit_revision_details.details             ? 
# 
loop_
_pdbx_audit_revision_group.ordinal 
_pdbx_audit_revision_group.revision_ordinal 
_pdbx_audit_revision_group.data_content_type 
_pdbx_audit_revision_group.group 
1 2 'Structure model' 'Data collection'        
2 2 'Structure model' 'Database references'    
3 2 'Structure model' 'Structure summary'      
4 3 'Structure model' 'Data collection'        
5 3 'Structure model' 'Database references'    
6 3 'Structure model' 'Refinement description' 
# 
loop_
_pdbx_audit_revision_category.ordinal 
_pdbx_audit_revision_category.revision_ordinal 
_pdbx_audit_revision_category.data_content_type 
_pdbx_audit_revision_category.category 
1 2 'Structure model' citation                      
2 2 'Structure model' entity                        
3 3 'Structure model' chem_comp_atom                
4 3 'Structure model' chem_comp_bond                
5 3 'Structure model' database_2                    
6 3 'Structure model' pdbx_initial_refinement_model 
# 
loop_
_pdbx_audit_revision_item.ordinal 
_pdbx_audit_revision_item.revision_ordinal 
_pdbx_audit_revision_item.data_content_type 
_pdbx_audit_revision_item.item 
1 2 'Structure model' '_citation.journal_volume'            
2 2 'Structure model' '_citation.page_first'                
3 2 'Structure model' '_citation.page_last'                 
4 2 'Structure model' '_entity.formula_weight'              
5 3 'Structure model' '_database_2.pdbx_DOI'                
6 3 'Structure model' '_database_2.pdbx_database_accession' 
# 
_pdbx_database_status.status_code                     REL 
_pdbx_database_status.status_code_sf                  REL 
_pdbx_database_status.status_code_mr                  ? 
_pdbx_database_status.entry_id                        6GMI 
_pdbx_database_status.recvd_initial_deposition_date   2018-05-26 
_pdbx_database_status.SG_entry                        N 
_pdbx_database_status.deposit_site                    PDBE 
_pdbx_database_status.process_site                    PDBE 
_pdbx_database_status.status_code_cs                  ? 
_pdbx_database_status.methods_development_category    ? 
_pdbx_database_status.pdb_format_compatible           Y 
_pdbx_database_status.status_code_nmr_data            ? 
# 
_audit_author.name               'Rebelein, J.G.' 
_audit_author.pdbx_ordinal       1 
_audit_author.identifier_ORCID   0000-0003-2560-716X 
# 
_citation.abstract                  ? 
_citation.abstract_id_CAS           ? 
_citation.book_id_ISBN              ? 
_citation.book_publisher            ? 
_citation.book_publisher_city       ? 
_citation.book_title                ? 
_citation.coordinate_linkage        ? 
_citation.country                   US 
_citation.database_id_Medline       ? 
_citation.details                   ? 
_citation.id                        primary 
_citation.journal_abbrev            'J. Am. Chem. Soc.' 
_citation.journal_id_ASTM           JACSAT 
_citation.journal_id_CSD            ? 
_citation.journal_id_ISSN           1520-5126 
_citation.journal_full              ? 
_citation.journal_issue             ? 
_citation.journal_volume            140 
_citation.language                  ? 
_citation.page_first                13171 
_citation.page_last                 13175 
_citation.title                     
;Genetic Engineering of an Artificial Metalloenzyme for Transfer Hydrogenation of a Self-Immolative Substrate in Escherichia coli's Periplasm.
;
_citation.year                      2018 
_citation.database_id_CSD           ? 
_citation.pdbx_database_id_DOI      10.1021/jacs.8b07189 
_citation.pdbx_database_id_PubMed   30272972 
_citation.unpublished_flag          ? 
# 
loop_
_citation_author.citation_id 
_citation_author.name 
_citation_author.ordinal 
_citation_author.identifier_ORCID 
primary 'Zhao, J.'         1 0000-0001-7104-8990 
primary 'Rebelein, J.G.'   2 0000-0003-2560-716X 
primary 'Mallin, H.'       3 ?                   
primary 'Trindler, C.'     4 ?                   
primary 'Pellizzoni, M.M.' 5 0000-0003-4294-0247 
primary 'Ward, T.R.'       6 0000-0001-8602-5468 
# 
loop_
_entity.id 
_entity.type 
_entity.src_method 
_entity.pdbx_description 
_entity.formula_weight 
_entity.pdbx_number_of_molecules 
_entity.pdbx_ec 
_entity.pdbx_mutation 
_entity.pdbx_fragment 
_entity.details 
1 polymer     man Streptavidin 18624.266 1  ? 'S112V, E116SPLSEALTKANSPAEAYKASRGAGA, K121A' ? 
'T7-Tag on the N-Terminus of Streptavidin, Insertion of SPLSEALTKANSPAEAYKASRGAGA for E116' 
2 non-polymer syn 
;{N-(4-{[2-(amino-kappaN)ethyl]sulfamoyl-kappaN}phenyl)-5-[(3aS,4S,6aR)-2-oxohexahydro-1H-thieno[3,4-d]imidazol-4-yl]pentanamide}(chloro)[(1,2,3,4,5-eta)-1,2,3,4,5-pentamethylcyclopentadienyl]iridium(III)
;
807.488   1  ? ?                                             ? ? 
3 non-polymer syn 'IRIDIUM (III) ION' 192.217   4  ? ?                                             ? ? 
4 water       nat water 18.015    34 ? ?                                             ? ? 
# 
_entity_poly.entity_id                      1 
_entity_poly.type                           'polypeptide(L)' 
_entity_poly.nstd_linkage                   no 
_entity_poly.nstd_monomer                   no 
_entity_poly.pdbx_seq_one_letter_code       
;ASMTGGQQMGRDQAGITGTWYNQLGSTFIVTAGADGALTGTYESAVGNAESRYVLTGRYDSAPATDGSGTALGWTVAWKN
NYRNAHSATTWSGQYVGGAEARINTQWLLTVGTTSPLSEALTKANSPAEAYKASRGAGANAWASTLVGHDTFTKVKPSAA
SIDAAKKAGVNNGNPLDAVQQ
;
_entity_poly.pdbx_seq_one_letter_code_can   
;ASMTGGQQMGRDQAGITGTWYNQLGSTFIVTAGADGALTGTYESAVGNAESRYVLTGRYDSAPATDGSGTALGWTVAWKN
NYRNAHSATTWSGQYVGGAEARINTQWLLTVGTTSPLSEALTKANSPAEAYKASRGAGANAWASTLVGHDTFTKVKPSAA
SIDAAKKAGVNNGNPLDAVQQ
;
_entity_poly.pdbx_strand_id                 A 
_entity_poly.pdbx_target_identifier         ? 
# 
loop_
_pdbx_entity_nonpoly.entity_id 
_pdbx_entity_nonpoly.name 
_pdbx_entity_nonpoly.comp_id 
2 
;{N-(4-{[2-(amino-kappaN)ethyl]sulfamoyl-kappaN}phenyl)-5-[(3aS,4S,6aR)-2-oxohexahydro-1H-thieno[3,4-d]imidazol-4-yl]pentanamide}(chloro)[(1,2,3,4,5-eta)-1,2,3,4,5-pentamethylcyclopentadienyl]iridium(III)
;
4IR 
3 'IRIDIUM (III) ION' IR3 
4 water HOH 
# 
loop_
_entity_poly_seq.entity_id 
_entity_poly_seq.num 
_entity_poly_seq.mon_id 
_entity_poly_seq.hetero 
1 1   ALA n 
1 2   SER n 
1 3   MET n 
1 4   THR n 
1 5   GLY n 
1 6   GLY n 
1 7   GLN n 
1 8   GLN n 
1 9   MET n 
1 10  GLY n 
1 11  ARG n 
1 12  ASP n 
1 13  GLN n 
1 14  ALA n 
1 15  GLY n 
1 16  ILE n 
1 17  THR n 
1 18  GLY n 
1 19  THR n 
1 20  TRP n 
1 21  TYR n 
1 22  ASN n 
1 23  GLN n 
1 24  LEU n 
1 25  GLY n 
1 26  SER n 
1 27  THR n 
1 28  PHE n 
1 29  ILE n 
1 30  VAL n 
1 31  THR n 
1 32  ALA n 
1 33  GLY n 
1 34  ALA n 
1 35  ASP n 
1 36  GLY n 
1 37  ALA n 
1 38  LEU n 
1 39  THR n 
1 40  GLY n 
1 41  THR n 
1 42  TYR n 
1 43  GLU n 
1 44  SER n 
1 45  ALA n 
1 46  VAL n 
1 47  GLY n 
1 48  ASN n 
1 49  ALA n 
1 50  GLU n 
1 51  SER n 
1 52  ARG n 
1 53  TYR n 
1 54  VAL n 
1 55  LEU n 
1 56  THR n 
1 57  GLY n 
1 58  ARG n 
1 59  TYR n 
1 60  ASP n 
1 61  SER n 
1 62  ALA n 
1 63  PRO n 
1 64  ALA n 
1 65  THR n 
1 66  ASP n 
1 67  GLY n 
1 68  SER n 
1 69  GLY n 
1 70  THR n 
1 71  ALA n 
1 72  LEU n 
1 73  GLY n 
1 74  TRP n 
1 75  THR n 
1 76  VAL n 
1 77  ALA n 
1 78  TRP n 
1 79  LYS n 
1 80  ASN n 
1 81  ASN n 
1 82  TYR n 
1 83  ARG n 
1 84  ASN n 
1 85  ALA n 
1 86  HIS n 
1 87  SER n 
1 88  ALA n 
1 89  THR n 
1 90  THR n 
1 91  TRP n 
1 92  SER n 
1 93  GLY n 
1 94  GLN n 
1 95  TYR n 
1 96  VAL n 
1 97  GLY n 
1 98  GLY n 
1 99  ALA n 
1 100 GLU n 
1 101 ALA n 
1 102 ARG n 
1 103 ILE n 
1 104 ASN n 
1 105 THR n 
1 106 GLN n 
1 107 TRP n 
1 108 LEU n 
1 109 LEU n 
1 110 THR n 
1 111 VAL n 
1 112 GLY n 
1 113 THR n 
1 114 THR n 
1 115 SER n 
1 116 PRO n 
1 117 LEU n 
1 118 SER n 
1 119 GLU n 
1 120 ALA n 
1 121 LEU n 
1 122 THR n 
1 123 LYS n 
1 124 ALA n 
1 125 ASN n 
1 126 SER n 
1 127 PRO n 
1 128 ALA n 
1 129 GLU n 
1 130 ALA n 
1 131 TYR n 
1 132 LYS n 
1 133 ALA n 
1 134 SER n 
1 135 ARG n 
1 136 GLY n 
1 137 ALA n 
1 138 GLY n 
1 139 ALA n 
1 140 ASN n 
1 141 ALA n 
1 142 TRP n 
1 143 ALA n 
1 144 SER n 
1 145 THR n 
1 146 LEU n 
1 147 VAL n 
1 148 GLY n 
1 149 HIS n 
1 150 ASP n 
1 151 THR n 
1 152 PHE n 
1 153 THR n 
1 154 LYS n 
1 155 VAL n 
1 156 LYS n 
1 157 PRO n 
1 158 SER n 
1 159 ALA n 
1 160 ALA n 
1 161 SER n 
1 162 ILE n 
1 163 ASP n 
1 164 ALA n 
1 165 ALA n 
1 166 LYS n 
1 167 LYS n 
1 168 ALA n 
1 169 GLY n 
1 170 VAL n 
1 171 ASN n 
1 172 ASN n 
1 173 GLY n 
1 174 ASN n 
1 175 PRO n 
1 176 LEU n 
1 177 ASP n 
1 178 ALA n 
1 179 VAL n 
1 180 GLN n 
1 181 GLN n 
# 
_entity_src_gen.entity_id                          1 
_entity_src_gen.pdbx_src_id                        1 
_entity_src_gen.pdbx_alt_source_flag               sample 
_entity_src_gen.pdbx_seq_type                      'Biological sequence' 
_entity_src_gen.pdbx_beg_seq_num                   1 
_entity_src_gen.pdbx_end_seq_num                   181 
_entity_src_gen.gene_src_common_name               ? 
_entity_src_gen.gene_src_genus                     ? 
_entity_src_gen.pdbx_gene_src_gene                 ? 
_entity_src_gen.gene_src_species                   ? 
_entity_src_gen.gene_src_strain                    ? 
_entity_src_gen.gene_src_tissue                    ? 
_entity_src_gen.gene_src_tissue_fraction           ? 
_entity_src_gen.gene_src_details                   ? 
_entity_src_gen.pdbx_gene_src_fragment             ? 
_entity_src_gen.pdbx_gene_src_scientific_name      'Streptomyces avidinii' 
_entity_src_gen.pdbx_gene_src_ncbi_taxonomy_id     1895 
_entity_src_gen.pdbx_gene_src_variant              ? 
_entity_src_gen.pdbx_gene_src_cell_line            ? 
_entity_src_gen.pdbx_gene_src_atcc                 ? 
_entity_src_gen.pdbx_gene_src_organ                ? 
_entity_src_gen.pdbx_gene_src_organelle            ? 
_entity_src_gen.pdbx_gene_src_cell                 ? 
_entity_src_gen.pdbx_gene_src_cellular_location    ? 
_entity_src_gen.host_org_common_name               ? 
_entity_src_gen.pdbx_host_org_scientific_name      'Escherichia coli' 
_entity_src_gen.pdbx_host_org_ncbi_taxonomy_id     562 
_entity_src_gen.host_org_genus                     ? 
_entity_src_gen.pdbx_host_org_gene                 ? 
_entity_src_gen.pdbx_host_org_organ                ? 
_entity_src_gen.host_org_species                   ? 
_entity_src_gen.pdbx_host_org_tissue               ? 
_entity_src_gen.pdbx_host_org_tissue_fraction      ? 
_entity_src_gen.pdbx_host_org_strain               ? 
_entity_src_gen.pdbx_host_org_variant              ? 
_entity_src_gen.pdbx_host_org_cell_line            ? 
_entity_src_gen.pdbx_host_org_atcc                 ? 
_entity_src_gen.pdbx_host_org_culture_collection   ? 
_entity_src_gen.pdbx_host_org_cell                 ? 
_entity_src_gen.pdbx_host_org_organelle            ? 
_entity_src_gen.pdbx_host_org_cellular_location    ? 
_entity_src_gen.pdbx_host_org_vector_type          ? 
_entity_src_gen.pdbx_host_org_vector               ? 
_entity_src_gen.host_org_details                   ? 
_entity_src_gen.expression_system_id               ? 
_entity_src_gen.plasmid_name                       ? 
_entity_src_gen.plasmid_details                    ? 
_entity_src_gen.pdbx_description                   ? 
# 
loop_
_chem_comp.id 
_chem_comp.type 
_chem_comp.mon_nstd_flag 
_chem_comp.name 
_chem_comp.pdbx_synonyms 
_chem_comp.formula 
_chem_comp.formula_weight 
4IR non-polymer         . 
;{N-(4-{[2-(amino-kappaN)ethyl]sulfamoyl-kappaN}phenyl)-5-[(3aS,4S,6aR)-2-oxohexahydro-1H-thieno[3,4-d]imidazol-4-yl]pentanamide}(chloro)[(1,2,3,4,5-eta)-1,2,3,4,5-pentamethylcyclopentadienyl]iridium(III)
;
;N-(4-{[(2-AMINOETHYL)AMINO]SULFONYL}PHENYL)-5-[(3AS,4S,6AR)-2-OXOHEXAHYDRO-1H-THIENO[3,4-D]IMIDAZOL-4-YL]PENTANAMIDE-(1,2,3,4,5,6-ETA)-PENTAMETHYLCYCLOHEXYL-CHLORO-IRIDIUM(III)
;
'C28 H45 Cl Ir N5 O4 S2 2' 807.488 
ALA 'L-peptide linking' y ALANINE ? 'C3 H7 N O2'               89.093  
ARG 'L-peptide linking' y ARGININE ? 'C6 H15 N4 O2 1'           175.209 
ASN 'L-peptide linking' y ASPARAGINE ? 'C4 H8 N2 O3'              132.118 
ASP 'L-peptide linking' y 'ASPARTIC ACID' ? 'C4 H7 N O4'               133.103 
GLN 'L-peptide linking' y GLUTAMINE ? 'C5 H10 N2 O3'             146.144 
GLU 'L-peptide linking' y 'GLUTAMIC ACID' ? 'C5 H9 N O4'               147.129 
GLY 'peptide linking'   y GLYCINE ? 'C2 H5 N O2'               75.067  
HIS 'L-peptide linking' y HISTIDINE ? 'C6 H10 N3 O2 1'           156.162 
HOH non-polymer         . WATER ? 'H2 O'                     18.015  
ILE 'L-peptide linking' y ISOLEUCINE ? 'C6 H13 N O2'              131.173 
IR3 non-polymer         . 'IRIDIUM (III) ION' ? 'Ir 3'                     192.217 
LEU 'L-peptide linking' y LEUCINE ? 'C6 H13 N O2'              131.173 
LYS 'L-peptide linking' y LYSINE ? 'C6 H15 N2 O2 1'           147.195 
MET 'L-peptide linking' y METHIONINE ? 'C5 H11 N O2 S'            149.211 
PHE 'L-peptide linking' y PHENYLALANINE ? 'C9 H11 N O2'              165.189 
PRO 'L-peptide linking' y PROLINE ? 'C5 H9 N O2'               115.130 
SER 'L-peptide linking' y SERINE ? 'C3 H7 N O3'               105.093 
THR 'L-peptide linking' y THREONINE ? 'C4 H9 N O3'               119.119 
TRP 'L-peptide linking' y TRYPTOPHAN ? 'C11 H12 N2 O2'            204.225 
TYR 'L-peptide linking' y TYROSINE ? 'C9 H11 N O3'              181.189 
VAL 'L-peptide linking' y VALINE ? 'C5 H11 N O2'              117.146 
# 
loop_
_pdbx_poly_seq_scheme.asym_id 
_pdbx_poly_seq_scheme.entity_id 
_pdbx_poly_seq_scheme.seq_id 
_pdbx_poly_seq_scheme.mon_id 
_pdbx_poly_seq_scheme.ndb_seq_num 
_pdbx_poly_seq_scheme.pdb_seq_num 
_pdbx_poly_seq_scheme.auth_seq_num 
_pdbx_poly_seq_scheme.pdb_mon_id 
_pdbx_poly_seq_scheme.auth_mon_id 
_pdbx_poly_seq_scheme.pdb_strand_id 
_pdbx_poly_seq_scheme.pdb_ins_code 
_pdbx_poly_seq_scheme.hetero 
A 1 1   ALA 1   2   ?   ?   ?   A . n 
A 1 2   SER 2   3   ?   ?   ?   A . n 
A 1 3   MET 3   4   ?   ?   ?   A . n 
A 1 4   THR 4   5   ?   ?   ?   A . n 
A 1 5   GLY 5   6   ?   ?   ?   A . n 
A 1 6   GLY 6   7   ?   ?   ?   A . n 
A 1 7   GLN 7   8   ?   ?   ?   A . n 
A 1 8   GLN 8   9   ?   ?   ?   A . n 
A 1 9   MET 9   10  ?   ?   ?   A . n 
A 1 10  GLY 10  11  ?   ?   ?   A . n 
A 1 11  ARG 11  12  ?   ?   ?   A . n 
A 1 12  ASP 12  13  13  ASP ASP A . n 
A 1 13  GLN 13  14  14  GLN GLN A . n 
A 1 14  ALA 14  15  15  ALA ALA A . n 
A 1 15  GLY 15  16  16  GLY GLY A . n 
A 1 16  ILE 16  17  17  ILE ILE A . n 
A 1 17  THR 17  18  18  THR THR A . n 
A 1 18  GLY 18  19  19  GLY GLY A . n 
A 1 19  THR 19  20  20  THR THR A . n 
A 1 20  TRP 20  21  21  TRP TRP A . n 
A 1 21  TYR 21  22  22  TYR TYR A . n 
A 1 22  ASN 22  23  23  ASN ASN A . n 
A 1 23  GLN 23  24  24  GLN GLN A . n 
A 1 24  LEU 24  25  25  LEU LEU A . n 
A 1 25  GLY 25  26  26  GLY GLY A . n 
A 1 26  SER 26  27  27  SER SER A . n 
A 1 27  THR 27  28  28  THR THR A . n 
A 1 28  PHE 28  29  29  PHE PHE A . n 
A 1 29  ILE 29  30  30  ILE ILE A . n 
A 1 30  VAL 30  31  31  VAL VAL A . n 
A 1 31  THR 31  32  32  THR THR A . n 
A 1 32  ALA 32  33  33  ALA ALA A . n 
A 1 33  GLY 33  34  34  GLY GLY A . n 
A 1 34  ALA 34  35  35  ALA ALA A . n 
A 1 35  ASP 35  36  36  ASP ASP A . n 
A 1 36  GLY 36  37  37  GLY GLY A . n 
A 1 37  ALA 37  38  38  ALA ALA A . n 
A 1 38  LEU 38  39  39  LEU LEU A . n 
A 1 39  THR 39  40  40  THR THR A . n 
A 1 40  GLY 40  41  41  GLY GLY A . n 
A 1 41  THR 41  42  42  THR THR A . n 
A 1 42  TYR 42  43  43  TYR TYR A . n 
A 1 43  GLU 43  44  44  GLU GLU A . n 
A 1 44  SER 44  45  45  SER SER A . n 
A 1 45  ALA 45  46  46  ALA ALA A . n 
A 1 46  VAL 46  47  47  VAL VAL A . n 
A 1 47  GLY 47  48  48  GLY GLY A . n 
A 1 48  ASN 48  49  49  ASN ASN A . n 
A 1 49  ALA 49  50  50  ALA ALA A . n 
A 1 50  GLU 50  51  51  GLU GLU A . n 
A 1 51  SER 51  52  52  SER SER A . n 
A 1 52  ARG 52  53  53  ARG ARG A . n 
A 1 53  TYR 53  54  54  TYR TYR A . n 
A 1 54  VAL 54  55  55  VAL VAL A . n 
A 1 55  LEU 55  56  56  LEU LEU A . n 
A 1 56  THR 56  57  57  THR THR A . n 
A 1 57  GLY 57  58  58  GLY GLY A . n 
A 1 58  ARG 58  59  59  ARG ARG A . n 
A 1 59  TYR 59  60  60  TYR TYR A . n 
A 1 60  ASP 60  61  61  ASP ASP A . n 
A 1 61  SER 61  62  62  SER SER A . n 
A 1 62  ALA 62  63  63  ALA ALA A . n 
A 1 63  PRO 63  64  64  PRO PRO A . n 
A 1 64  ALA 64  65  65  ALA ALA A . n 
A 1 65  THR 65  66  66  THR THR A . n 
A 1 66  ASP 66  67  67  ASP ASP A . n 
A 1 67  GLY 67  68  68  GLY GLY A . n 
A 1 68  SER 68  69  69  SER SER A . n 
A 1 69  GLY 69  70  70  GLY GLY A . n 
A 1 70  THR 70  71  71  THR THR A . n 
A 1 71  ALA 71  72  72  ALA ALA A . n 
A 1 72  LEU 72  73  73  LEU LEU A . n 
A 1 73  GLY 73  74  74  GLY GLY A . n 
A 1 74  TRP 74  75  75  TRP TRP A . n 
A 1 75  THR 75  76  76  THR THR A . n 
A 1 76  VAL 76  77  77  VAL VAL A . n 
A 1 77  ALA 77  78  78  ALA ALA A . n 
A 1 78  TRP 78  79  79  TRP TRP A . n 
A 1 79  LYS 79  80  80  LYS LYS A . n 
A 1 80  ASN 80  81  81  ASN ASN A . n 
A 1 81  ASN 81  82  82  ASN ASN A . n 
A 1 82  TYR 82  83  83  TYR TYR A . n 
A 1 83  ARG 83  84  84  ARG ARG A . n 
A 1 84  ASN 84  85  85  ASN ASN A . n 
A 1 85  ALA 85  86  86  ALA ALA A . n 
A 1 86  HIS 86  87  87  HIS HIS A . n 
A 1 87  SER 87  88  88  SER SER A . n 
A 1 88  ALA 88  89  89  ALA ALA A . n 
A 1 89  THR 89  90  90  THR THR A . n 
A 1 90  THR 90  91  91  THR THR A . n 
A 1 91  TRP 91  92  92  TRP TRP A . n 
A 1 92  SER 92  93  93  SER SER A . n 
A 1 93  GLY 93  94  94  GLY GLY A . n 
A 1 94  GLN 94  95  95  GLN GLN A . n 
A 1 95  TYR 95  96  96  TYR TYR A . n 
A 1 96  VAL 96  97  97  VAL VAL A . n 
A 1 97  GLY 97  98  98  GLY GLY A . n 
A 1 98  GLY 98  99  99  GLY GLY A . n 
A 1 99  ALA 99  100 100 ALA ALA A . n 
A 1 100 GLU 100 101 101 GLU GLU A . n 
A 1 101 ALA 101 102 102 ALA ALA A . n 
A 1 102 ARG 102 103 103 ARG ARG A . n 
A 1 103 ILE 103 104 104 ILE ILE A . n 
A 1 104 ASN 104 105 105 ASN ASN A . n 
A 1 105 THR 105 106 106 THR THR A . n 
A 1 106 GLN 106 107 107 GLN GLN A . n 
A 1 107 TRP 107 108 108 TRP TRP A . n 
A 1 108 LEU 108 109 109 LEU LEU A . n 
A 1 109 LEU 109 110 110 LEU LEU A . n 
A 1 110 THR 110 111 111 THR THR A . n 
A 1 111 VAL 111 112 112 VAL VAL A . n 
A 1 112 GLY 112 113 113 GLY GLY A . n 
A 1 113 THR 113 114 114 THR THR A . n 
A 1 114 THR 114 115 115 THR THR A . n 
A 1 115 SER 115 116 ?   ?   ?   A . n 
A 1 116 PRO 116 117 ?   ?   ?   A . n 
A 1 117 LEU 117 118 ?   ?   ?   A . n 
A 1 118 SER 118 119 ?   ?   ?   A . n 
A 1 119 GLU 119 120 ?   ?   ?   A . n 
A 1 120 ALA 120 121 ?   ?   ?   A . n 
A 1 121 LEU 121 122 ?   ?   ?   A . n 
A 1 122 THR 122 123 ?   ?   ?   A . n 
A 1 123 LYS 123 124 ?   ?   ?   A . n 
A 1 124 ALA 124 125 ?   ?   ?   A . n 
A 1 125 ASN 125 126 ?   ?   ?   A . n 
A 1 126 SER 126 127 ?   ?   ?   A . n 
A 1 127 PRO 127 128 ?   ?   ?   A . n 
A 1 128 ALA 128 129 ?   ?   ?   A . n 
A 1 129 GLU 129 130 ?   ?   ?   A . n 
A 1 130 ALA 130 131 ?   ?   ?   A . n 
A 1 131 TYR 131 132 ?   ?   ?   A . n 
A 1 132 LYS 132 133 ?   ?   ?   A . n 
A 1 133 ALA 133 134 ?   ?   ?   A . n 
A 1 134 SER 134 135 ?   ?   ?   A . n 
A 1 135 ARG 135 136 ?   ?   ?   A . n 
A 1 136 GLY 136 137 ?   ?   ?   A . n 
A 1 137 ALA 137 138 ?   ?   ?   A . n 
A 1 138 GLY 138 139 ?   ?   ?   A . n 
A 1 139 ALA 139 140 ?   ?   ?   A . n 
A 1 140 ASN 140 141 141 ASN ASN A . n 
A 1 141 ALA 141 142 142 ALA ALA A . n 
A 1 142 TRP 142 143 143 TRP TRP A . n 
A 1 143 ALA 143 144 144 ALA ALA A . n 
A 1 144 SER 144 145 145 SER SER A . n 
A 1 145 THR 145 146 146 THR THR A . n 
A 1 146 LEU 146 147 147 LEU LEU A . n 
A 1 147 VAL 147 148 148 VAL VAL A . n 
A 1 148 GLY 148 149 149 GLY GLY A . n 
A 1 149 HIS 149 150 150 HIS HIS A . n 
A 1 150 ASP 150 151 151 ASP ASP A . n 
A 1 151 THR 151 152 152 THR THR A . n 
A 1 152 PHE 152 153 153 PHE PHE A . n 
A 1 153 THR 153 154 154 THR THR A . n 
A 1 154 LYS 154 155 155 LYS LYS A . n 
A 1 155 VAL 155 156 156 VAL VAL A . n 
A 1 156 LYS 156 157 157 LYS LYS A . n 
A 1 157 PRO 157 158 ?   ?   ?   A . n 
A 1 158 SER 158 159 ?   ?   ?   A . n 
A 1 159 ALA 159 160 ?   ?   ?   A . n 
A 1 160 ALA 160 161 ?   ?   ?   A . n 
A 1 161 SER 161 162 ?   ?   ?   A . n 
A 1 162 ILE 162 163 ?   ?   ?   A . n 
A 1 163 ASP 163 164 ?   ?   ?   A . n 
A 1 164 ALA 164 165 ?   ?   ?   A . n 
A 1 165 ALA 165 166 ?   ?   ?   A . n 
A 1 166 LYS 166 167 ?   ?   ?   A . n 
A 1 167 LYS 167 168 ?   ?   ?   A . n 
A 1 168 ALA 168 169 ?   ?   ?   A . n 
A 1 169 GLY 169 170 ?   ?   ?   A . n 
A 1 170 VAL 170 171 ?   ?   ?   A . n 
A 1 171 ASN 171 172 ?   ?   ?   A . n 
A 1 172 ASN 172 173 ?   ?   ?   A . n 
A 1 173 GLY 173 174 ?   ?   ?   A . n 
A 1 174 ASN 174 175 ?   ?   ?   A . n 
A 1 175 PRO 175 176 ?   ?   ?   A . n 
A 1 176 LEU 176 177 ?   ?   ?   A . n 
A 1 177 ASP 177 178 ?   ?   ?   A . n 
A 1 178 ALA 178 179 ?   ?   ?   A . n 
A 1 179 VAL 179 180 ?   ?   ?   A . n 
A 1 180 GLN 180 181 ?   ?   ?   A . n 
A 1 181 GLN 181 182 ?   ?   ?   A . n 
# 
loop_
_pdbx_nonpoly_scheme.asym_id 
_pdbx_nonpoly_scheme.entity_id 
_pdbx_nonpoly_scheme.mon_id 
_pdbx_nonpoly_scheme.ndb_seq_num 
_pdbx_nonpoly_scheme.pdb_seq_num 
_pdbx_nonpoly_scheme.auth_seq_num 
_pdbx_nonpoly_scheme.pdb_mon_id 
_pdbx_nonpoly_scheme.auth_mon_id 
_pdbx_nonpoly_scheme.pdb_strand_id 
_pdbx_nonpoly_scheme.pdb_ins_code 
B 2 4IR 1  201 201 4IR 4IR A . 
C 3 IR3 1  202 301 IR3 IR3 A . 
D 3 IR3 1  203 302 IR3 IR3 A . 
E 3 IR3 1  204 303 IR3 IR3 A . 
F 3 IR3 1  205 304 IR3 IR3 A . 
G 4 HOH 1  301 36  HOH HOH A . 
G 4 HOH 2  302 50  HOH HOH A . 
G 4 HOH 3  303 32  HOH HOH A . 
G 4 HOH 4  304 49  HOH HOH A . 
G 4 HOH 5  305 8   HOH HOH A . 
G 4 HOH 6  306 46  HOH HOH A . 
G 4 HOH 7  307 13  HOH HOH A . 
G 4 HOH 8  308 34  HOH HOH A . 
G 4 HOH 9  309 51  HOH HOH A . 
G 4 HOH 10 310 4   HOH HOH A . 
G 4 HOH 11 311 10  HOH HOH A . 
G 4 HOH 12 312 14  HOH HOH A . 
G 4 HOH 13 313 11  HOH HOH A . 
G 4 HOH 14 314 1   HOH HOH A . 
G 4 HOH 15 315 40  HOH HOH A . 
G 4 HOH 16 316 5   HOH HOH A . 
G 4 HOH 17 317 12  HOH HOH A . 
G 4 HOH 18 318 16  HOH HOH A . 
G 4 HOH 19 319 42  HOH HOH A . 
G 4 HOH 20 320 21  HOH HOH A . 
G 4 HOH 21 321 3   HOH HOH A . 
G 4 HOH 22 322 19  HOH HOH A . 
G 4 HOH 23 323 17  HOH HOH A . 
G 4 HOH 24 324 6   HOH HOH A . 
G 4 HOH 25 325 48  HOH HOH A . 
G 4 HOH 26 326 18  HOH HOH A . 
G 4 HOH 27 327 2   HOH HOH A . 
G 4 HOH 28 328 30  HOH HOH A . 
G 4 HOH 29 329 38  HOH HOH A . 
G 4 HOH 30 330 7   HOH HOH A . 
G 4 HOH 31 331 47  HOH HOH A . 
G 4 HOH 32 332 45  HOH HOH A . 
G 4 HOH 33 333 39  HOH HOH A . 
G 4 HOH 34 334 9   HOH HOH A . 
# 
loop_
_software.citation_id 
_software.classification 
_software.compiler_name 
_software.compiler_version 
_software.contact_author 
_software.contact_author_email 
_software.date 
_software.description 
_software.dependencies 
_software.hardware 
_software.language 
_software.location 
_software.mods 
_software.name 
_software.os 
_software.os_version 
_software.type 
_software.version 
_software.pdbx_ordinal 
? refinement       ? ? ? ? ? ? ? ? ? ? ? REFMAC  ? ? ? 5.8.0222 1 
? 'data reduction' ? ? ? ? ? ? ? ? ? ? ? XDS     ? ? ? .        2 
? 'data scaling'   ? ? ? ? ? ? ? ? ? ? ? Aimless ? ? ? .        3 
? phasing          ? ? ? ? ? ? ? ? ? ? ? PHASER  ? ? ? .        4 
# 
_cell.angle_alpha                  90.00 
_cell.angle_alpha_esd              ? 
_cell.angle_beta                   90.00 
_cell.angle_beta_esd               ? 
_cell.angle_gamma                  90.00 
_cell.angle_gamma_esd              ? 
_cell.entry_id                     6GMI 
_cell.details                      ? 
_cell.formula_units_Z              ? 
_cell.length_a                     57.507 
_cell.length_a_esd                 ? 
_cell.length_b                     57.507 
_cell.length_b_esd                 ? 
_cell.length_c                     184.130 
_cell.length_c_esd                 ? 
_cell.volume                       ? 
_cell.volume_esd                   ? 
_cell.Z_PDB                        16 
_cell.reciprocal_angle_alpha       ? 
_cell.reciprocal_angle_beta        ? 
_cell.reciprocal_angle_gamma       ? 
_cell.reciprocal_angle_alpha_esd   ? 
_cell.reciprocal_angle_beta_esd    ? 
_cell.reciprocal_angle_gamma_esd   ? 
_cell.reciprocal_length_a          ? 
_cell.reciprocal_length_b          ? 
_cell.reciprocal_length_c          ? 
_cell.reciprocal_length_a_esd      ? 
_cell.reciprocal_length_b_esd      ? 
_cell.reciprocal_length_c_esd      ? 
_cell.pdbx_unique_axis             ? 
# 
_symmetry.entry_id                         6GMI 
_symmetry.cell_setting                     ? 
_symmetry.Int_Tables_number                98 
_symmetry.space_group_name_Hall            ? 
_symmetry.space_group_name_H-M             'I 41 2 2' 
_symmetry.pdbx_full_space_group_name_H-M   ? 
# 
_exptl.absorpt_coefficient_mu     ? 
_exptl.absorpt_correction_T_max   ? 
_exptl.absorpt_correction_T_min   ? 
_exptl.absorpt_correction_type    ? 
_exptl.absorpt_process_details    ? 
_exptl.entry_id                   6GMI 
_exptl.crystals_number            1 
_exptl.details                    ? 
_exptl.method                     'X-RAY DIFFRACTION' 
_exptl.method_details             ? 
# 
_exptl_crystal.colour                      ? 
_exptl_crystal.density_diffrn              ? 
_exptl_crystal.density_Matthews            2.04 
_exptl_crystal.density_method              ? 
_exptl_crystal.density_percent_sol         39.81 
_exptl_crystal.description                 ? 
_exptl_crystal.F_000                       ? 
_exptl_crystal.id                          1 
_exptl_crystal.preparation                 ? 
_exptl_crystal.size_max                    ? 
_exptl_crystal.size_mid                    ? 
_exptl_crystal.size_min                    ? 
_exptl_crystal.size_rad                    ? 
_exptl_crystal.colour_lustre               ? 
_exptl_crystal.colour_modifier             ? 
_exptl_crystal.colour_primary              ? 
_exptl_crystal.density_meas                ? 
_exptl_crystal.density_meas_esd            ? 
_exptl_crystal.density_meas_gt             ? 
_exptl_crystal.density_meas_lt             ? 
_exptl_crystal.density_meas_temp           ? 
_exptl_crystal.density_meas_temp_esd       ? 
_exptl_crystal.density_meas_temp_gt        ? 
_exptl_crystal.density_meas_temp_lt        ? 
_exptl_crystal.pdbx_crystal_image_url      ? 
_exptl_crystal.pdbx_crystal_image_format   ? 
_exptl_crystal.pdbx_mosaicity              ? 
_exptl_crystal.pdbx_mosaicity_esd          ? 
# 
_exptl_crystal_grow.apparatus       ? 
_exptl_crystal_grow.atmosphere      ? 
_exptl_crystal_grow.crystal_id      1 
_exptl_crystal_grow.details         ? 
_exptl_crystal_grow.method          'VAPOR DIFFUSION, SITTING DROP' 
_exptl_crystal_grow.method_ref      ? 
_exptl_crystal_grow.pH              9 
_exptl_crystal_grow.pressure        ? 
_exptl_crystal_grow.pressure_esd    ? 
_exptl_crystal_grow.seeding         ? 
_exptl_crystal_grow.seeding_ref     ? 
_exptl_crystal_grow.temp            293 
_exptl_crystal_grow.temp_details    ? 
_exptl_crystal_grow.temp_esd        ? 
_exptl_crystal_grow.time            ? 
_exptl_crystal_grow.pdbx_details    
;0.1 M SPG 9 pH (Buffer) 
25 %w/v PEG 1500 (Precipitant)
;
_exptl_crystal_grow.pdbx_pH_range   ? 
# 
_diffrn.ambient_environment    ? 
_diffrn.ambient_temp           100 
_diffrn.ambient_temp_details   ? 
_diffrn.ambient_temp_esd       ? 
_diffrn.crystal_id             1 
_diffrn.crystal_support        ? 
_diffrn.crystal_treatment      ? 
_diffrn.details                ? 
_diffrn.id                     1 
_diffrn.ambient_pressure       ? 
_diffrn.ambient_pressure_esd   ? 
_diffrn.ambient_pressure_gt    ? 
_diffrn.ambient_pressure_lt    ? 
_diffrn.ambient_temp_gt        ? 
_diffrn.ambient_temp_lt        ? 
# 
_diffrn_detector.details                      ? 
_diffrn_detector.detector                     PIXEL 
_diffrn_detector.diffrn_id                    1 
_diffrn_detector.type                         'DECTRIS EIGER X 16M' 
_diffrn_detector.area_resol_mean              ? 
_diffrn_detector.dtime                        ? 
_diffrn_detector.pdbx_frames_total            ? 
_diffrn_detector.pdbx_collection_time_total   ? 
_diffrn_detector.pdbx_collection_date         2018-05-18 
# 
_diffrn_radiation.collimation                      ? 
_diffrn_radiation.diffrn_id                        1 
_diffrn_radiation.filter_edge                      ? 
_diffrn_radiation.inhomogeneity                    ? 
_diffrn_radiation.monochromator                    ? 
_diffrn_radiation.polarisn_norm                    ? 
_diffrn_radiation.polarisn_ratio                   ? 
_diffrn_radiation.probe                            ? 
_diffrn_radiation.type                             ? 
_diffrn_radiation.xray_symbol                      ? 
_diffrn_radiation.wavelength_id                    1 
_diffrn_radiation.pdbx_monochromatic_or_laue_m_l   M 
_diffrn_radiation.pdbx_wavelength_list             ? 
_diffrn_radiation.pdbx_wavelength                  ? 
_diffrn_radiation.pdbx_diffrn_protocol             'SINGLE WAVELENGTH' 
_diffrn_radiation.pdbx_analyzer                    ? 
_diffrn_radiation.pdbx_scattering_type             x-ray 
# 
_diffrn_radiation_wavelength.id           1 
_diffrn_radiation_wavelength.wavelength   1.000 
_diffrn_radiation_wavelength.wt           1.0 
# 
_diffrn_source.current                     ? 
_diffrn_source.details                     ? 
_diffrn_source.diffrn_id                   1 
_diffrn_source.power                       ? 
_diffrn_source.size                        ? 
_diffrn_source.source                      SYNCHROTRON 
_diffrn_source.target                      ? 
_diffrn_source.type                        'SLS BEAMLINE X06DA' 
_diffrn_source.voltage                     ? 
_diffrn_source.take-off_angle              ? 
_diffrn_source.pdbx_wavelength_list        1.000 
_diffrn_source.pdbx_wavelength             ? 
_diffrn_source.pdbx_synchrotron_beamline   X06DA 
_diffrn_source.pdbx_synchrotron_site       SLS 
# 
_reflns.B_iso_Wilson_estimate            ? 
_reflns.entry_id                         6GMI 
_reflns.data_reduction_details           ? 
_reflns.data_reduction_method            ? 
_reflns.d_resolution_high                1.6 
_reflns.d_resolution_low                 46.07 
_reflns.details                          ? 
_reflns.limit_h_max                      ? 
_reflns.limit_h_min                      ? 
_reflns.limit_k_max                      ? 
_reflns.limit_k_min                      ? 
_reflns.limit_l_max                      ? 
_reflns.limit_l_min                      ? 
_reflns.number_all                       ? 
_reflns.number_obs                       20991 
_reflns.observed_criterion               ? 
_reflns.observed_criterion_F_max         ? 
_reflns.observed_criterion_F_min         ? 
_reflns.observed_criterion_I_max         ? 
_reflns.observed_criterion_I_min         ? 
_reflns.observed_criterion_sigma_F       ? 
_reflns.observed_criterion_sigma_I       ? 
_reflns.percent_possible_obs             100 
_reflns.R_free_details                   ? 
_reflns.Rmerge_F_all                     ? 
_reflns.Rmerge_F_obs                     ? 
_reflns.Friedel_coverage                 ? 
_reflns.number_gt                        ? 
_reflns.threshold_expression             ? 
_reflns.pdbx_redundancy                  25.4 
_reflns.pdbx_Rmerge_I_obs                0.117 
_reflns.pdbx_Rmerge_I_all                ? 
_reflns.pdbx_Rsym_value                  ? 
_reflns.pdbx_netI_over_av_sigmaI         ? 
_reflns.pdbx_netI_over_sigmaI            15.6 
_reflns.pdbx_res_netI_over_av_sigmaI_2   ? 
_reflns.pdbx_res_netI_over_sigmaI_2      ? 
_reflns.pdbx_chi_squared                 ? 
_reflns.pdbx_scaling_rejects             ? 
_reflns.pdbx_d_res_high_opt              ? 
_reflns.pdbx_d_res_low_opt               ? 
_reflns.pdbx_d_res_opt_method            ? 
_reflns.phase_calculation_details        ? 
_reflns.pdbx_Rrim_I_all                  ? 
_reflns.pdbx_Rpim_I_all                  ? 
_reflns.pdbx_d_opt                       ? 
_reflns.pdbx_number_measured_all         ? 
_reflns.pdbx_diffrn_id                   1 
_reflns.pdbx_ordinal                     1 
_reflns.pdbx_CC_half                     ? 
_reflns.pdbx_R_split                     ? 
# 
_reflns_shell.d_res_high                  1.60 
_reflns_shell.d_res_low                   1.63 
_reflns_shell.meanI_over_sigI_all         ? 
_reflns_shell.meanI_over_sigI_obs         ? 
_reflns_shell.number_measured_all         ? 
_reflns_shell.number_measured_obs         ? 
_reflns_shell.number_possible             ? 
_reflns_shell.number_unique_all           ? 
_reflns_shell.number_unique_obs           ? 
_reflns_shell.percent_possible_all        ? 
_reflns_shell.percent_possible_obs        ? 
_reflns_shell.Rmerge_F_all                ? 
_reflns_shell.Rmerge_F_obs                ? 
_reflns_shell.Rmerge_I_all                ? 
_reflns_shell.Rmerge_I_obs                4.33 
_reflns_shell.meanI_over_sigI_gt          ? 
_reflns_shell.meanI_over_uI_all           ? 
_reflns_shell.meanI_over_uI_gt            ? 
_reflns_shell.number_measured_gt          ? 
_reflns_shell.number_unique_gt            ? 
_reflns_shell.percent_possible_gt         ? 
_reflns_shell.Rmerge_F_gt                 ? 
_reflns_shell.Rmerge_I_gt                 ? 
_reflns_shell.pdbx_redundancy             ? 
_reflns_shell.pdbx_Rsym_value             ? 
_reflns_shell.pdbx_chi_squared            ? 
_reflns_shell.pdbx_netI_over_sigmaI_all   ? 
_reflns_shell.pdbx_netI_over_sigmaI_obs   ? 
_reflns_shell.pdbx_Rrim_I_all             ? 
_reflns_shell.pdbx_Rpim_I_all             ? 
_reflns_shell.pdbx_rejects                ? 
_reflns_shell.pdbx_ordinal                1 
_reflns_shell.pdbx_diffrn_id              1 
_reflns_shell.pdbx_CC_half                ? 
_reflns_shell.pdbx_R_split                ? 
# 
_refine.aniso_B[1][1]                            -0.37 
_refine.aniso_B[1][2]                            0.00 
_refine.aniso_B[1][3]                            0.00 
_refine.aniso_B[2][2]                            -0.37 
_refine.aniso_B[2][3]                            0.00 
_refine.aniso_B[3][3]                            0.75 
_refine.B_iso_max                                ? 
_refine.B_iso_mean                               30.467 
_refine.B_iso_min                                ? 
_refine.correlation_coeff_Fo_to_Fc               0.968 
_refine.correlation_coeff_Fo_to_Fc_free          0.970 
_refine.details                                  'HYDROGENS HAVE BEEN ADDED IN THE RIDING POSITIONS' 
_refine.diff_density_max                         ? 
_refine.diff_density_max_esd                     ? 
_refine.diff_density_min                         ? 
_refine.diff_density_min_esd                     ? 
_refine.diff_density_rms                         ? 
_refine.diff_density_rms_esd                     ? 
_refine.entry_id                                 6GMI 
_refine.pdbx_refine_id                           'X-RAY DIFFRACTION' 
_refine.ls_abs_structure_details                 ? 
_refine.ls_abs_structure_Flack                   ? 
_refine.ls_abs_structure_Flack_esd               ? 
_refine.ls_abs_structure_Rogers                  ? 
_refine.ls_abs_structure_Rogers_esd              ? 
_refine.ls_d_res_high                            1.60 
_refine.ls_d_res_low                             46.07 
_refine.ls_extinction_coef                       ? 
_refine.ls_extinction_coef_esd                   ? 
_refine.ls_extinction_expression                 ? 
_refine.ls_extinction_method                     ? 
_refine.ls_goodness_of_fit_all                   ? 
_refine.ls_goodness_of_fit_all_esd               ? 
_refine.ls_goodness_of_fit_obs                   ? 
_refine.ls_goodness_of_fit_obs_esd               ? 
_refine.ls_hydrogen_treatment                    ? 
_refine.ls_matrix_type                           ? 
_refine.ls_number_constraints                    ? 
_refine.ls_number_parameters                     ? 
_refine.ls_number_reflns_all                     ? 
_refine.ls_number_reflns_obs                     19899 
_refine.ls_number_reflns_R_free                  1065 
_refine.ls_number_reflns_R_work                  ? 
_refine.ls_number_restraints                     ? 
_refine.ls_percent_reflns_obs                    99.98 
_refine.ls_percent_reflns_R_free                 5.1 
_refine.ls_R_factor_all                          ? 
_refine.ls_R_factor_obs                          0.18728 
_refine.ls_R_factor_R_free                       0.19940 
_refine.ls_R_factor_R_free_error                 ? 
_refine.ls_R_factor_R_free_error_details         ? 
_refine.ls_R_factor_R_work                       0.18661 
_refine.ls_R_Fsqd_factor_obs                     ? 
_refine.ls_R_I_factor_obs                        ? 
_refine.ls_redundancy_reflns_all                 ? 
_refine.ls_redundancy_reflns_obs                 ? 
_refine.ls_restrained_S_all                      ? 
_refine.ls_restrained_S_obs                      ? 
_refine.ls_shift_over_esd_max                    ? 
_refine.ls_shift_over_esd_mean                   ? 
_refine.ls_structure_factor_coef                 ? 
_refine.ls_weighting_details                     ? 
_refine.ls_weighting_scheme                      ? 
_refine.ls_wR_factor_all                         ? 
_refine.ls_wR_factor_obs                         ? 
_refine.ls_wR_factor_R_free                      ? 
_refine.ls_wR_factor_R_work                      ? 
_refine.occupancy_max                            ? 
_refine.occupancy_min                            ? 
_refine.solvent_model_details                    ? 
_refine.solvent_model_param_bsol                 ? 
_refine.solvent_model_param_ksol                 ? 
_refine.ls_R_factor_gt                           ? 
_refine.ls_goodness_of_fit_gt                    ? 
_refine.ls_goodness_of_fit_ref                   ? 
_refine.ls_shift_over_su_max                     ? 
_refine.ls_shift_over_su_max_lt                  ? 
_refine.ls_shift_over_su_mean                    ? 
_refine.ls_shift_over_su_mean_lt                 ? 
_refine.pdbx_ls_sigma_I                          ? 
_refine.pdbx_ls_sigma_F                          ? 
_refine.pdbx_ls_sigma_Fsqd                       ? 
_refine.pdbx_data_cutoff_high_absF               ? 
_refine.pdbx_data_cutoff_high_rms_absF           ? 
_refine.pdbx_data_cutoff_low_absF                ? 
_refine.pdbx_isotropic_thermal_model             ? 
_refine.pdbx_ls_cross_valid_method               THROUGHOUT 
_refine.pdbx_method_to_determine_struct          'MOLECULAR REPLACEMENT' 
_refine.pdbx_starting_model                      2qcb 
_refine.pdbx_stereochemistry_target_values       ? 
_refine.pdbx_R_Free_selection_details            RANDOM 
_refine.pdbx_stereochem_target_val_spec_case     ? 
_refine.pdbx_overall_ESU_R                       0.076 
_refine.pdbx_overall_ESU_R_Free                  0.073 
_refine.pdbx_solvent_vdw_probe_radii             1.20 
_refine.pdbx_solvent_ion_probe_radii             0.80 
_refine.pdbx_solvent_shrinkage_radii             0.80 
_refine.pdbx_real_space_R                        ? 
_refine.pdbx_density_correlation                 ? 
_refine.pdbx_pd_number_of_powder_patterns        ? 
_refine.pdbx_pd_number_of_points                 ? 
_refine.pdbx_pd_meas_number_of_points            ? 
_refine.pdbx_pd_proc_ls_prof_R_factor            ? 
_refine.pdbx_pd_proc_ls_prof_wR_factor           ? 
_refine.pdbx_pd_Marquardt_correlation_coeff      ? 
_refine.pdbx_pd_Fsqrd_R_factor                   ? 
_refine.pdbx_pd_ls_matrix_band_width             ? 
_refine.pdbx_overall_phase_error                 ? 
_refine.pdbx_overall_SU_R_free_Cruickshank_DPI   ? 
_refine.pdbx_overall_SU_R_free_Blow_DPI          ? 
_refine.pdbx_overall_SU_R_Blow_DPI               ? 
_refine.pdbx_TLS_residual_ADP_flag               ? 
_refine.pdbx_diffrn_id                           1 
_refine.overall_SU_B                             1.700 
_refine.overall_SU_ML                            0.057 
_refine.overall_SU_R_Cruickshank_DPI             ? 
_refine.overall_SU_R_free                        ? 
_refine.overall_FOM_free_R_set                   ? 
_refine.overall_FOM_work_R_set                   ? 
_refine.pdbx_average_fsc_overall                 ? 
_refine.pdbx_average_fsc_work                    ? 
_refine.pdbx_average_fsc_free                    ? 
# 
_refine_hist.pdbx_refine_id                   'X-RAY DIFFRACTION' 
_refine_hist.cycle_id                         1 
_refine_hist.pdbx_number_atoms_protein        896 
_refine_hist.pdbx_number_atoms_nucleic_acid   0 
_refine_hist.pdbx_number_atoms_ligand         45 
_refine_hist.number_atoms_solvent             34 
_refine_hist.number_atoms_total               975 
_refine_hist.d_res_high                       1.60 
_refine_hist.d_res_low                        46.07 
# 
loop_
_refine_ls_restr.pdbx_refine_id 
_refine_ls_restr.criterion 
_refine_ls_restr.dev_ideal 
_refine_ls_restr.dev_ideal_target 
_refine_ls_restr.number 
_refine_ls_restr.rejects 
_refine_ls_restr.type 
_refine_ls_restr.weight 
_refine_ls_restr.pdbx_restraint_function 
'X-RAY DIFFRACTION' ? 0.015  0.014  988  ? r_bond_refined_d             ? ? 
'X-RAY DIFFRACTION' ? 0.001  0.018  790  ? r_bond_other_d               ? ? 
'X-RAY DIFFRACTION' ? 2.523  1.753  1395 ? r_angle_refined_deg          ? ? 
'X-RAY DIFFRACTION' ? 1.040  1.648  1833 ? r_angle_other_deg            ? ? 
'X-RAY DIFFRACTION' ? 7.145  5.000  124  ? r_dihedral_angle_1_deg       ? ? 
'X-RAY DIFFRACTION' ? 27.836 22.558 43   ? r_dihedral_angle_2_deg       ? ? 
'X-RAY DIFFRACTION' ? 12.887 15.000 125  ? r_dihedral_angle_3_deg       ? ? 
'X-RAY DIFFRACTION' ? 20.461 15.000 4    ? r_dihedral_angle_4_deg       ? ? 
'X-RAY DIFFRACTION' ? 0.085  0.200  131  ? r_chiral_restr               ? ? 
'X-RAY DIFFRACTION' ? 0.010  0.020  1126 ? r_gen_planes_refined         ? ? 
'X-RAY DIFFRACTION' ? 0.002  0.020  200  ? r_gen_planes_other           ? ? 
'X-RAY DIFFRACTION' ? ?      ?      ?    ? r_nbd_refined                ? ? 
'X-RAY DIFFRACTION' ? ?      ?      ?    ? r_nbd_other                  ? ? 
'X-RAY DIFFRACTION' ? ?      ?      ?    ? r_nbtor_refined              ? ? 
'X-RAY DIFFRACTION' ? ?      ?      ?    ? r_nbtor_other                ? ? 
'X-RAY DIFFRACTION' ? ?      ?      ?    ? r_xyhbond_nbd_refined        ? ? 
'X-RAY DIFFRACTION' ? ?      ?      ?    ? r_xyhbond_nbd_other          ? ? 
'X-RAY DIFFRACTION' ? ?      ?      ?    ? r_metal_ion_refined          ? ? 
'X-RAY DIFFRACTION' ? ?      ?      ?    ? r_metal_ion_other            ? ? 
'X-RAY DIFFRACTION' ? ?      ?      ?    ? r_symmetry_vdw_refined       ? ? 
'X-RAY DIFFRACTION' ? ?      ?      ?    ? r_symmetry_vdw_other         ? ? 
'X-RAY DIFFRACTION' ? ?      ?      ?    ? r_symmetry_hbond_refined     ? ? 
'X-RAY DIFFRACTION' ? ?      ?      ?    ? r_symmetry_hbond_other       ? ? 
'X-RAY DIFFRACTION' ? ?      ?      ?    ? r_symmetry_metal_ion_refined ? ? 
'X-RAY DIFFRACTION' ? ?      ?      ?    ? r_symmetry_metal_ion_other   ? ? 
'X-RAY DIFFRACTION' ? 3.012  2.968  490  ? r_mcbond_it                  ? ? 
'X-RAY DIFFRACTION' ? 2.926  2.962  489  ? r_mcbond_other               ? ? 
'X-RAY DIFFRACTION' ? 4.062  4.415  613  ? r_mcangle_it                 ? ? 
'X-RAY DIFFRACTION' ? 4.059  4.421  614  ? r_mcangle_other              ? ? 
'X-RAY DIFFRACTION' ? 3.574  3.239  498  ? r_scbond_it                  ? ? 
'X-RAY DIFFRACTION' ? 3.533  3.202  450  ? r_scbond_other               ? ? 
'X-RAY DIFFRACTION' ? ?      ?      ?    ? r_scangle_it                 ? ? 
'X-RAY DIFFRACTION' ? 5.260  4.654  678  ? r_scangle_other              ? ? 
'X-RAY DIFFRACTION' ? 8.227  34.607 1082 ? r_long_range_B_refined       ? ? 
'X-RAY DIFFRACTION' ? 8.227  34.349 1034 ? r_long_range_B_other         ? ? 
'X-RAY DIFFRACTION' ? ?      ?      ?    ? r_rigid_bond_restr           ? ? 
'X-RAY DIFFRACTION' ? ?      ?      ?    ? r_sphericity_free            ? ? 
'X-RAY DIFFRACTION' ? ?      ?      ?    ? r_sphericity_bonded          ? ? 
# 
_refine_ls_shell.pdbx_refine_id                   'X-RAY DIFFRACTION' 
_refine_ls_shell.d_res_high                       1.600 
_refine_ls_shell.d_res_low                        1.642 
_refine_ls_shell.number_reflns_all                ? 
_refine_ls_shell.number_reflns_obs                ? 
_refine_ls_shell.number_reflns_R_free             82 
_refine_ls_shell.number_reflns_R_work             1425 
_refine_ls_shell.percent_reflns_obs               100.00 
_refine_ls_shell.percent_reflns_R_free            ? 
_refine_ls_shell.R_factor_all                     ? 
_refine_ls_shell.R_factor_obs                     ? 
_refine_ls_shell.R_factor_R_free                  0.314 
_refine_ls_shell.R_factor_R_free_error            ? 
_refine_ls_shell.R_factor_R_work                  0.292 
_refine_ls_shell.redundancy_reflns_all            ? 
_refine_ls_shell.redundancy_reflns_obs            ? 
_refine_ls_shell.wR_factor_all                    ? 
_refine_ls_shell.wR_factor_obs                    ? 
_refine_ls_shell.wR_factor_R_free                 ? 
_refine_ls_shell.wR_factor_R_work                 ? 
_refine_ls_shell.pdbx_total_number_of_bins_used   20 
_refine_ls_shell.pdbx_phase_error                 ? 
_refine_ls_shell.pdbx_fsc_work                    ? 
_refine_ls_shell.pdbx_fsc_free                    ? 
# 
_struct.entry_id                     6GMI 
_struct.title                        
;Genetic Engineering of an Artificial Metalloenzyme for Transfer Hydrogenation of a Self-Immolative Substrate in E. coli's Periplasm.
;
_struct.pdbx_model_details           ? 
_struct.pdbx_formula_weight          ? 
_struct.pdbx_formula_weight_method   ? 
_struct.pdbx_model_type_details      ? 
_struct.pdbx_CASP_flag               N 
# 
_struct_keywords.entry_id        6GMI 
_struct_keywords.text            'Biotin-Binding Protein, Artificial Transfer Hydrogenase, Beta Barrel, Streptavidin' 
_struct_keywords.pdbx_keywords   'biotin-binding protein' 
# 
loop_
_struct_asym.id 
_struct_asym.pdbx_blank_PDB_chainid_flag 
_struct_asym.pdbx_modified 
_struct_asym.entity_id 
_struct_asym.details 
A N N 1 ? 
B N N 2 ? 
C N N 3 ? 
D N N 3 ? 
E N N 3 ? 
F N N 3 ? 
G N N 4 ? 
# 
_struct_ref.id                         1 
_struct_ref.db_name                    UNP 
_struct_ref.db_code                    SAV_STRAV 
_struct_ref.pdbx_db_accession          P22629 
_struct_ref.pdbx_db_isoform            ? 
_struct_ref.entity_id                  1 
_struct_ref.pdbx_seq_one_letter_code   
;AGITGTWYNQLGSTFIVTAGADGALTGTYESAVGNAESRYVLTGRYDSAPATDGSGTALGWTVAWKNNYRNAHSATTWSG
QYVGGAEARINTQWLLTSGTTEANAWKSTLVGHDTFTKVKPSAASIDAAKKAGVNNGNPLDAVQQ
;
_struct_ref.pdbx_align_begin           39 
# 
_struct_ref_seq.align_id                      1 
_struct_ref_seq.ref_id                        1 
_struct_ref_seq.pdbx_PDB_id_code              6GMI 
_struct_ref_seq.pdbx_strand_id                A 
_struct_ref_seq.seq_align_beg                 14 
_struct_ref_seq.pdbx_seq_align_beg_ins_code   ? 
_struct_ref_seq.seq_align_end                 181 
_struct_ref_seq.pdbx_seq_align_end_ins_code   ? 
_struct_ref_seq.pdbx_db_accession             P22629 
_struct_ref_seq.db_align_beg                  39 
_struct_ref_seq.pdbx_db_align_beg_ins_code    ? 
_struct_ref_seq.db_align_end                  183 
_struct_ref_seq.pdbx_db_align_end_ins_code    ? 
_struct_ref_seq.pdbx_auth_seq_align_beg       15 
_struct_ref_seq.pdbx_auth_seq_align_end       182 
# 
loop_
_struct_ref_seq_dif.align_id 
_struct_ref_seq_dif.pdbx_pdb_id_code 
_struct_ref_seq_dif.mon_id 
_struct_ref_seq_dif.pdbx_pdb_strand_id 
_struct_ref_seq_dif.seq_num 
_struct_ref_seq_dif.pdbx_pdb_ins_code 
_struct_ref_seq_dif.pdbx_seq_db_name 
_struct_ref_seq_dif.pdbx_seq_db_accession_code 
_struct_ref_seq_dif.db_mon_id 
_struct_ref_seq_dif.pdbx_seq_db_seq_num 
_struct_ref_seq_dif.details 
_struct_ref_seq_dif.pdbx_auth_seq_num 
_struct_ref_seq_dif.pdbx_ordinal 
1 6GMI ALA A 1   ? UNP P22629 ?   ?   'expression tag'      2   1  
1 6GMI SER A 2   ? UNP P22629 ?   ?   'expression tag'      3   2  
1 6GMI MET A 3   ? UNP P22629 ?   ?   'expression tag'      4   3  
1 6GMI THR A 4   ? UNP P22629 ?   ?   'expression tag'      5   4  
1 6GMI GLY A 5   ? UNP P22629 ?   ?   'expression tag'      6   5  
1 6GMI GLY A 6   ? UNP P22629 ?   ?   'expression tag'      7   6  
1 6GMI GLN A 7   ? UNP P22629 ?   ?   'expression tag'      8   7  
1 6GMI GLN A 8   ? UNP P22629 ?   ?   'expression tag'      9   8  
1 6GMI MET A 9   ? UNP P22629 ?   ?   'expression tag'      10  9  
1 6GMI GLY A 10  ? UNP P22629 ?   ?   'expression tag'      11  10 
1 6GMI ARG A 11  ? UNP P22629 ?   ?   'expression tag'      12  11 
1 6GMI ASP A 12  ? UNP P22629 ?   ?   'expression tag'      13  12 
1 6GMI GLN A 13  ? UNP P22629 ?   ?   'expression tag'      14  13 
1 6GMI VAL A 111 ? UNP P22629 SER 136 'engineered mutation' 112 14 
1 6GMI SER A 115 ? UNP P22629 ?   ?   insertion             116 15 
1 6GMI PRO A 116 ? UNP P22629 ?   ?   insertion             117 16 
1 6GMI LEU A 117 ? UNP P22629 ?   ?   insertion             118 17 
1 6GMI SER A 118 ? UNP P22629 ?   ?   insertion             119 18 
1 6GMI GLU A 119 ? UNP P22629 ?   ?   insertion             120 19 
1 6GMI ALA A 120 ? UNP P22629 ?   ?   insertion             121 20 
1 6GMI LEU A 121 ? UNP P22629 ?   ?   insertion             122 21 
1 6GMI THR A 122 ? UNP P22629 ?   ?   insertion             123 22 
1 6GMI LYS A 123 ? UNP P22629 ?   ?   insertion             124 23 
1 6GMI ALA A 124 ? UNP P22629 ?   ?   insertion             125 24 
1 6GMI ASN A 125 ? UNP P22629 ?   ?   insertion             126 25 
1 6GMI SER A 126 ? UNP P22629 ?   ?   insertion             127 26 
1 6GMI PRO A 127 ? UNP P22629 ?   ?   insertion             128 27 
1 6GMI ALA A 128 ? UNP P22629 ?   ?   insertion             129 28 
1 6GMI ALA A 130 ? UNP P22629 ?   ?   insertion             131 29 
1 6GMI TYR A 131 ? UNP P22629 ?   ?   insertion             132 30 
1 6GMI LYS A 132 ? UNP P22629 ?   ?   insertion             133 31 
1 6GMI ALA A 133 ? UNP P22629 ?   ?   insertion             134 32 
1 6GMI SER A 134 ? UNP P22629 ?   ?   insertion             135 33 
1 6GMI ARG A 135 ? UNP P22629 ?   ?   insertion             136 34 
1 6GMI GLY A 136 ? UNP P22629 ?   ?   insertion             137 35 
1 6GMI ALA A 137 ? UNP P22629 ?   ?   insertion             138 36 
1 6GMI GLY A 138 ? UNP P22629 ?   ?   insertion             139 37 
1 6GMI ALA A 143 ? UNP P22629 LYS 145 'engineered mutation' 144 38 
# 
_pdbx_struct_assembly.id                   1 
_pdbx_struct_assembly.details              author_and_software_defined_assembly 
_pdbx_struct_assembly.method_details       PISA 
_pdbx_struct_assembly.oligomeric_details   tetrameric 
_pdbx_struct_assembly.oligomeric_count     4 
# 
loop_
_pdbx_struct_assembly_prop.biol_id 
_pdbx_struct_assembly_prop.type 
_pdbx_struct_assembly_prop.value 
_pdbx_struct_assembly_prop.details 
1 'ABSA (A^2)' 11680 ? 
1 MORE         -161  ? 
1 'SSA (A^2)'  17630 ? 
# 
_pdbx_struct_assembly_gen.assembly_id       1 
_pdbx_struct_assembly_gen.oper_expression   1,2,3,4 
_pdbx_struct_assembly_gen.asym_id_list      A,B,C,D,E,F,G 
# 
_pdbx_struct_assembly_auth_evidence.id                     1 
_pdbx_struct_assembly_auth_evidence.assembly_id            1 
_pdbx_struct_assembly_auth_evidence.experimental_support   'native gel electrophoresis' 
_pdbx_struct_assembly_auth_evidence.details                ? 
# 
loop_
_pdbx_struct_oper_list.id 
_pdbx_struct_oper_list.type 
_pdbx_struct_oper_list.name 
_pdbx_struct_oper_list.symmetry_operation 
_pdbx_struct_oper_list.matrix[1][1] 
_pdbx_struct_oper_list.matrix[1][2] 
_pdbx_struct_oper_list.matrix[1][3] 
_pdbx_struct_oper_list.vector[1] 
_pdbx_struct_oper_list.matrix[2][1] 
_pdbx_struct_oper_list.matrix[2][2] 
_pdbx_struct_oper_list.matrix[2][3] 
_pdbx_struct_oper_list.vector[2] 
_pdbx_struct_oper_list.matrix[3][1] 
_pdbx_struct_oper_list.matrix[3][2] 
_pdbx_struct_oper_list.matrix[3][3] 
_pdbx_struct_oper_list.vector[3] 
1 'identity operation'         1_555  x,y,z        1.0000000000  0.0000000000  0.0000000000  0.0000000000   0.0000000000  1.0000000000  0.0000000000  0.0000000000   0.0000000000  0.0000000000  1.0000000000  0.0000000000  
2 'crystal symmetry operation' 8_665  -y+1,-x+1,-z 0.1775992197  -0.3547169592 -0.9179511948 -3.9473007380  -0.3547169592 -0.8931520002 0.2765056660  -27.4819104091 -0.9179511948 0.2765056660  -0.2844472194 5.5558089071  
3 'crystal symmetry operation' 10_665 -x+1,-y+1,z  -0.2732835789 -0.0701329164 0.9593734724  -18.2855342682 -0.0701329164 -0.9932317121 -0.0925858527 -23.6121771114 0.9593734724  -0.0925858527 0.2665152910  12.1250039881 
4 'crystal symmetry operation' 15_555 y,x,-z       -0.9043156408 0.4248498756  -0.0414222776 -9.9493195881  0.4248498756  0.8863837123  -0.1839198133 3.4461742237   -0.0414222776 -0.1839198133 -0.9820680716 12.3632125084 
# 
loop_
_struct_conf.conf_type_id 
_struct_conf.id 
_struct_conf.pdbx_PDB_helix_id 
_struct_conf.beg_label_comp_id 
_struct_conf.beg_label_asym_id 
_struct_conf.beg_label_seq_id 
_struct_conf.pdbx_beg_PDB_ins_code 
_struct_conf.end_label_comp_id 
_struct_conf.end_label_asym_id 
_struct_conf.end_label_seq_id 
_struct_conf.pdbx_end_PDB_ins_code 
_struct_conf.beg_auth_comp_id 
_struct_conf.beg_auth_asym_id 
_struct_conf.beg_auth_seq_id 
_struct_conf.end_auth_comp_id 
_struct_conf.end_auth_asym_id 
_struct_conf.end_auth_seq_id 
_struct_conf.pdbx_PDB_helix_class 
_struct_conf.details 
_struct_conf.pdbx_PDB_helix_length 
HELX_P HELX_P1 AA1 ASP A 12  ? THR A 17  ? ASP A 13  THR A 18  1 ? 6 
HELX_P HELX_P2 AA2 ASN A 140 ? ALA A 143 ? ASN A 141 ALA A 144 5 ? 4 
# 
_struct_conf_type.id          HELX_P 
_struct_conf_type.criteria    ? 
_struct_conf_type.reference   ? 
# 
_struct_conn.id                            metalc1 
_struct_conn.conn_type_id                  metalc 
_struct_conn.pdbx_leaving_atom_flag        ? 
_struct_conn.pdbx_PDB_id                   ? 
_struct_conn.ptnr1_label_asym_id           A 
_struct_conn.ptnr1_label_comp_id           HIS 
_struct_conn.ptnr1_label_seq_id            86 
_struct_conn.ptnr1_label_atom_id           NE2 
_struct_conn.pdbx_ptnr1_label_alt_id       ? 
_struct_conn.pdbx_ptnr1_PDB_ins_code       ? 
_struct_conn.pdbx_ptnr1_standard_comp_id   ? 
_struct_conn.ptnr1_symmetry                1_555 
_struct_conn.ptnr2_label_asym_id           C 
_struct_conn.ptnr2_label_comp_id           IR3 
_struct_conn.ptnr2_label_seq_id            . 
_struct_conn.ptnr2_label_atom_id           IR 
_struct_conn.pdbx_ptnr2_label_alt_id       ? 
_struct_conn.pdbx_ptnr2_PDB_ins_code       ? 
_struct_conn.ptnr1_auth_asym_id            A 
_struct_conn.ptnr1_auth_comp_id            HIS 
_struct_conn.ptnr1_auth_seq_id             87 
_struct_conn.ptnr2_auth_asym_id            A 
_struct_conn.ptnr2_auth_comp_id            IR3 
_struct_conn.ptnr2_auth_seq_id             202 
_struct_conn.ptnr2_symmetry                1_555 
_struct_conn.pdbx_ptnr3_label_atom_id      ? 
_struct_conn.pdbx_ptnr3_label_seq_id       ? 
_struct_conn.pdbx_ptnr3_label_comp_id      ? 
_struct_conn.pdbx_ptnr3_label_asym_id      ? 
_struct_conn.pdbx_ptnr3_label_alt_id       ? 
_struct_conn.pdbx_ptnr3_PDB_ins_code       ? 
_struct_conn.details                       ? 
_struct_conn.pdbx_dist_value               2.229 
_struct_conn.pdbx_value_order              ? 
_struct_conn.pdbx_role                     ? 
# 
_struct_conn_type.id          metalc 
_struct_conn_type.criteria    ? 
_struct_conn_type.reference   ? 
# 
_struct_sheet.id               AA1 
_struct_sheet.type             ? 
_struct_sheet.number_strands   9 
_struct_sheet.details          ? 
# 
loop_
_struct_sheet_order.sheet_id 
_struct_sheet_order.range_id_1 
_struct_sheet_order.range_id_2 
_struct_sheet_order.offset 
_struct_sheet_order.sense 
AA1 1 2 ? anti-parallel 
AA1 2 3 ? anti-parallel 
AA1 3 4 ? anti-parallel 
AA1 4 5 ? anti-parallel 
AA1 5 6 ? anti-parallel 
AA1 6 7 ? anti-parallel 
AA1 7 8 ? anti-parallel 
AA1 8 9 ? anti-parallel 
# 
loop_
_struct_sheet_range.sheet_id 
_struct_sheet_range.id 
_struct_sheet_range.beg_label_comp_id 
_struct_sheet_range.beg_label_asym_id 
_struct_sheet_range.beg_label_seq_id 
_struct_sheet_range.pdbx_beg_PDB_ins_code 
_struct_sheet_range.end_label_comp_id 
_struct_sheet_range.end_label_asym_id 
_struct_sheet_range.end_label_seq_id 
_struct_sheet_range.pdbx_end_PDB_ins_code 
_struct_sheet_range.beg_auth_comp_id 
_struct_sheet_range.beg_auth_asym_id 
_struct_sheet_range.beg_auth_seq_id 
_struct_sheet_range.end_auth_comp_id 
_struct_sheet_range.end_auth_asym_id 
_struct_sheet_range.end_auth_seq_id 
AA1 1 GLY A 18  ? ASN A 22  ? GLY A 19  ASN A 23  
AA1 2 THR A 27  ? ALA A 32  ? THR A 28  ALA A 33  
AA1 3 ALA A 37  ? GLU A 43  ? ALA A 38  GLU A 44  
AA1 4 TYR A 53  ? TYR A 59  ? TYR A 54  TYR A 60  
AA1 5 THR A 70  ? LYS A 79  ? THR A 71  LYS A 80  
AA1 6 ASN A 84  ? VAL A 96  ? ASN A 85  VAL A 97  
AA1 7 ARG A 102 ? VAL A 111 ? ARG A 103 VAL A 112 
AA1 8 THR A 145 ? THR A 153 ? THR A 146 THR A 154 
AA1 9 GLY A 18  ? ASN A 22  ? GLY A 19  ASN A 23  
# 
loop_
_pdbx_struct_sheet_hbond.sheet_id 
_pdbx_struct_sheet_hbond.range_id_1 
_pdbx_struct_sheet_hbond.range_id_2 
_pdbx_struct_sheet_hbond.range_1_label_atom_id 
_pdbx_struct_sheet_hbond.range_1_label_comp_id 
_pdbx_struct_sheet_hbond.range_1_label_asym_id 
_pdbx_struct_sheet_hbond.range_1_label_seq_id 
_pdbx_struct_sheet_hbond.range_1_PDB_ins_code 
_pdbx_struct_sheet_hbond.range_1_auth_atom_id 
_pdbx_struct_sheet_hbond.range_1_auth_comp_id 
_pdbx_struct_sheet_hbond.range_1_auth_asym_id 
_pdbx_struct_sheet_hbond.range_1_auth_seq_id 
_pdbx_struct_sheet_hbond.range_2_label_atom_id 
_pdbx_struct_sheet_hbond.range_2_label_comp_id 
_pdbx_struct_sheet_hbond.range_2_label_asym_id 
_pdbx_struct_sheet_hbond.range_2_label_seq_id 
_pdbx_struct_sheet_hbond.range_2_PDB_ins_code 
_pdbx_struct_sheet_hbond.range_2_auth_atom_id 
_pdbx_struct_sheet_hbond.range_2_auth_comp_id 
_pdbx_struct_sheet_hbond.range_2_auth_asym_id 
_pdbx_struct_sheet_hbond.range_2_auth_seq_id 
AA1 1 2 N GLY A 18  ? N GLY A 19  O VAL A 30  ? O VAL A 31  
AA1 2 3 N ILE A 29  ? N ILE A 30  O THR A 41  ? O THR A 42  
AA1 3 4 N TYR A 42  ? N TYR A 43  O TYR A 53  ? O TYR A 54  
AA1 4 5 N THR A 56  ? N THR A 57  O THR A 75  ? O THR A 76  
AA1 5 6 N LEU A 72  ? N LEU A 73  O GLY A 93  ? O GLY A 94  
AA1 6 7 N VAL A 96  ? N VAL A 97  O ARG A 102 ? O ARG A 103 
AA1 7 8 N ILE A 103 ? N ILE A 104 O PHE A 152 ? O PHE A 153 
AA1 8 9 O THR A 153 ? O THR A 154 N TYR A 21  ? N TYR A 22  
# 
loop_
_struct_site.id 
_struct_site.pdbx_evidence_code 
_struct_site.pdbx_auth_asym_id 
_struct_site.pdbx_auth_comp_id 
_struct_site.pdbx_auth_seq_id 
_struct_site.pdbx_auth_ins_code 
_struct_site.pdbx_num_residues 
_struct_site.details 
AC1 Software A 4IR 201 ? 16 'binding site for residue 4IR A 201' 
AC2 Software A IR3 202 ? 1  'binding site for residue IR3 A 202' 
AC3 Software A IR3 203 ? 2  'binding site for residue IR3 A 203' 
AC4 Software A IR3 204 ? 2  'binding site for residue IR3 A 204' 
AC5 Software A IR3 205 ? 3  'binding site for residue IR3 A 205' 
# 
loop_
_struct_site_gen.id 
_struct_site_gen.site_id 
_struct_site_gen.pdbx_num_res 
_struct_site_gen.label_comp_id 
_struct_site_gen.label_asym_id 
_struct_site_gen.label_seq_id 
_struct_site_gen.pdbx_auth_ins_code 
_struct_site_gen.auth_comp_id 
_struct_site_gen.auth_asym_id 
_struct_site_gen.auth_seq_id 
_struct_site_gen.label_atom_id 
_struct_site_gen.label_alt_id 
_struct_site_gen.symmetry 
_struct_site_gen.details 
1  AC1 16 ASN A 22  ? ASN A 23  . ? 1_555  ? 
2  AC1 16 SER A 26  ? SER A 27  . ? 1_555  ? 
3  AC1 16 TYR A 42  ? TYR A 43  . ? 1_555  ? 
4  AC1 16 SER A 44  ? SER A 45  . ? 1_555  ? 
5  AC1 16 VAL A 46  ? VAL A 47  . ? 1_555  ? 
6  AC1 16 GLY A 47  ? GLY A 48  . ? 1_555  ? 
7  AC1 16 ASN A 48  ? ASN A 49  . ? 1_555  ? 
8  AC1 16 TRP A 78  ? TRP A 79  . ? 1_555  ? 
9  AC1 16 SER A 87  ? SER A 88  . ? 1_555  ? 
10 AC1 16 THR A 89  ? THR A 90  . ? 1_555  ? 
11 AC1 16 TRP A 107 ? TRP A 108 . ? 1_555  ? 
12 AC1 16 VAL A 111 ? VAL A 112 . ? 1_555  ? 
13 AC1 16 TRP A 142 ? TRP A 143 . ? 10_665 ? 
14 AC1 16 ALA A 143 ? ALA A 144 . ? 1_555  ? 
15 AC1 16 LEU A 146 ? LEU A 147 . ? 10_665 ? 
16 AC1 16 ASP A 150 ? ASP A 151 . ? 1_555  ? 
17 AC2 1  HIS A 86  ? HIS A 87  . ? 1_555  ? 
18 AC3 2  HIS A 149 ? HIS A 150 . ? 1_555  ? 
19 AC3 2  IR3 F .   ? IR3 A 205 . ? 1_555  ? 
20 AC4 2  HIS A 149 ? HIS A 150 . ? 1_555  ? 
21 AC4 2  IR3 F .   ? IR3 A 205 . ? 1_555  ? 
22 AC5 3  HIS A 149 ? HIS A 150 . ? 1_555  ? 
23 AC5 3  IR3 D .   ? IR3 A 203 . ? 1_555  ? 
24 AC5 3  IR3 E .   ? IR3 A 204 . ? 1_555  ? 
# 
_pdbx_validate_rmsd_angle.id                         1 
_pdbx_validate_rmsd_angle.PDB_model_num              1 
_pdbx_validate_rmsd_angle.auth_atom_id_1             CE1 
_pdbx_validate_rmsd_angle.auth_asym_id_1             A 
_pdbx_validate_rmsd_angle.auth_comp_id_1             HIS 
_pdbx_validate_rmsd_angle.auth_seq_id_1              87 
_pdbx_validate_rmsd_angle.PDB_ins_code_1             ? 
_pdbx_validate_rmsd_angle.label_alt_id_1             ? 
_pdbx_validate_rmsd_angle.auth_atom_id_2             NE2 
_pdbx_validate_rmsd_angle.auth_asym_id_2             A 
_pdbx_validate_rmsd_angle.auth_comp_id_2             HIS 
_pdbx_validate_rmsd_angle.auth_seq_id_2              87 
_pdbx_validate_rmsd_angle.PDB_ins_code_2             ? 
_pdbx_validate_rmsd_angle.label_alt_id_2             ? 
_pdbx_validate_rmsd_angle.auth_atom_id_3             CD2 
_pdbx_validate_rmsd_angle.auth_asym_id_3             A 
_pdbx_validate_rmsd_angle.auth_comp_id_3             HIS 
_pdbx_validate_rmsd_angle.auth_seq_id_3              87 
_pdbx_validate_rmsd_angle.PDB_ins_code_3             ? 
_pdbx_validate_rmsd_angle.label_alt_id_3             ? 
_pdbx_validate_rmsd_angle.angle_value                113.86 
_pdbx_validate_rmsd_angle.angle_target_value         109.00 
_pdbx_validate_rmsd_angle.angle_deviation            4.86 
_pdbx_validate_rmsd_angle.angle_standard_deviation   0.70 
_pdbx_validate_rmsd_angle.linker_flag                N 
# 
loop_
_pdbx_validate_torsion.id 
_pdbx_validate_torsion.PDB_model_num 
_pdbx_validate_torsion.auth_comp_id 
_pdbx_validate_torsion.auth_asym_id 
_pdbx_validate_torsion.auth_seq_id 
_pdbx_validate_torsion.PDB_ins_code 
_pdbx_validate_torsion.label_alt_id 
_pdbx_validate_torsion.phi 
_pdbx_validate_torsion.psi 
1 1 SER A 52  ? ? 64.05   -153.18 
2 1 TRP A 79  ? ? -85.04  48.68   
3 1 GLU A 101 ? ? -117.80 70.99   
# 
_pdbx_validate_planes.id              1 
_pdbx_validate_planes.PDB_model_num   1 
_pdbx_validate_planes.auth_comp_id    ARG 
_pdbx_validate_planes.auth_asym_id    A 
_pdbx_validate_planes.auth_seq_id     103 
_pdbx_validate_planes.PDB_ins_code    ? 
_pdbx_validate_planes.label_alt_id    ? 
_pdbx_validate_planes.rmsd            0.083 
_pdbx_validate_planes.type            'SIDE CHAIN' 
# 
loop_
_pdbx_struct_special_symmetry.id 
_pdbx_struct_special_symmetry.PDB_model_num 
_pdbx_struct_special_symmetry.auth_asym_id 
_pdbx_struct_special_symmetry.auth_comp_id 
_pdbx_struct_special_symmetry.auth_seq_id 
_pdbx_struct_special_symmetry.PDB_ins_code 
_pdbx_struct_special_symmetry.label_asym_id 
_pdbx_struct_special_symmetry.label_comp_id 
_pdbx_struct_special_symmetry.label_seq_id 
1 1 A HOH 302 ? G HOH . 
2 1 A HOH 307 ? G HOH . 
# 
loop_
_pdbx_unobs_or_zero_occ_residues.id 
_pdbx_unobs_or_zero_occ_residues.PDB_model_num 
_pdbx_unobs_or_zero_occ_residues.polymer_flag 
_pdbx_unobs_or_zero_occ_residues.occupancy_flag 
_pdbx_unobs_or_zero_occ_residues.auth_asym_id 
_pdbx_unobs_or_zero_occ_residues.auth_comp_id 
_pdbx_unobs_or_zero_occ_residues.auth_seq_id 
_pdbx_unobs_or_zero_occ_residues.PDB_ins_code 
_pdbx_unobs_or_zero_occ_residues.label_asym_id 
_pdbx_unobs_or_zero_occ_residues.label_comp_id 
_pdbx_unobs_or_zero_occ_residues.label_seq_id 
1  1 Y 1 A ALA 2   ? A ALA 1   
2  1 Y 1 A SER 3   ? A SER 2   
3  1 Y 1 A MET 4   ? A MET 3   
4  1 Y 1 A THR 5   ? A THR 4   
5  1 Y 1 A GLY 6   ? A GLY 5   
6  1 Y 1 A GLY 7   ? A GLY 6   
7  1 Y 1 A GLN 8   ? A GLN 7   
8  1 Y 1 A GLN 9   ? A GLN 8   
9  1 Y 1 A MET 10  ? A MET 9   
10 1 Y 1 A GLY 11  ? A GLY 10  
11 1 Y 1 A ARG 12  ? A ARG 11  
12 1 Y 1 A SER 116 ? A SER 115 
13 1 Y 1 A PRO 117 ? A PRO 116 
14 1 Y 1 A LEU 118 ? A LEU 117 
15 1 Y 1 A SER 119 ? A SER 118 
16 1 Y 1 A GLU 120 ? A GLU 119 
17 1 Y 1 A ALA 121 ? A ALA 120 
18 1 Y 1 A LEU 122 ? A LEU 121 
19 1 Y 1 A THR 123 ? A THR 122 
20 1 Y 1 A LYS 124 ? A LYS 123 
21 1 Y 1 A ALA 125 ? A ALA 124 
22 1 Y 1 A ASN 126 ? A ASN 125 
23 1 Y 1 A SER 127 ? A SER 126 
24 1 Y 1 A PRO 128 ? A PRO 127 
25 1 Y 1 A ALA 129 ? A ALA 128 
26 1 Y 1 A GLU 130 ? A GLU 129 
27 1 Y 1 A ALA 131 ? A ALA 130 
28 1 Y 1 A TYR 132 ? A TYR 131 
29 1 Y 1 A LYS 133 ? A LYS 132 
30 1 Y 1 A ALA 134 ? A ALA 133 
31 1 Y 1 A SER 135 ? A SER 134 
32 1 Y 1 A ARG 136 ? A ARG 135 
33 1 Y 1 A GLY 137 ? A GLY 136 
34 1 Y 1 A ALA 138 ? A ALA 137 
35 1 Y 1 A GLY 139 ? A GLY 138 
36 1 Y 1 A ALA 140 ? A ALA 139 
37 1 Y 1 A PRO 158 ? A PRO 157 
38 1 Y 1 A SER 159 ? A SER 158 
39 1 Y 1 A ALA 160 ? A ALA 159 
40 1 Y 1 A ALA 161 ? A ALA 160 
41 1 Y 1 A SER 162 ? A SER 161 
42 1 Y 1 A ILE 163 ? A ILE 162 
43 1 Y 1 A ASP 164 ? A ASP 163 
44 1 Y 1 A ALA 165 ? A ALA 164 
45 1 Y 1 A ALA 166 ? A ALA 165 
46 1 Y 1 A LYS 167 ? A LYS 166 
47 1 Y 1 A LYS 168 ? A LYS 167 
48 1 Y 1 A ALA 169 ? A ALA 168 
49 1 Y 1 A GLY 170 ? A GLY 169 
50 1 Y 1 A VAL 171 ? A VAL 170 
51 1 Y 1 A ASN 172 ? A ASN 171 
52 1 Y 1 A ASN 173 ? A ASN 172 
53 1 Y 1 A GLY 174 ? A GLY 173 
54 1 Y 1 A ASN 175 ? A ASN 174 
55 1 Y 1 A PRO 176 ? A PRO 175 
56 1 Y 1 A LEU 177 ? A LEU 176 
57 1 Y 1 A ASP 178 ? A ASP 177 
58 1 Y 1 A ALA 179 ? A ALA 178 
59 1 Y 1 A VAL 180 ? A VAL 179 
60 1 Y 1 A GLN 181 ? A GLN 180 
61 1 Y 1 A GLN 182 ? A GLN 181 
# 
loop_
_chem_comp_atom.comp_id 
_chem_comp_atom.atom_id 
_chem_comp_atom.type_symbol 
_chem_comp_atom.pdbx_aromatic_flag 
_chem_comp_atom.pdbx_stereo_config 
_chem_comp_atom.pdbx_ordinal 
4IR CL1  CL N N 1   
4IR IR1  IR N N 2   
4IR C1   C  N N 3   
4IR N1   N  N N 4   
4IR O1   O  N N 5   
4IR S1   S  N N 6   
4IR C2   C  N R 7   
4IR N2   N  N N 8   
4IR O2   O  N N 9   
4IR S2   S  N N 10  
4IR C3   C  N N 11  
4IR N3   N  N N 12  
4IR O3   O  N N 13  
4IR C4   C  N S 14  
4IR N4   N  N N 15  
4IR O4   O  N N 16  
4IR C5   C  N S 17  
4IR N5   N  N N 18  
4IR C6   C  N N 19  
4IR C7   C  N N 20  
4IR C8   C  N N 21  
4IR C9   C  N N 22  
4IR C10  C  N N 23  
4IR C11  C  Y N 24  
4IR C12  C  Y N 25  
4IR C13  C  Y N 26  
4IR C14  C  Y N 27  
4IR C15  C  Y N 28  
4IR C16  C  Y N 29  
4IR C17  C  N N 30  
4IR C18  C  N N 31  
4IR C19  C  N N 32  
4IR C20  C  N N 33  
4IR C21  C  N N 34  
4IR C22  C  N N 35  
4IR C23  C  N N 36  
4IR C24  C  N N 37  
4IR C25  C  N N 38  
4IR C26  C  N N 39  
4IR C27  C  N N 40  
4IR C28  C  N N 41  
4IR HN1  H  N N 42  
4IR H2   H  N N 43  
4IR HN2  H  N N 44  
4IR H3   H  N N 45  
4IR H3A  H  N N 46  
4IR HN3  H  N N 47  
4IR H4   H  N N 48  
4IR HN4  H  N N 49  
4IR H5   H  N N 50  
4IR HN5  H  N N 51  
4IR HN5A H  N N 52  
4IR H6   H  N N 53  
4IR H6A  H  N N 54  
4IR H7   H  N N 55  
4IR H7A  H  N N 56  
4IR H8   H  N N 57  
4IR H8A  H  N N 58  
4IR H9   H  N N 59  
4IR H9A  H  N N 60  
4IR H12  H  N N 61  
4IR H13  H  N N 62  
4IR H14  H  N N 63  
4IR H15  H  N N 64  
4IR H18  H  N N 65  
4IR H19  H  N N 66  
4IR H20  H  N N 67  
4IR H22  H  N N 68  
4IR H22A H  N N 69  
4IR H22B H  N N 70  
4IR H23  H  N N 71  
4IR H23A H  N N 72  
4IR H23B H  N N 73  
4IR H24  H  N N 74  
4IR H24A H  N N 75  
4IR H24B H  N N 76  
4IR H25  H  N N 77  
4IR H25A H  N N 78  
4IR H25B H  N N 79  
4IR H26  H  N N 80  
4IR H26A H  N N 81  
4IR H26B H  N N 82  
4IR H27  H  N N 83  
4IR H27A H  N N 84  
4IR H28  H  N N 85  
4IR H28A H  N N 86  
ALA N    N  N N 87  
ALA CA   C  N S 88  
ALA C    C  N N 89  
ALA O    O  N N 90  
ALA CB   C  N N 91  
ALA OXT  O  N N 92  
ALA H    H  N N 93  
ALA H2   H  N N 94  
ALA HA   H  N N 95  
ALA HB1  H  N N 96  
ALA HB2  H  N N 97  
ALA HB3  H  N N 98  
ALA HXT  H  N N 99  
ARG N    N  N N 100 
ARG CA   C  N S 101 
ARG C    C  N N 102 
ARG O    O  N N 103 
ARG CB   C  N N 104 
ARG CG   C  N N 105 
ARG CD   C  N N 106 
ARG NE   N  N N 107 
ARG CZ   C  N N 108 
ARG NH1  N  N N 109 
ARG NH2  N  N N 110 
ARG OXT  O  N N 111 
ARG H    H  N N 112 
ARG H2   H  N N 113 
ARG HA   H  N N 114 
ARG HB2  H  N N 115 
ARG HB3  H  N N 116 
ARG HG2  H  N N 117 
ARG HG3  H  N N 118 
ARG HD2  H  N N 119 
ARG HD3  H  N N 120 
ARG HE   H  N N 121 
ARG HH11 H  N N 122 
ARG HH12 H  N N 123 
ARG HH21 H  N N 124 
ARG HH22 H  N N 125 
ARG HXT  H  N N 126 
ASN N    N  N N 127 
ASN CA   C  N S 128 
ASN C    C  N N 129 
ASN O    O  N N 130 
ASN CB   C  N N 131 
ASN CG   C  N N 132 
ASN OD1  O  N N 133 
ASN ND2  N  N N 134 
ASN OXT  O  N N 135 
ASN H    H  N N 136 
ASN H2   H  N N 137 
ASN HA   H  N N 138 
ASN HB2  H  N N 139 
ASN HB3  H  N N 140 
ASN HD21 H  N N 141 
ASN HD22 H  N N 142 
ASN HXT  H  N N 143 
ASP N    N  N N 144 
ASP CA   C  N S 145 
ASP C    C  N N 146 
ASP O    O  N N 147 
ASP CB   C  N N 148 
ASP CG   C  N N 149 
ASP OD1  O  N N 150 
ASP OD2  O  N N 151 
ASP OXT  O  N N 152 
ASP H    H  N N 153 
ASP H2   H  N N 154 
ASP HA   H  N N 155 
ASP HB2  H  N N 156 
ASP HB3  H  N N 157 
ASP HD2  H  N N 158 
ASP HXT  H  N N 159 
GLN N    N  N N 160 
GLN CA   C  N S 161 
GLN C    C  N N 162 
GLN O    O  N N 163 
GLN CB   C  N N 164 
GLN CG   C  N N 165 
GLN CD   C  N N 166 
GLN OE1  O  N N 167 
GLN NE2  N  N N 168 
GLN OXT  O  N N 169 
GLN H    H  N N 170 
GLN H2   H  N N 171 
GLN HA   H  N N 172 
GLN HB2  H  N N 173 
GLN HB3  H  N N 174 
GLN HG2  H  N N 175 
GLN HG3  H  N N 176 
GLN HE21 H  N N 177 
GLN HE22 H  N N 178 
GLN HXT  H  N N 179 
GLU N    N  N N 180 
GLU CA   C  N S 181 
GLU C    C  N N 182 
GLU O    O  N N 183 
GLU CB   C  N N 184 
GLU CG   C  N N 185 
GLU CD   C  N N 186 
GLU OE1  O  N N 187 
GLU OE2  O  N N 188 
GLU OXT  O  N N 189 
GLU H    H  N N 190 
GLU H2   H  N N 191 
GLU HA   H  N N 192 
GLU HB2  H  N N 193 
GLU HB3  H  N N 194 
GLU HG2  H  N N 195 
GLU HG3  H  N N 196 
GLU HE2  H  N N 197 
GLU HXT  H  N N 198 
GLY N    N  N N 199 
GLY CA   C  N N 200 
GLY C    C  N N 201 
GLY O    O  N N 202 
GLY OXT  O  N N 203 
GLY H    H  N N 204 
GLY H2   H  N N 205 
GLY HA2  H  N N 206 
GLY HA3  H  N N 207 
GLY HXT  H  N N 208 
HIS N    N  N N 209 
HIS CA   C  N S 210 
HIS C    C  N N 211 
HIS O    O  N N 212 
HIS CB   C  N N 213 
HIS CG   C  Y N 214 
HIS ND1  N  Y N 215 
HIS CD2  C  Y N 216 
HIS CE1  C  Y N 217 
HIS NE2  N  Y N 218 
HIS OXT  O  N N 219 
HIS H    H  N N 220 
HIS H2   H  N N 221 
HIS HA   H  N N 222 
HIS HB2  H  N N 223 
HIS HB3  H  N N 224 
HIS HD1  H  N N 225 
HIS HD2  H  N N 226 
HIS HE1  H  N N 227 
HIS HE2  H  N N 228 
HIS HXT  H  N N 229 
HOH O    O  N N 230 
HOH H1   H  N N 231 
HOH H2   H  N N 232 
ILE N    N  N N 233 
ILE CA   C  N S 234 
ILE C    C  N N 235 
ILE O    O  N N 236 
ILE CB   C  N S 237 
ILE CG1  C  N N 238 
ILE CG2  C  N N 239 
ILE CD1  C  N N 240 
ILE OXT  O  N N 241 
ILE H    H  N N 242 
ILE H2   H  N N 243 
ILE HA   H  N N 244 
ILE HB   H  N N 245 
ILE HG12 H  N N 246 
ILE HG13 H  N N 247 
ILE HG21 H  N N 248 
ILE HG22 H  N N 249 
ILE HG23 H  N N 250 
ILE HD11 H  N N 251 
ILE HD12 H  N N 252 
ILE HD13 H  N N 253 
ILE HXT  H  N N 254 
IR3 IR   IR N N 255 
LEU N    N  N N 256 
LEU CA   C  N S 257 
LEU C    C  N N 258 
LEU O    O  N N 259 
LEU CB   C  N N 260 
LEU CG   C  N N 261 
LEU CD1  C  N N 262 
LEU CD2  C  N N 263 
LEU OXT  O  N N 264 
LEU H    H  N N 265 
LEU H2   H  N N 266 
LEU HA   H  N N 267 
LEU HB2  H  N N 268 
LEU HB3  H  N N 269 
LEU HG   H  N N 270 
LEU HD11 H  N N 271 
LEU HD12 H  N N 272 
LEU HD13 H  N N 273 
LEU HD21 H  N N 274 
LEU HD22 H  N N 275 
LEU HD23 H  N N 276 
LEU HXT  H  N N 277 
LYS N    N  N N 278 
LYS CA   C  N S 279 
LYS C    C  N N 280 
LYS O    O  N N 281 
LYS CB   C  N N 282 
LYS CG   C  N N 283 
LYS CD   C  N N 284 
LYS CE   C  N N 285 
LYS NZ   N  N N 286 
LYS OXT  O  N N 287 
LYS H    H  N N 288 
LYS H2   H  N N 289 
LYS HA   H  N N 290 
LYS HB2  H  N N 291 
LYS HB3  H  N N 292 
LYS HG2  H  N N 293 
LYS HG3  H  N N 294 
LYS HD2  H  N N 295 
LYS HD3  H  N N 296 
LYS HE2  H  N N 297 
LYS HE3  H  N N 298 
LYS HZ1  H  N N 299 
LYS HZ2  H  N N 300 
LYS HZ3  H  N N 301 
LYS HXT  H  N N 302 
MET N    N  N N 303 
MET CA   C  N S 304 
MET C    C  N N 305 
MET O    O  N N 306 
MET CB   C  N N 307 
MET CG   C  N N 308 
MET SD   S  N N 309 
MET CE   C  N N 310 
MET OXT  O  N N 311 
MET H    H  N N 312 
MET H2   H  N N 313 
MET HA   H  N N 314 
MET HB2  H  N N 315 
MET HB3  H  N N 316 
MET HG2  H  N N 317 
MET HG3  H  N N 318 
MET HE1  H  N N 319 
MET HE2  H  N N 320 
MET HE3  H  N N 321 
MET HXT  H  N N 322 
PHE N    N  N N 323 
PHE CA   C  N S 324 
PHE C    C  N N 325 
PHE O    O  N N 326 
PHE CB   C  N N 327 
PHE CG   C  Y N 328 
PHE CD1  C  Y N 329 
PHE CD2  C  Y N 330 
PHE CE1  C  Y N 331 
PHE CE2  C  Y N 332 
PHE CZ   C  Y N 333 
PHE OXT  O  N N 334 
PHE H    H  N N 335 
PHE H2   H  N N 336 
PHE HA   H  N N 337 
PHE HB2  H  N N 338 
PHE HB3  H  N N 339 
PHE HD1  H  N N 340 
PHE HD2  H  N N 341 
PHE HE1  H  N N 342 
PHE HE2  H  N N 343 
PHE HZ   H  N N 344 
PHE HXT  H  N N 345 
PRO N    N  N N 346 
PRO CA   C  N S 347 
PRO C    C  N N 348 
PRO O    O  N N 349 
PRO CB   C  N N 350 
PRO CG   C  N N 351 
PRO CD   C  N N 352 
PRO OXT  O  N N 353 
PRO H    H  N N 354 
PRO HA   H  N N 355 
PRO HB2  H  N N 356 
PRO HB3  H  N N 357 
PRO HG2  H  N N 358 
PRO HG3  H  N N 359 
PRO HD2  H  N N 360 
PRO HD3  H  N N 361 
PRO HXT  H  N N 362 
SER N    N  N N 363 
SER CA   C  N S 364 
SER C    C  N N 365 
SER O    O  N N 366 
SER CB   C  N N 367 
SER OG   O  N N 368 
SER OXT  O  N N 369 
SER H    H  N N 370 
SER H2   H  N N 371 
SER HA   H  N N 372 
SER HB2  H  N N 373 
SER HB3  H  N N 374 
SER HG   H  N N 375 
SER HXT  H  N N 376 
THR N    N  N N 377 
THR CA   C  N S 378 
THR C    C  N N 379 
THR O    O  N N 380 
THR CB   C  N R 381 
THR OG1  O  N N 382 
THR CG2  C  N N 383 
THR OXT  O  N N 384 
THR H    H  N N 385 
THR H2   H  N N 386 
THR HA   H  N N 387 
THR HB   H  N N 388 
THR HG1  H  N N 389 
THR HG21 H  N N 390 
THR HG22 H  N N 391 
THR HG23 H  N N 392 
THR HXT  H  N N 393 
TRP N    N  N N 394 
TRP CA   C  N S 395 
TRP C    C  N N 396 
TRP O    O  N N 397 
TRP CB   C  N N 398 
TRP CG   C  Y N 399 
TRP CD1  C  Y N 400 
TRP CD2  C  Y N 401 
TRP NE1  N  Y N 402 
TRP CE2  C  Y N 403 
TRP CE3  C  Y N 404 
TRP CZ2  C  Y N 405 
TRP CZ3  C  Y N 406 
TRP CH2  C  Y N 407 
TRP OXT  O  N N 408 
TRP H    H  N N 409 
TRP H2   H  N N 410 
TRP HA   H  N N 411 
TRP HB2  H  N N 412 
TRP HB3  H  N N 413 
TRP HD1  H  N N 414 
TRP HE1  H  N N 415 
TRP HE3  H  N N 416 
TRP HZ2  H  N N 417 
TRP HZ3  H  N N 418 
TRP HH2  H  N N 419 
TRP HXT  H  N N 420 
TYR N    N  N N 421 
TYR CA   C  N S 422 
TYR C    C  N N 423 
TYR O    O  N N 424 
TYR CB   C  N N 425 
TYR CG   C  Y N 426 
TYR CD1  C  Y N 427 
TYR CD2  C  Y N 428 
TYR CE1  C  Y N 429 
TYR CE2  C  Y N 430 
TYR CZ   C  Y N 431 
TYR OH   O  N N 432 
TYR OXT  O  N N 433 
TYR H    H  N N 434 
TYR H2   H  N N 435 
TYR HA   H  N N 436 
TYR HB2  H  N N 437 
TYR HB3  H  N N 438 
TYR HD1  H  N N 439 
TYR HD2  H  N N 440 
TYR HE1  H  N N 441 
TYR HE2  H  N N 442 
TYR HH   H  N N 443 
TYR HXT  H  N N 444 
VAL N    N  N N 445 
VAL CA   C  N S 446 
VAL C    C  N N 447 
VAL O    O  N N 448 
VAL CB   C  N N 449 
VAL CG1  C  N N 450 
VAL CG2  C  N N 451 
VAL OXT  O  N N 452 
VAL H    H  N N 453 
VAL H2   H  N N 454 
VAL HA   H  N N 455 
VAL HB   H  N N 456 
VAL HG11 H  N N 457 
VAL HG12 H  N N 458 
VAL HG13 H  N N 459 
VAL HG21 H  N N 460 
VAL HG22 H  N N 461 
VAL HG23 H  N N 462 
VAL HXT  H  N N 463 
# 
loop_
_chem_comp_bond.comp_id 
_chem_comp_bond.atom_id_1 
_chem_comp_bond.atom_id_2 
_chem_comp_bond.value_order 
_chem_comp_bond.pdbx_aromatic_flag 
_chem_comp_bond.pdbx_stereo_config 
_chem_comp_bond.pdbx_ordinal 
4IR C1  N1   sing N N 1   
4IR C1  O1   doub N N 2   
4IR C1  N2   sing N N 3   
4IR N1  C2   sing N N 4   
4IR N1  HN1  sing N N 5   
4IR S1  C3   sing N N 6   
4IR S1  C5   sing N N 7   
4IR C2  C3   sing N N 8   
4IR C2  C4   sing N N 9   
4IR C2  H2   sing N N 10  
4IR N2  C4   sing N N 11  
4IR N2  HN2  sing N N 12  
4IR O2  C10  doub N N 13  
4IR S2  O3   doub N N 14  
4IR S2  N4   sing N N 15  
4IR S2  O4   doub N N 16  
4IR S2  C16  sing N N 17  
4IR C3  H3   sing N N 18  
4IR C3  H3A  sing N N 19  
4IR N3  C10  sing N N 20  
4IR N3  C11  sing N N 21  
4IR N3  HN3  sing N N 22  
4IR C4  C5   sing N N 23  
4IR C4  H4   sing N N 24  
4IR N4  C27  sing N N 25  
4IR N4  HN4  sing N N 26  
4IR C5  C6   sing N N 27  
4IR C5  H5   sing N N 28  
4IR N5  C28  sing N N 29  
4IR N5  HN5  sing N N 30  
4IR N5  HN5A sing N N 31  
4IR C6  C7   sing N N 32  
4IR C6  H6   sing N N 33  
4IR C6  H6A  sing N N 34  
4IR C7  C8   sing N N 35  
4IR C7  H7   sing N N 36  
4IR C7  H7A  sing N N 37  
4IR C8  C9   sing N N 38  
4IR C8  H8   sing N N 39  
4IR C8  H8A  sing N N 40  
4IR C9  C10  sing N N 41  
4IR C9  H9   sing N N 42  
4IR C9  H9A  sing N N 43  
4IR C11 C12  doub Y N 44  
4IR C11 C14  sing Y N 45  
4IR C12 C13  sing Y N 46  
4IR C12 H12  sing N N 47  
4IR C13 C16  doub Y N 48  
4IR C13 H13  sing N N 49  
4IR C14 C15  doub Y N 50  
4IR C14 H14  sing N N 51  
4IR C15 C16  sing Y N 52  
4IR C15 H15  sing N N 53  
4IR C17 C18  sing N N 54  
4IR C17 C21  doub N N 55  
4IR C17 C22  sing N N 56  
4IR C18 C19  sing N N 57  
4IR C18 C23  sing N N 58  
4IR C18 H18  sing N N 59  
4IR C19 C20  sing N N 60  
4IR C19 C24  sing N N 61  
4IR C19 H19  sing N N 62  
4IR C20 C21  sing N N 63  
4IR C20 C25  sing N N 64  
4IR C20 H20  sing N N 65  
4IR C21 C26  sing N N 66  
4IR C22 H22  sing N N 67  
4IR C22 H22A sing N N 68  
4IR C22 H22B sing N N 69  
4IR C23 H23  sing N N 70  
4IR C23 H23A sing N N 71  
4IR C23 H23B sing N N 72  
4IR C24 H24  sing N N 73  
4IR C24 H24A sing N N 74  
4IR C24 H24B sing N N 75  
4IR C25 H25  sing N N 76  
4IR C25 H25A sing N N 77  
4IR C25 H25B sing N N 78  
4IR C26 H26  sing N N 79  
4IR C26 H26A sing N N 80  
4IR C26 H26B sing N N 81  
4IR C27 C28  sing N N 82  
4IR C27 H27  sing N N 83  
4IR C27 H27A sing N N 84  
4IR C28 H28  sing N N 85  
4IR C28 H28A sing N N 86  
4IR IR1 CL1  sing N N 87  
4IR IR1 N4   sing N N 88  
4IR IR1 N5   sing N N 89  
4IR IR1 C21  sing N N 90  
4IR IR1 C17  sing N N 91  
4IR IR1 C18  sing N N 92  
4IR IR1 C19  sing N N 93  
4IR IR1 C20  sing N N 94  
ALA N   CA   sing N N 95  
ALA N   H    sing N N 96  
ALA N   H2   sing N N 97  
ALA CA  C    sing N N 98  
ALA CA  CB   sing N N 99  
ALA CA  HA   sing N N 100 
ALA C   O    doub N N 101 
ALA C   OXT  sing N N 102 
ALA CB  HB1  sing N N 103 
ALA CB  HB2  sing N N 104 
ALA CB  HB3  sing N N 105 
ALA OXT HXT  sing N N 106 
ARG N   CA   sing N N 107 
ARG N   H    sing N N 108 
ARG N   H2   sing N N 109 
ARG CA  C    sing N N 110 
ARG CA  CB   sing N N 111 
ARG CA  HA   sing N N 112 
ARG C   O    doub N N 113 
ARG C   OXT  sing N N 114 
ARG CB  CG   sing N N 115 
ARG CB  HB2  sing N N 116 
ARG CB  HB3  sing N N 117 
ARG CG  CD   sing N N 118 
ARG CG  HG2  sing N N 119 
ARG CG  HG3  sing N N 120 
ARG CD  NE   sing N N 121 
ARG CD  HD2  sing N N 122 
ARG CD  HD3  sing N N 123 
ARG NE  CZ   sing N N 124 
ARG NE  HE   sing N N 125 
ARG CZ  NH1  sing N N 126 
ARG CZ  NH2  doub N N 127 
ARG NH1 HH11 sing N N 128 
ARG NH1 HH12 sing N N 129 
ARG NH2 HH21 sing N N 130 
ARG NH2 HH22 sing N N 131 
ARG OXT HXT  sing N N 132 
ASN N   CA   sing N N 133 
ASN N   H    sing N N 134 
ASN N   H2   sing N N 135 
ASN CA  C    sing N N 136 
ASN CA  CB   sing N N 137 
ASN CA  HA   sing N N 138 
ASN C   O    doub N N 139 
ASN C   OXT  sing N N 140 
ASN CB  CG   sing N N 141 
ASN CB  HB2  sing N N 142 
ASN CB  HB3  sing N N 143 
ASN CG  OD1  doub N N 144 
ASN CG  ND2  sing N N 145 
ASN ND2 HD21 sing N N 146 
ASN ND2 HD22 sing N N 147 
ASN OXT HXT  sing N N 148 
ASP N   CA   sing N N 149 
ASP N   H    sing N N 150 
ASP N   H2   sing N N 151 
ASP CA  C    sing N N 152 
ASP CA  CB   sing N N 153 
ASP CA  HA   sing N N 154 
ASP C   O    doub N N 155 
ASP C   OXT  sing N N 156 
ASP CB  CG   sing N N 157 
ASP CB  HB2  sing N N 158 
ASP CB  HB3  sing N N 159 
ASP CG  OD1  doub N N 160 
ASP CG  OD2  sing N N 161 
ASP OD2 HD2  sing N N 162 
ASP OXT HXT  sing N N 163 
GLN N   CA   sing N N 164 
GLN N   H    sing N N 165 
GLN N   H2   sing N N 166 
GLN CA  C    sing N N 167 
GLN CA  CB   sing N N 168 
GLN CA  HA   sing N N 169 
GLN C   O    doub N N 170 
GLN C   OXT  sing N N 171 
GLN CB  CG   sing N N 172 
GLN CB  HB2  sing N N 173 
GLN CB  HB3  sing N N 174 
GLN CG  CD   sing N N 175 
GLN CG  HG2  sing N N 176 
GLN CG  HG3  sing N N 177 
GLN CD  OE1  doub N N 178 
GLN CD  NE2  sing N N 179 
GLN NE2 HE21 sing N N 180 
GLN NE2 HE22 sing N N 181 
GLN OXT HXT  sing N N 182 
GLU N   CA   sing N N 183 
GLU N   H    sing N N 184 
GLU N   H2   sing N N 185 
GLU CA  C    sing N N 186 
GLU CA  CB   sing N N 187 
GLU CA  HA   sing N N 188 
GLU C   O    doub N N 189 
GLU C   OXT  sing N N 190 
GLU CB  CG   sing N N 191 
GLU CB  HB2  sing N N 192 
GLU CB  HB3  sing N N 193 
GLU CG  CD   sing N N 194 
GLU CG  HG2  sing N N 195 
GLU CG  HG3  sing N N 196 
GLU CD  OE1  doub N N 197 
GLU CD  OE2  sing N N 198 
GLU OE2 HE2  sing N N 199 
GLU OXT HXT  sing N N 200 
GLY N   CA   sing N N 201 
GLY N   H    sing N N 202 
GLY N   H2   sing N N 203 
GLY CA  C    sing N N 204 
GLY CA  HA2  sing N N 205 
GLY CA  HA3  sing N N 206 
GLY C   O    doub N N 207 
GLY C   OXT  sing N N 208 
GLY OXT HXT  sing N N 209 
HIS N   CA   sing N N 210 
HIS N   H    sing N N 211 
HIS N   H2   sing N N 212 
HIS CA  C    sing N N 213 
HIS CA  CB   sing N N 214 
HIS CA  HA   sing N N 215 
HIS C   O    doub N N 216 
HIS C   OXT  sing N N 217 
HIS CB  CG   sing N N 218 
HIS CB  HB2  sing N N 219 
HIS CB  HB3  sing N N 220 
HIS CG  ND1  sing Y N 221 
HIS CG  CD2  doub Y N 222 
HIS ND1 CE1  doub Y N 223 
HIS ND1 HD1  sing N N 224 
HIS CD2 NE2  sing Y N 225 
HIS CD2 HD2  sing N N 226 
HIS CE1 NE2  sing Y N 227 
HIS CE1 HE1  sing N N 228 
HIS NE2 HE2  sing N N 229 
HIS OXT HXT  sing N N 230 
HOH O   H1   sing N N 231 
HOH O   H2   sing N N 232 
ILE N   CA   sing N N 233 
ILE N   H    sing N N 234 
ILE N   H2   sing N N 235 
ILE CA  C    sing N N 236 
ILE CA  CB   sing N N 237 
ILE CA  HA   sing N N 238 
ILE C   O    doub N N 239 
ILE C   OXT  sing N N 240 
ILE CB  CG1  sing N N 241 
ILE CB  CG2  sing N N 242 
ILE CB  HB   sing N N 243 
ILE CG1 CD1  sing N N 244 
ILE CG1 HG12 sing N N 245 
ILE CG1 HG13 sing N N 246 
ILE CG2 HG21 sing N N 247 
ILE CG2 HG22 sing N N 248 
ILE CG2 HG23 sing N N 249 
ILE CD1 HD11 sing N N 250 
ILE CD1 HD12 sing N N 251 
ILE CD1 HD13 sing N N 252 
ILE OXT HXT  sing N N 253 
LEU N   CA   sing N N 254 
LEU N   H    sing N N 255 
LEU N   H2   sing N N 256 
LEU CA  C    sing N N 257 
LEU CA  CB   sing N N 258 
LEU CA  HA   sing N N 259 
LEU C   O    doub N N 260 
LEU C   OXT  sing N N 261 
LEU CB  CG   sing N N 262 
LEU CB  HB2  sing N N 263 
LEU CB  HB3  sing N N 264 
LEU CG  CD1  sing N N 265 
LEU CG  CD2  sing N N 266 
LEU CG  HG   sing N N 267 
LEU CD1 HD11 sing N N 268 
LEU CD1 HD12 sing N N 269 
LEU CD1 HD13 sing N N 270 
LEU CD2 HD21 sing N N 271 
LEU CD2 HD22 sing N N 272 
LEU CD2 HD23 sing N N 273 
LEU OXT HXT  sing N N 274 
LYS N   CA   sing N N 275 
LYS N   H    sing N N 276 
LYS N   H2   sing N N 277 
LYS CA  C    sing N N 278 
LYS CA  CB   sing N N 279 
LYS CA  HA   sing N N 280 
LYS C   O    doub N N 281 
LYS C   OXT  sing N N 282 
LYS CB  CG   sing N N 283 
LYS CB  HB2  sing N N 284 
LYS CB  HB3  sing N N 285 
LYS CG  CD   sing N N 286 
LYS CG  HG2  sing N N 287 
LYS CG  HG3  sing N N 288 
LYS CD  CE   sing N N 289 
LYS CD  HD2  sing N N 290 
LYS CD  HD3  sing N N 291 
LYS CE  NZ   sing N N 292 
LYS CE  HE2  sing N N 293 
LYS CE  HE3  sing N N 294 
LYS NZ  HZ1  sing N N 295 
LYS NZ  HZ2  sing N N 296 
LYS NZ  HZ3  sing N N 297 
LYS OXT HXT  sing N N 298 
MET N   CA   sing N N 299 
MET N   H    sing N N 300 
MET N   H2   sing N N 301 
MET CA  C    sing N N 302 
MET CA  CB   sing N N 303 
MET CA  HA   sing N N 304 
MET C   O    doub N N 305 
MET C   OXT  sing N N 306 
MET CB  CG   sing N N 307 
MET CB  HB2  sing N N 308 
MET CB  HB3  sing N N 309 
MET CG  SD   sing N N 310 
MET CG  HG2  sing N N 311 
MET CG  HG3  sing N N 312 
MET SD  CE   sing N N 313 
MET CE  HE1  sing N N 314 
MET CE  HE2  sing N N 315 
MET CE  HE3  sing N N 316 
MET OXT HXT  sing N N 317 
PHE N   CA   sing N N 318 
PHE N   H    sing N N 319 
PHE N   H2   sing N N 320 
PHE CA  C    sing N N 321 
PHE CA  CB   sing N N 322 
PHE CA  HA   sing N N 323 
PHE C   O    doub N N 324 
PHE C   OXT  sing N N 325 
PHE CB  CG   sing N N 326 
PHE CB  HB2  sing N N 327 
PHE CB  HB3  sing N N 328 
PHE CG  CD1  doub Y N 329 
PHE CG  CD2  sing Y N 330 
PHE CD1 CE1  sing Y N 331 
PHE CD1 HD1  sing N N 332 
PHE CD2 CE2  doub Y N 333 
PHE CD2 HD2  sing N N 334 
PHE CE1 CZ   doub Y N 335 
PHE CE1 HE1  sing N N 336 
PHE CE2 CZ   sing Y N 337 
PHE CE2 HE2  sing N N 338 
PHE CZ  HZ   sing N N 339 
PHE OXT HXT  sing N N 340 
PRO N   CA   sing N N 341 
PRO N   CD   sing N N 342 
PRO N   H    sing N N 343 
PRO CA  C    sing N N 344 
PRO CA  CB   sing N N 345 
PRO CA  HA   sing N N 346 
PRO C   O    doub N N 347 
PRO C   OXT  sing N N 348 
PRO CB  CG   sing N N 349 
PRO CB  HB2  sing N N 350 
PRO CB  HB3  sing N N 351 
PRO CG  CD   sing N N 352 
PRO CG  HG2  sing N N 353 
PRO CG  HG3  sing N N 354 
PRO CD  HD2  sing N N 355 
PRO CD  HD3  sing N N 356 
PRO OXT HXT  sing N N 357 
SER N   CA   sing N N 358 
SER N   H    sing N N 359 
SER N   H2   sing N N 360 
SER CA  C    sing N N 361 
SER CA  CB   sing N N 362 
SER CA  HA   sing N N 363 
SER C   O    doub N N 364 
SER C   OXT  sing N N 365 
SER CB  OG   sing N N 366 
SER CB  HB2  sing N N 367 
SER CB  HB3  sing N N 368 
SER OG  HG   sing N N 369 
SER OXT HXT  sing N N 370 
THR N   CA   sing N N 371 
THR N   H    sing N N 372 
THR N   H2   sing N N 373 
THR CA  C    sing N N 374 
THR CA  CB   sing N N 375 
THR CA  HA   sing N N 376 
THR C   O    doub N N 377 
THR C   OXT  sing N N 378 
THR CB  OG1  sing N N 379 
THR CB  CG2  sing N N 380 
THR CB  HB   sing N N 381 
THR OG1 HG1  sing N N 382 
THR CG2 HG21 sing N N 383 
THR CG2 HG22 sing N N 384 
THR CG2 HG23 sing N N 385 
THR OXT HXT  sing N N 386 
TRP N   CA   sing N N 387 
TRP N   H    sing N N 388 
TRP N   H2   sing N N 389 
TRP CA  C    sing N N 390 
TRP CA  CB   sing N N 391 
TRP CA  HA   sing N N 392 
TRP C   O    doub N N 393 
TRP C   OXT  sing N N 394 
TRP CB  CG   sing N N 395 
TRP CB  HB2  sing N N 396 
TRP CB  HB3  sing N N 397 
TRP CG  CD1  doub Y N 398 
TRP CG  CD2  sing Y N 399 
TRP CD1 NE1  sing Y N 400 
TRP CD1 HD1  sing N N 401 
TRP CD2 CE2  doub Y N 402 
TRP CD2 CE3  sing Y N 403 
TRP NE1 CE2  sing Y N 404 
TRP NE1 HE1  sing N N 405 
TRP CE2 CZ2  sing Y N 406 
TRP CE3 CZ3  doub Y N 407 
TRP CE3 HE3  sing N N 408 
TRP CZ2 CH2  doub Y N 409 
TRP CZ2 HZ2  sing N N 410 
TRP CZ3 CH2  sing Y N 411 
TRP CZ3 HZ3  sing N N 412 
TRP CH2 HH2  sing N N 413 
TRP OXT HXT  sing N N 414 
TYR N   CA   sing N N 415 
TYR N   H    sing N N 416 
TYR N   H2   sing N N 417 
TYR CA  C    sing N N 418 
TYR CA  CB   sing N N 419 
TYR CA  HA   sing N N 420 
TYR C   O    doub N N 421 
TYR C   OXT  sing N N 422 
TYR CB  CG   sing N N 423 
TYR CB  HB2  sing N N 424 
TYR CB  HB3  sing N N 425 
TYR CG  CD1  doub Y N 426 
TYR CG  CD2  sing Y N 427 
TYR CD1 CE1  sing Y N 428 
TYR CD1 HD1  sing N N 429 
TYR CD2 CE2  doub Y N 430 
TYR CD2 HD2  sing N N 431 
TYR CE1 CZ   doub Y N 432 
TYR CE1 HE1  sing N N 433 
TYR CE2 CZ   sing Y N 434 
TYR CE2 HE2  sing N N 435 
TYR CZ  OH   sing N N 436 
TYR OH  HH   sing N N 437 
TYR OXT HXT  sing N N 438 
VAL N   CA   sing N N 439 
VAL N   H    sing N N 440 
VAL N   H2   sing N N 441 
VAL CA  C    sing N N 442 
VAL CA  CB   sing N N 443 
VAL CA  HA   sing N N 444 
VAL C   O    doub N N 445 
VAL C   OXT  sing N N 446 
VAL CB  CG1  sing N N 447 
VAL CB  CG2  sing N N 448 
VAL CB  HB   sing N N 449 
VAL CG1 HG11 sing N N 450 
VAL CG1 HG12 sing N N 451 
VAL CG1 HG13 sing N N 452 
VAL CG2 HG21 sing N N 453 
VAL CG2 HG22 sing N N 454 
VAL CG2 HG23 sing N N 455 
VAL OXT HXT  sing N N 456 
# 
loop_
_pdbx_audit_support.funding_organization 
_pdbx_audit_support.country 
_pdbx_audit_support.grant_number 
_pdbx_audit_support.ordinal 
'Swiss National Science Foundation'       Switzerland 200020_162348   1 
'European Research Council'               ?           DrEAM           2 
'Swiss National Science Foundation'       Switzerland 'NCCR MSE'      3 
'European Molecular Biology Organization' Germany     'ALTF 194-2017' 4 
# 
_pdbx_initial_refinement_model.id               1 
_pdbx_initial_refinement_model.entity_id_list   ? 
_pdbx_initial_refinement_model.type             'experimental model' 
_pdbx_initial_refinement_model.source_name      PDB 
_pdbx_initial_refinement_model.accession_code   2QCB 
_pdbx_initial_refinement_model.details          ? 
# 
_atom_sites.entry_id                    6GMI 
_atom_sites.fract_transf_matrix[1][1]   -0.01212449 
_atom_sites.fract_transf_matrix[1][2]   -0.00909950 
_atom_sites.fract_transf_matrix[1][3]   0.00851899 
_atom_sites.fract_transf_matrix[2][1]   0.00674557 
_atom_sites.fract_transf_matrix[2][2]   -0.01478355 
_atom_sites.fract_transf_matrix[2][3]   -0.00619043 
_atom_sites.fract_transf_matrix[3][1]   0.00327376 
_atom_sites.fract_transf_matrix[3][2]   -0.00031594 
_atom_sites.fract_transf_matrix[3][3]   0.00432185 
_atom_sites.fract_transf_vector[1]      0.230067 
_atom_sites.fract_transf_vector[2]      0.424661 
_atom_sites.fract_transf_vector[3]      -0.009886 
# 
loop_
_atom_type.symbol 
C  
CL 
IR 
N  
O  
S  
# 
loop_
_atom_site.group_PDB 
_atom_site.id 
_atom_site.type_symbol 
_atom_site.label_atom_id 
_atom_site.label_alt_id 
_atom_site.label_comp_id 
_atom_site.label_asym_id 
_atom_site.label_entity_id 
_atom_site.label_seq_id 
_atom_site.pdbx_PDB_ins_code 
_atom_site.Cartn_x 
_atom_site.Cartn_y 
_atom_site.Cartn_z 
_atom_site.occupancy 
_atom_site.B_iso_or_equiv 
_atom_site.pdbx_formal_charge 
_atom_site.auth_seq_id 
_atom_site.auth_comp_id 
_atom_site.auth_asym_id 
_atom_site.auth_atom_id 
_atom_site.pdbx_PDB_model_num 
ATOM   1   N  N   . ASP A 1 12  ? 15.549  4.014   6.372   1.00 68.26  ? 13  ASP A N   1 
ATOM   2   C  CA  . ASP A 1 12  ? 14.128  3.607   6.715   1.00 69.17  ? 13  ASP A CA  1 
ATOM   3   C  C   . ASP A 1 12  ? 13.129  4.579   6.072   1.00 64.95  ? 13  ASP A C   1 
ATOM   4   O  O   . ASP A 1 12  ? 12.408  4.190   5.175   1.00 54.00  ? 13  ASP A O   1 
ATOM   5   C  CB  . ASP A 1 12  ? 13.926  3.435   8.223   1.00 76.89  ? 13  ASP A CB  1 
ATOM   6   C  CG  . ASP A 1 12  ? 13.835  1.964   8.615   1.00 86.82  ? 13  ASP A CG  1 
ATOM   7   O  OD1 . ASP A 1 12  ? 12.885  1.305   8.138   1.00 64.05  ? 13  ASP A OD1 1 
ATOM   8   O  OD2 . ASP A 1 12  ? 14.729  1.477   9.367   1.00 91.53  ? 13  ASP A OD2 1 
ATOM   9   N  N   . GLN A 1 13  ? 13.096  5.845   6.508   1.00 60.03  ? 14  GLN A N   1 
ATOM   10  C  CA  . GLN A 1 13  ? 12.440  6.876   5.695   1.00 56.29  ? 14  GLN A CA  1 
ATOM   11  C  C   . GLN A 1 13  ? 12.938  6.739   4.238   1.00 58.39  ? 14  GLN A C   1 
ATOM   12  O  O   . GLN A 1 13  ? 12.148  6.605   3.255   1.00 42.74  ? 14  GLN A O   1 
ATOM   13  C  CB  . GLN A 1 13  ? 12.728  8.257   6.291   1.00 60.11  ? 14  GLN A CB  1 
ATOM   14  C  CG  . GLN A 1 13  ? 12.193  9.407   5.453   1.00 61.20  ? 14  GLN A CG  1 
ATOM   15  C  CD  . GLN A 1 13  ? 12.347  10.750  6.129   1.00 64.89  ? 14  GLN A CD  1 
ATOM   16  O  OE1 . GLN A 1 13  ? 12.928  10.867  7.205   1.00 59.93  ? 14  GLN A OE1 1 
ATOM   17  N  NE2 . GLN A 1 13  ? 11.834  11.784  5.483   1.00 62.82  ? 14  GLN A NE2 1 
ATOM   18  N  N   . ALA A 1 14  ? 14.273  6.757   4.100   1.00 47.63  ? 15  ALA A N   1 
ATOM   19  C  CA  . ALA A 1 14  ? 14.976  6.627   2.828   1.00 49.50  ? 15  ALA A CA  1 
ATOM   20  C  C   . ALA A 1 14  ? 14.633  5.286   2.149   1.00 43.62  ? 15  ALA A C   1 
ATOM   21  O  O   . ALA A 1 14  ? 14.374  5.240   0.940   1.00 50.98  ? 15  ALA A O   1 
ATOM   22  C  CB  . ALA A 1 14  ? 16.461  6.759   3.088   1.00 52.47  ? 15  ALA A CB  1 
ATOM   23  N  N   . GLY A 1 15  ? 14.603  4.203   2.933   1.00 40.35  ? 16  GLY A N   1 
ATOM   24  C  CA  . GLY A 1 15  ? 14.344  2.881   2.408   1.00 33.60  ? 16  GLY A CA  1 
ATOM   25  C  C   . GLY A 1 15  ? 12.947  2.756   1.794   1.00 31.38  ? 16  GLY A C   1 
ATOM   26  O  O   . GLY A 1 15  ? 12.769  2.131   0.779   1.00 33.48  ? 16  GLY A O   1 
ATOM   27  N  N   . ILE A 1 16  ? 11.938  3.372   2.423   1.00 31.22  ? 17  ILE A N   1 
ATOM   28  C  CA  . ILE A 1 16  ? 10.546  3.200   1.994   1.00 28.78  ? 17  ILE A CA  1 
ATOM   29  C  C   . ILE A 1 16  ? 10.178  4.102   0.805   1.00 27.97  ? 17  ILE A C   1 
ATOM   30  O  O   . ILE A 1 16  ? 9.461   3.701   -0.126  1.00 28.57  ? 17  ILE A O   1 
ATOM   31  C  CB  . ILE A 1 16  ? 9.611   3.458   3.188   1.00 28.57  ? 17  ILE A CB  1 
ATOM   32  C  CG1 . ILE A 1 16  ? 9.816   2.410   4.284   1.00 32.17  ? 17  ILE A CG1 1 
ATOM   33  C  CG2 . ILE A 1 16  ? 8.176   3.525   2.726   1.00 29.31  ? 17  ILE A CG2 1 
ATOM   34  C  CD1 . ILE A 1 16  ? 9.167   2.801   5.607   1.00 31.84  ? 17  ILE A CD1 1 
ATOM   35  N  N   . THR A 1 17  ? 10.675  5.326   0.817   1.00 26.66  ? 18  THR A N   1 
ATOM   36  C  CA  . THR A 1 17  ? 10.320  6.269   -0.192  1.00 28.22  ? 18  THR A CA  1 
ATOM   37  C  C   . THR A 1 17  ? 10.728  5.768   -1.576  1.00 31.14  ? 18  THR A C   1 
ATOM   38  O  O   . THR A 1 17  ? 11.844  5.298   -1.756  1.00 31.79  ? 18  THR A O   1 
ATOM   39  C  CB  . THR A 1 17  ? 10.997  7.616   0.057   1.00 29.10  ? 18  THR A CB  1 
ATOM   40  O  OG1 . THR A 1 17  ? 10.453  8.134   1.272   1.00 28.86  ? 18  THR A OG1 1 
ATOM   41  C  CG2 . THR A 1 17  ? 10.795  8.564   -1.105  1.00 29.08  ? 18  THR A CG2 1 
ATOM   42  N  N   . GLY A 1 18  ? 9.805   5.865   -2.538  1.00 29.48  ? 19  GLY A N   1 
ATOM   43  C  CA  . GLY A 1 18  ? 10.087  5.412   -3.892  1.00 29.26  ? 19  GLY A CA  1 
ATOM   44  C  C   . GLY A 1 18  ? 8.934   4.661   -4.511  1.00 28.08  ? 19  GLY A C   1 
ATOM   45  O  O   . GLY A 1 18  ? 7.800   4.687   -4.007  1.00 26.06  ? 19  GLY A O   1 
ATOM   46  N  N   . THR A 1 19  ? 9.236   3.975   -5.592  1.00 25.43  ? 20  THR A N   1 
ATOM   47  C  CA  . THR A 1 19  ? 8.287   3.222   -6.378  1.00 25.34  ? 20  THR A CA  1 
ATOM   48  C  C   . THR A 1 19  ? 8.496   1.741   -6.096  1.00 28.61  ? 20  THR A C   1 
ATOM   49  O  O   . THR A 1 19  ? 9.627   1.225   -6.012  1.00 29.51  ? 20  THR A O   1 
ATOM   50  C  CB  . THR A 1 19  ? 8.451   3.496   -7.886  1.00 28.56  ? 20  THR A CB  1 
ATOM   51  O  OG1 . THR A 1 19  ? 8.278   4.883   -8.151  1.00 30.92  ? 20  THR A OG1 1 
ATOM   52  C  CG2 . THR A 1 19  ? 7.470   2.721   -8.719  1.00 26.38  ? 20  THR A CG2 1 
ATOM   53  N  N   . TRP A 1 20  ? 7.359   1.053   -5.859  1.00 25.21  ? 21  TRP A N   1 
ATOM   54  C  CA  . TRP A 1 20  ? 7.311   -0.333  -5.551  1.00 24.12  ? 21  TRP A CA  1 
ATOM   55  C  C   . TRP A 1 20  ? 6.336   -1.005  -6.482  1.00 22.68  ? 21  TRP A C   1 
ATOM   56  O  O   . TRP A 1 20  ? 5.401   -0.401  -6.945  1.00 23.64  ? 21  TRP A O   1 
ATOM   57  C  CB  . TRP A 1 20  ? 6.844   -0.538  -4.097  1.00 23.28  ? 21  TRP A CB  1 
ATOM   58  C  CG  . TRP A 1 20  ? 7.783   -0.006  -3.077  1.00 24.78  ? 21  TRP A CG  1 
ATOM   59  C  CD1 . TRP A 1 20  ? 7.851   1.261   -2.598  1.00 24.76  ? 21  TRP A CD1 1 
ATOM   60  C  CD2 . TRP A 1 20  ? 8.776   -0.752  -2.374  1.00 23.35  ? 21  TRP A CD2 1 
ATOM   61  N  NE1 . TRP A 1 20  ? 8.825   1.350   -1.664  1.00 24.36  ? 21  TRP A NE1 1 
ATOM   62  C  CE2 . TRP A 1 20  ? 9.440   0.146   -1.517  1.00 25.28  ? 21  TRP A CE2 1 
ATOM   63  C  CE3 . TRP A 1 20  ? 9.205   -2.078  -2.427  1.00 22.83  ? 21  TRP A CE3 1 
ATOM   64  C  CZ2 . TRP A 1 20  ? 10.443  -0.260  -0.644  1.00 22.77  ? 21  TRP A CZ2 1 
ATOM   65  C  CZ3 . TRP A 1 20  ? 10.203  -2.471  -1.565  1.00 24.92  ? 21  TRP A CZ3 1 
ATOM   66  C  CH2 . TRP A 1 20  ? 10.815  -1.580  -0.703  1.00 25.13  ? 21  TRP A CH2 1 
ATOM   67  N  N   . TYR A 1 21  ? 6.565   -2.308  -6.718  1.00 23.48  ? 22  TYR A N   1 
ATOM   68  C  CA  . TYR A 1 21  ? 5.739   -3.100  -7.616  1.00 24.01  ? 22  TYR A CA  1 
ATOM   69  C  C   . TYR A 1 21  ? 5.343   -4.422  -6.948  1.00 24.05  ? 22  TYR A C   1 
ATOM   70  O  O   . TYR A 1 21  ? 6.159   -5.021  -6.230  1.00 25.50  ? 22  TYR A O   1 
ATOM   71  C  CB  . TYR A 1 21  ? 6.535   -3.471  -8.870  1.00 26.32  ? 22  TYR A CB  1 
ATOM   72  C  CG  . TYR A 1 21  ? 7.145   -2.281  -9.567  1.00 24.01  ? 22  TYR A CG  1 
ATOM   73  C  CD1 . TYR A 1 21  ? 6.395   -1.492  -10.417 1.00 26.92  ? 22  TYR A CD1 1 
ATOM   74  C  CD2 . TYR A 1 21  ? 8.456   -1.929  -9.323  1.00 27.43  ? 22  TYR A CD2 1 
ATOM   75  C  CE1 . TYR A 1 21  ? 6.950   -0.390  -11.060 1.00 30.02  ? 22  TYR A CE1 1 
ATOM   76  C  CE2 . TYR A 1 21  ? 9.003   -0.792  -9.888  1.00 27.35  ? 22  TYR A CE2 1 
ATOM   77  C  CZ  . TYR A 1 21  ? 8.271   -0.063  -10.805 1.00 30.91  ? 22  TYR A CZ  1 
ATOM   78  O  OH  . TYR A 1 21  ? 8.866   1.036   -11.356 1.00 29.14  ? 22  TYR A OH  1 
ATOM   79  N  N   . ASN A 1 22  ? 4.083   -4.851  -7.103  1.00 24.30  ? 23  ASN A N   1 
ATOM   80  C  CA  . ASN A 1 22  ? 3.708   -6.126  -6.520  1.00 23.99  ? 23  ASN A CA  1 
ATOM   81  C  C   . ASN A 1 22  ? 3.666   -7.213  -7.591  1.00 29.33  ? 23  ASN A C   1 
ATOM   82  O  O   . ASN A 1 22  ? 3.898   -6.956  -8.774  1.00 29.04  ? 23  ASN A O   1 
ATOM   83  C  CB  . ASN A 1 22  ? 2.429   -6.021  -5.656  1.00 24.81  ? 23  ASN A CB  1 
ATOM   84  C  CG  . ASN A 1 22  ? 1.160   -5.800  -6.442  1.00 26.11  ? 23  ASN A CG  1 
ATOM   85  O  OD1 . ASN A 1 22  ? 1.123   -5.937  -7.673  1.00 26.33  ? 23  ASN A OD1 1 
ATOM   86  N  ND2 . ASN A 1 22  ? 0.086   -5.481  -5.719  1.00 25.45  ? 23  ASN A ND2 1 
ATOM   87  N  N   . GLN A 1 23  ? 3.253   -8.410  -7.169  1.00 30.04  ? 24  GLN A N   1 
ATOM   88  C  CA  . GLN A 1 23  ? 3.233   -9.588  -7.995  1.00 32.52  ? 24  GLN A CA  1 
ATOM   89  C  C   . GLN A 1 23  ? 2.134   -9.532  -9.071  1.00 31.15  ? 24  GLN A C   1 
ATOM   90  O  O   . GLN A 1 23  ? 2.185   -10.314 -10.001 1.00 34.01  ? 24  GLN A O   1 
ATOM   91  C  CB  . GLN A 1 23  ? 3.120   -10.809 -7.068  1.00 31.88  ? 24  GLN A CB  1 
ATOM   92  C  CG  . GLN A 1 23  ? 1.724   -11.034 -6.455  1.00 34.56  ? 24  GLN A CG  1 
ATOM   93  C  CD  . GLN A 1 23  ? 1.301   -10.064 -5.358  1.00 34.43  ? 24  GLN A CD  1 
ATOM   94  O  OE1 . GLN A 1 23  ? 2.115   -9.415  -4.693  1.00 29.06  ? 24  GLN A OE1 1 
ATOM   95  N  NE2 . GLN A 1 23  ? -0.007  -10.011 -5.113  1.00 34.35  ? 24  GLN A NE2 1 
ATOM   96  N  N   . LEU A 1 24  ? 1.160   -8.620  -8.970  1.00 26.25  ? 25  LEU A N   1 
ATOM   97  C  CA  . LEU A 1 24  ? 0.068   -8.468  -9.927  1.00 28.19  ? 25  LEU A CA  1 
ATOM   98  C  C   . LEU A 1 24  ? 0.437   -7.429  -10.999 1.00 31.02  ? 25  LEU A C   1 
ATOM   99  O  O   . LEU A 1 24  ? -0.326  -7.213  -11.887 1.00 35.72  ? 25  LEU A O   1 
ATOM   100 C  CB  . LEU A 1 24  ? -1.198  -8.011  -9.206  1.00 28.89  ? 25  LEU A CB  1 
ATOM   101 C  CG  . LEU A 1 24  ? -1.790  -8.992  -8.196  1.00 32.85  ? 25  LEU A CG  1 
ATOM   102 C  CD1 . LEU A 1 24  ? -2.811  -8.283  -7.318  1.00 32.80  ? 25  LEU A CD1 1 
ATOM   103 C  CD2 . LEU A 1 24  ? -2.426  -10.184 -8.880  1.00 37.54  ? 25  LEU A CD2 1 
ATOM   104 N  N   . GLY A 1 25  ? 1.581   -6.766  -10.833 1.00 30.21  ? 26  GLY A N   1 
ATOM   105 C  CA  . GLY A 1 25  ? 1.970   -5.678  -11.722 1.00 31.31  ? 26  GLY A CA  1 
ATOM   106 C  C   . GLY A 1 25  ? 1.466   -4.325  -11.278 1.00 33.18  ? 26  GLY A C   1 
ATOM   107 O  O   . GLY A 1 25  ? 1.577   -3.373  -12.037 1.00 32.38  ? 26  GLY A O   1 
ATOM   108 N  N   . SER A 1 26  ? 0.922   -4.199  -10.052 1.00 27.03  ? 27  SER A N   1 
ATOM   109 C  CA  . SER A 1 26  ? 0.510   -2.895  -9.555  1.00 24.59  ? 27  SER A CA  1 
ATOM   110 C  C   . SER A 1 26  ? 1.719   -2.037  -9.134  1.00 21.95  ? 27  SER A C   1 
ATOM   111 O  O   . SER A 1 26  ? 2.717   -2.549  -8.772  1.00 26.67  ? 27  SER A O   1 
ATOM   112 C  CB  . SER A 1 26  ? -0.446  -3.056  -8.382  1.00 25.15  ? 27  SER A CB  1 
ATOM   113 O  OG  . SER A 1 26  ? -1.580  -3.805  -8.800  1.00 25.69  ? 27  SER A OG  1 
ATOM   114 N  N   . THR A 1 27  ? 1.542   -0.705  -9.145  1.00 25.17  ? 28  THR A N   1 
ATOM   115 C  CA  . THR A 1 27  ? 2.579   0.277   -8.871  1.00 27.14  ? 28  THR A CA  1 
ATOM   116 C  C   . THR A 1 27  ? 2.180   1.143   -7.686  1.00 24.60  ? 28  THR A C   1 
ATOM   117 O  O   . THR A 1 27  ? 1.144   1.795   -7.750  1.00 27.18  ? 28  THR A O   1 
ATOM   118 C  CB  . THR A 1 27  ? 2.788   1.238   -10.061 1.00 31.38  ? 28  THR A CB  1 
ATOM   119 O  OG1 . THR A 1 27  ? 3.058   0.432   -11.199 1.00 35.56  ? 28  THR A OG1 1 
ATOM   120 C  CG2 . THR A 1 27  ? 3.947   2.188   -9.873  1.00 35.89  ? 28  THR A CG2 1 
ATOM   121 N  N   . PHE A 1 28  ? 3.028   1.169   -6.659  1.00 23.48  ? 29  PHE A N   1 
ATOM   122 C  CA  . PHE A 1 28  ? 2.813   1.882   -5.402  1.00 26.19  ? 29  PHE A CA  1 
ATOM   123 C  C   . PHE A 1 28  ? 3.921   2.939   -5.348  1.00 26.55  ? 29  PHE A C   1 
ATOM   124 O  O   . PHE A 1 28  ? 5.096   2.578   -5.207  1.00 28.52  ? 29  PHE A O   1 
ATOM   125 C  CB  . PHE A 1 28  ? 2.915   0.830   -4.292  1.00 25.82  ? 29  PHE A CB  1 
ATOM   126 C  CG  . PHE A 1 28  ? 3.044   1.289   -2.873  1.00 24.86  ? 29  PHE A CG  1 
ATOM   127 C  CD1 . PHE A 1 28  ? 2.224   2.270   -2.351  1.00 27.69  ? 29  PHE A CD1 1 
ATOM   128 C  CD2 . PHE A 1 28  ? 3.857   0.596   -1.986  1.00 28.37  ? 29  PHE A CD2 1 
ATOM   129 C  CE1 . PHE A 1 28  ? 2.287   2.647   -1.019  1.00 26.72  ? 29  PHE A CE1 1 
ATOM   130 C  CE2 . PHE A 1 28  ? 3.974   1.001   -0.674  1.00 28.36  ? 29  PHE A CE2 1 
ATOM   131 C  CZ  . PHE A 1 28  ? 3.168   2.010   -0.168  1.00 26.93  ? 29  PHE A CZ  1 
ATOM   132 N  N   . ILE A 1 29  ? 3.544   4.198   -5.450  1.00 25.65  ? 30  ILE A N   1 
ATOM   133 C  CA  . ILE A 1 29  ? 4.486   5.307   -5.336  1.00 29.14  ? 30  ILE A CA  1 
ATOM   134 C  C   . ILE A 1 29  ? 4.256   6.007   -4.000  1.00 25.29  ? 30  ILE A C   1 
ATOM   135 O  O   . ILE A 1 29  ? 3.143   6.446   -3.724  1.00 29.97  ? 30  ILE A O   1 
ATOM   136 C  CB  . ILE A 1 29  ? 4.304   6.250   -6.536  1.00 33.08  ? 30  ILE A CB  1 
ATOM   137 C  CG1 . ILE A 1 29  ? 4.707   5.560   -7.839  1.00 38.30  ? 30  ILE A CG1 1 
ATOM   138 C  CG2 . ILE A 1 29  ? 5.085   7.534   -6.335  1.00 34.97  ? 30  ILE A CG2 1 
ATOM   139 C  CD1 . ILE A 1 29  ? 4.252   6.329   -9.067  1.00 35.48  ? 30  ILE A CD1 1 
ATOM   140 N  N   . VAL A 1 30  ? 5.278   6.051   -3.157  1.00 25.57  ? 31  VAL A N   1 
ATOM   141 C  CA  . VAL A 1 30  ? 5.137   6.546   -1.798  1.00 26.62  ? 31  VAL A CA  1 
ATOM   142 C  C   . VAL A 1 30  ? 6.307   7.433   -1.363  1.00 29.69  ? 31  VAL A C   1 
ATOM   143 O  O   . VAL A 1 30  ? 7.468   7.155   -1.626  1.00 28.32  ? 31  VAL A O   1 
ATOM   144 C  CB  . VAL A 1 30  ? 4.954   5.359   -0.825  1.00 27.18  ? 31  VAL A CB  1 
ATOM   145 C  CG1 . VAL A 1 30  ? 6.206   4.496   -0.626  1.00 27.50  ? 31  VAL A CG1 1 
ATOM   146 C  CG2 . VAL A 1 30  ? 4.368   5.832   0.506   1.00 30.79  ? 31  VAL A CG2 1 
ATOM   147 N  N   . THR A 1 31  ? 5.968   8.405   -0.525  1.00 28.28  ? 32  THR A N   1 
ATOM   148 C  CA  . THR A 1 31  ? 6.914   9.206   0.211   1.00 29.39  ? 32  THR A CA  1 
ATOM   149 C  C   . THR A 1 31  ? 6.693   8.982   1.713   1.00 27.13  ? 32  THR A C   1 
ATOM   150 O  O   . THR A 1 31  ? 5.568   9.196   2.219   1.00 27.50  ? 32  THR A O   1 
ATOM   151 C  CB  . THR A 1 31  ? 6.729   10.697  -0.089  1.00 33.14  ? 32  THR A CB  1 
ATOM   152 O  OG1 . THR A 1 31  ? 6.937   10.839  -1.491  1.00 35.59  ? 32  THR A OG1 1 
ATOM   153 C  CG2 . THR A 1 31  ? 7.663   11.572  0.723   1.00 36.15  ? 32  THR A CG2 1 
ATOM   154 N  N   . ALA A 1 32  ? 7.731   8.535   2.411   1.00 27.32  ? 33  ALA A N   1 
ATOM   155 C  CA  . ALA A 1 32  ? 7.742   8.406   3.861   1.00 29.22  ? 33  ALA A CA  1 
ATOM   156 C  C   . ALA A 1 32  ? 8.255   9.717   4.477   1.00 32.52  ? 33  ALA A C   1 
ATOM   157 O  O   . ALA A 1 32  ? 9.431   10.089  4.226   1.00 33.48  ? 33  ALA A O   1 
ATOM   158 C  CB  . ALA A 1 32  ? 8.610   7.259   4.289   1.00 30.10  ? 33  ALA A CB  1 
ATOM   159 N  N   . GLY A 1 33  ? 7.405   10.374  5.260   1.00 29.95  ? 34  GLY A N   1 
ATOM   160 C  CA  . GLY A 1 33  ? 7.689   11.595  6.019   1.00 32.21  ? 34  GLY A CA  1 
ATOM   161 C  C   . GLY A 1 33  ? 8.458   11.324  7.303   1.00 33.83  ? 34  GLY A C   1 
ATOM   162 O  O   . GLY A 1 33  ? 8.391   10.256  7.881   1.00 33.23  ? 34  GLY A O   1 
ATOM   163 N  N   . ALA A 1 34  ? 9.241   12.312  7.778   1.00 34.26  ? 35  ALA A N   1 
ATOM   164 C  CA  . ALA A 1 34  ? 9.998   12.166  9.052   1.00 36.26  ? 35  ALA A CA  1 
ATOM   165 C  C   . ALA A 1 34  ? 9.060   11.927  10.253  1.00 38.05  ? 35  ALA A C   1 
ATOM   166 O  O   . ALA A 1 34  ? 9.457   11.387  11.270  1.00 44.57  ? 35  ALA A O   1 
ATOM   167 C  CB  . ALA A 1 34  ? 10.826  13.418  9.285   1.00 37.90  ? 35  ALA A CB  1 
ATOM   168 N  N   . ASP A 1 35  ? 7.827   12.396  10.105  1.00 40.17  ? 36  ASP A N   1 
ATOM   169 C  CA  . ASP A 1 35  ? 6.806   12.384  11.116  1.00 42.25  ? 36  ASP A CA  1 
ATOM   170 C  C   . ASP A 1 35  ? 6.044   11.040  11.146  1.00 36.38  ? 36  ASP A C   1 
ATOM   171 O  O   . ASP A 1 35  ? 5.108   10.914  11.919  1.00 37.91  ? 36  ASP A O   1 
ATOM   172 C  CB  . ASP A 1 35  ? 5.839   13.532  10.826  1.00 45.87  ? 36  ASP A CB  1 
ATOM   173 C  CG  . ASP A 1 35  ? 5.069   13.387  9.508   1.00 52.65  ? 36  ASP A CG  1 
ATOM   174 O  OD1 . ASP A 1 35  ? 5.566   12.682  8.589   1.00 41.64  ? 36  ASP A OD1 1 
ATOM   175 O  OD2 . ASP A 1 35  ? 3.967   13.980  9.400   1.00 55.59  ? 36  ASP A OD2 1 
ATOM   176 N  N   . GLY A 1 36  ? 6.410   10.070  10.302  1.00 31.95  ? 37  GLY A N   1 
ATOM   177 C  CA  . GLY A 1 36  ? 5.675   8.772   10.230  1.00 30.31  ? 37  GLY A CA  1 
ATOM   178 C  C   . GLY A 1 36  ? 4.588   8.744   9.146   1.00 28.40  ? 37  GLY A C   1 
ATOM   179 O  O   . GLY A 1 36  ? 3.882   7.730   9.060   1.00 26.57  ? 37  GLY A O   1 
ATOM   180 N  N   . ALA A 1 37  ? 4.399   9.812   8.356   1.00 27.54  ? 38  ALA A N   1 
ATOM   181 C  CA  . ALA A 1 37  ? 3.367   9.817   7.282   1.00 27.81  ? 38  ALA A CA  1 
ATOM   182 C  C   . ALA A 1 37  ? 3.840   9.038   6.047   1.00 29.41  ? 38  ALA A C   1 
ATOM   183 O  O   . ALA A 1 37  ? 5.006   9.074   5.665   1.00 26.53  ? 38  ALA A O   1 
ATOM   184 C  CB  . ALA A 1 37  ? 2.937   11.209  6.894   1.00 30.91  ? 38  ALA A CB  1 
ATOM   185 N  N   . LEU A 1 38  ? 2.877   8.367   5.400   1.00 24.41  ? 39  LEU A N   1 
ATOM   186 C  CA  . LEU A 1 38  ? 3.028   7.849   4.068   1.00 23.38  ? 39  LEU A CA  1 
ATOM   187 C  C   . LEU A 1 38  ? 2.005   8.557   3.176   1.00 24.32  ? 39  LEU A C   1 
ATOM   188 O  O   . LEU A 1 38  ? 0.832   8.730   3.526   1.00 25.35  ? 39  LEU A O   1 
ATOM   189 C  CB  . LEU A 1 38  ? 2.753   6.340   3.992   1.00 23.65  ? 39  LEU A CB  1 
ATOM   190 C  CG  . LEU A 1 38  ? 3.610   5.417   4.835   1.00 25.12  ? 39  LEU A CG  1 
ATOM   191 C  CD1 . LEU A 1 38  ? 3.157   3.988   4.653   1.00 22.39  ? 39  LEU A CD1 1 
ATOM   192 C  CD2 . LEU A 1 38  ? 5.093   5.544   4.506   1.00 25.56  ? 39  LEU A CD2 1 
ATOM   193 N  N   . THR A 1 39  ? 2.470   9.039   2.032   1.00 24.75  ? 40  THR A N   1 
ATOM   194 C  CA  A THR A 1 39  ? 1.649   9.733   1.070   0.70 26.17  ? 40  THR A CA  1 
ATOM   195 C  CA  B THR A 1 39  ? 1.602   9.693   1.051   0.30 24.50  ? 40  THR A CA  1 
ATOM   196 C  C   . THR A 1 39  ? 2.081   9.277   -0.336  1.00 26.85  ? 40  THR A C   1 
ATOM   197 O  O   . THR A 1 39  ? 3.259   9.087   -0.555  1.00 30.01  ? 40  THR A O   1 
ATOM   198 C  CB  A THR A 1 39  ? 1.824   11.261  1.185   0.70 29.37  ? 40  THR A CB  1 
ATOM   199 C  CB  B THR A 1 39  ? 1.611   11.233  1.089   0.30 23.93  ? 40  THR A CB  1 
ATOM   200 O  OG1 A THR A 1 39  ? 1.864   11.686  2.549   0.70 30.48  ? 40  THR A OG1 1 
ATOM   201 O  OG1 B THR A 1 39  ? 2.963   11.681  0.963   0.30 22.52  ? 40  THR A OG1 1 
ATOM   202 C  CG2 A THR A 1 39  ? 0.745   11.998  0.431   0.70 33.41  ? 40  THR A CG2 1 
ATOM   203 C  CG2 B THR A 1 39  ? 0.966   11.819  2.322   0.30 23.67  ? 40  THR A CG2 1 
ATOM   204 N  N   . GLY A 1 40  ? 1.148   9.187   -1.279  1.00 25.84  ? 41  GLY A N   1 
ATOM   205 C  CA  . GLY A 1 40  ? 1.493   8.822   -2.644  1.00 26.29  ? 41  GLY A CA  1 
ATOM   206 C  C   . GLY A 1 40  ? 0.288   8.433   -3.479  1.00 22.22  ? 41  GLY A C   1 
ATOM   207 O  O   . GLY A 1 40  ? -0.848  8.938   -3.284  1.00 22.84  ? 41  GLY A O   1 
ATOM   208 N  N   . THR A 1 41  ? 0.546   7.534   -4.434  1.00 23.26  ? 42  THR A N   1 
ATOM   209 C  CA  . THR A 1 41  ? -0.438  7.125   -5.388  1.00 24.32  ? 42  THR A CA  1 
ATOM   210 C  C   . THR A 1 41  ? -0.295  5.618   -5.576  1.00 24.82  ? 42  THR A C   1 
ATOM   211 O  O   . THR A 1 41  ? 0.841   5.087   -5.432  1.00 24.97  ? 42  THR A O   1 
ATOM   212 C  CB  . THR A 1 41  ? -0.368  7.856   -6.747  1.00 27.35  ? 42  THR A CB  1 
ATOM   213 O  OG1 . THR A 1 41  ? 0.886   7.519   -7.314  1.00 28.35  ? 42  THR A OG1 1 
ATOM   214 C  CG2 . THR A 1 41  ? -0.554  9.357   -6.637  1.00 31.36  ? 42  THR A CG2 1 
ATOM   215 N  N   . TYR A 1 42  ? -1.433  4.995   -5.922  1.00 23.89  ? 43  TYR A N   1 
ATOM   216 C  CA  . TYR A 1 42  ? -1.491  3.579   -6.204  1.00 23.75  ? 43  TYR A CA  1 
ATOM   217 C  C   . TYR A 1 42  ? -2.186  3.384   -7.539  1.00 22.49  ? 43  TYR A C   1 
ATOM   218 O  O   . TYR A 1 42  ? -3.203  4.002   -7.790  1.00 24.28  ? 43  TYR A O   1 
ATOM   219 C  CB  . TYR A 1 42  ? -2.276  2.845   -5.107  1.00 23.35  ? 43  TYR A CB  1 
ATOM   220 C  CG  . TYR A 1 42  ? -1.975  1.369   -5.030  1.00 21.48  ? 43  TYR A CG  1 
ATOM   221 C  CD1 . TYR A 1 42  ? -2.639  0.457   -5.837  1.00 22.42  ? 43  TYR A CD1 1 
ATOM   222 C  CD2 . TYR A 1 42  ? -1.041  0.876   -4.136  1.00 21.48  ? 43  TYR A CD2 1 
ATOM   223 C  CE1 . TYR A 1 42  ? -2.338  -0.906  -5.796  1.00 22.86  ? 43  TYR A CE1 1 
ATOM   224 C  CE2 . TYR A 1 42  ? -0.750  -0.480  -4.076  1.00 20.22  ? 43  TYR A CE2 1 
ATOM   225 C  CZ  . TYR A 1 42  ? -1.402  -1.375  -4.888  1.00 21.38  ? 43  TYR A CZ  1 
ATOM   226 O  OH  . TYR A 1 42  ? -1.045  -2.700  -4.791  1.00 22.41  ? 43  TYR A OH  1 
ATOM   227 N  N   . GLU A 1 43  ? -1.604  2.522   -8.386  1.00 25.45  ? 44  GLU A N   1 
ATOM   228 C  CA  . GLU A 1 43  ? -2.191  2.104   -9.643  1.00 24.86  ? 44  GLU A CA  1 
ATOM   229 C  C   . GLU A 1 43  ? -2.317  0.582   -9.623  1.00 24.87  ? 44  GLU A C   1 
ATOM   230 O  O   . GLU A 1 43  ? -1.333  -0.103  -9.562  1.00 25.19  ? 44  GLU A O   1 
ATOM   231 C  CB  . GLU A 1 43  ? -1.285  2.493   -10.815 1.00 28.59  ? 44  GLU A CB  1 
ATOM   232 C  CG  . GLU A 1 43  ? -1.932  2.210   -12.161 1.00 30.63  ? 44  GLU A CG  1 
ATOM   233 C  CD  . GLU A 1 43  ? -1.216  2.839   -13.353 1.00 37.35  ? 44  GLU A CD  1 
ATOM   234 O  OE1 . GLU A 1 43  ? -1.614  2.536   -14.494 1.00 47.31  ? 44  GLU A OE1 1 
ATOM   235 O  OE2 . GLU A 1 43  ? -0.316  3.679   -13.118 1.00 40.19  ? 44  GLU A OE2 1 
ATOM   236 N  N   . SER A 1 44  ? -3.555  0.072   -9.635  1.00 25.80  ? 45  SER A N   1 
ATOM   237 C  CA  . SER A 1 44  ? -3.783  -1.348  -9.616  1.00 24.45  ? 45  SER A CA  1 
ATOM   238 C  C   . SER A 1 44  ? -3.777  -1.896  -11.035 1.00 26.98  ? 45  SER A C   1 
ATOM   239 O  O   . SER A 1 44  ? -4.458  -1.379  -11.855 1.00 28.75  ? 45  SER A O   1 
ATOM   240 C  CB  . SER A 1 44  ? -5.095  -1.682  -8.958  1.00 26.56  ? 45  SER A CB  1 
ATOM   241 O  OG  . SER A 1 44  ? -5.232  -3.095  -8.959  1.00 26.64  ? 45  SER A OG  1 
ATOM   242 N  N   . ALA A 1 45  ? -3.054  -2.989  -11.236 1.00 26.99  ? 46  ALA A N   1 
ATOM   243 C  CA  . ALA A 1 45  ? -3.053  -3.706  -12.499 1.00 30.43  ? 46  ALA A CA  1 
ATOM   244 C  C   . ALA A 1 45  ? -4.323  -4.562  -12.666 1.00 30.57  ? 46  ALA A C   1 
ATOM   245 O  O   . ALA A 1 45  ? -4.537  -5.163  -13.731 1.00 30.99  ? 46  ALA A O   1 
ATOM   246 C  CB  . ALA A 1 45  ? -1.823  -4.543  -12.549 1.00 33.20  ? 46  ALA A CB  1 
ATOM   247 N  N   . VAL A 1 46  ? -5.152  -4.673  -11.623 1.00 28.15  ? 47  VAL A N   1 
ATOM   248 C  CA  . VAL A 1 46  ? -6.299  -5.576  -11.636 1.00 27.71  ? 47  VAL A CA  1 
ATOM   249 C  C   . VAL A 1 46  ? -7.496  -4.896  -10.989 1.00 26.67  ? 47  VAL A C   1 
ATOM   250 O  O   . VAL A 1 46  ? -7.369  -3.895  -10.300 1.00 27.15  ? 47  VAL A O   1 
ATOM   251 C  CB  . VAL A 1 46  ? -6.038  -6.913  -10.917 1.00 27.35  ? 47  VAL A CB  1 
ATOM   252 C  CG1 . VAL A 1 46  ? -4.956  -7.726  -11.596 1.00 28.45  ? 47  VAL A CG1 1 
ATOM   253 C  CG2 . VAL A 1 46  ? -5.710  -6.704  -9.430  1.00 27.13  ? 47  VAL A CG2 1 
ATOM   254 N  N   . GLY A 1 47  ? -8.667  -5.471  -11.253 1.00 26.51  ? 48  GLY A N   1 
ATOM   255 C  CA  . GLY A 1 47  ? -9.914  -5.030  -10.653 1.00 28.13  ? 48  GLY A CA  1 
ATOM   256 C  C   . GLY A 1 47  ? -10.538 -3.822  -11.322 1.00 27.51  ? 48  GLY A C   1 
ATOM   257 O  O   . GLY A 1 47  ? -10.226 -3.433  -12.454 1.00 28.51  ? 48  GLY A O   1 
ATOM   258 N  N   . ASN A 1 48  ? -11.497 -3.236  -10.621 1.00 27.43  ? 49  ASN A N   1 
ATOM   259 C  CA  . ASN A 1 48  ? -12.293 -2.144  -11.132 1.00 27.95  ? 49  ASN A CA  1 
ATOM   260 C  C   . ASN A 1 48  ? -11.552 -0.834  -10.823 1.00 28.47  ? 49  ASN A C   1 
ATOM   261 O  O   . ASN A 1 48  ? -11.887 -0.113  -9.884  1.00 27.30  ? 49  ASN A O   1 
ATOM   262 C  CB  . ASN A 1 48  ? -13.692 -2.140  -10.527 1.00 28.41  ? 49  ASN A CB  1 
ATOM   263 C  CG  . ASN A 1 48  ? -14.591 -1.117  -11.178 1.00 34.55  ? 49  ASN A CG  1 
ATOM   264 O  OD1 . ASN A 1 48  ? -14.207 -0.505  -12.190 1.00 34.06  ? 49  ASN A OD1 1 
ATOM   265 N  ND2 . ASN A 1 48  ? -15.739 -0.874  -10.566 1.00 33.47  ? 49  ASN A ND2 1 
ATOM   266 N  N   . ALA A 1 49  ? -10.502 -0.576  -11.589 1.00 26.93  ? 50  ALA A N   1 
ATOM   267 C  CA  . ALA A 1 49  ? -9.574  0.490   -11.279 1.00 27.80  ? 50  ALA A CA  1 
ATOM   268 C  C   . ALA A 1 49  ? -8.873  0.930   -12.567 1.00 27.35  ? 50  ALA A C   1 
ATOM   269 O  O   . ALA A 1 49  ? -8.563  0.114   -13.402 1.00 28.50  ? 50  ALA A O   1 
ATOM   270 C  CB  . ALA A 1 49  ? -8.560  0.026   -10.252 1.00 29.77  ? 50  ALA A CB  1 
ATOM   271 N  N   . GLU A 1 50  ? -8.586  2.214   -12.683 1.00 26.82  ? 51  GLU A N   1 
ATOM   272 C  CA  . GLU A 1 50  ? -7.723  2.675   -13.751 1.00 31.97  ? 51  GLU A CA  1 
ATOM   273 C  C   . GLU A 1 50  ? -7.041  3.954   -13.298 1.00 27.30  ? 51  GLU A C   1 
ATOM   274 O  O   . GLU A 1 50  ? -7.625  4.752   -12.575 1.00 28.43  ? 51  GLU A O   1 
ATOM   275 C  CB  . GLU A 1 50  ? -8.517  2.884   -15.047 1.00 35.92  ? 51  GLU A CB  1 
ATOM   276 C  CG  . GLU A 1 50  ? -9.388  4.099   -15.059 1.00 38.87  ? 51  GLU A CG  1 
ATOM   277 C  CD  . GLU A 1 50  ? -10.103 4.336   -16.387 1.00 47.39  ? 51  GLU A CD  1 
ATOM   278 O  OE1 . GLU A 1 50  ? -11.318 4.061   -16.483 1.00 46.18  ? 51  GLU A OE1 1 
ATOM   279 O  OE2 . GLU A 1 50  ? -9.431  4.776   -17.328 1.00 43.17  ? 51  GLU A OE2 1 
ATOM   280 N  N   . SER A 1 51  ? -5.830  4.115   -13.793 1.00 29.89  ? 52  SER A N   1 
ATOM   281 C  CA  . SER A 1 51  ? -4.979  5.220   -13.510 1.00 32.17  ? 52  SER A CA  1 
ATOM   282 C  C   . SER A 1 51  ? -4.621  5.212   -12.010 1.00 28.87  ? 52  SER A C   1 
ATOM   283 O  O   . SER A 1 51  ? -4.647  4.159   -11.339 1.00 29.57  ? 52  SER A O   1 
ATOM   284 C  CB  . SER A 1 51  ? -5.600  6.497   -13.984 1.00 37.67  ? 52  SER A CB  1 
ATOM   285 O  OG  . SER A 1 51  ? -4.663  7.561   -13.901 1.00 40.64  ? 52  SER A OG  1 
ATOM   286 N  N   . ARG A 1 52  ? -4.327  6.386   -11.461 1.00 28.56  ? 53  ARG A N   1 
ATOM   287 C  CA  . ARG A 1 52  ? -3.742  6.455   -10.132 1.00 27.20  ? 53  ARG A CA  1 
ATOM   288 C  C   . ARG A 1 52  ? -4.799  6.905   -9.118  1.00 29.01  ? 53  ARG A C   1 
ATOM   289 O  O   . ARG A 1 52  ? -5.700  7.685   -9.442  1.00 27.79  ? 53  ARG A O   1 
ATOM   290 C  CB  . ARG A 1 52  ? -2.579  7.457   -10.093 1.00 30.05  ? 53  ARG A CB  1 
ATOM   291 C  CG  . ARG A 1 52  ? -1.291  6.884   -10.678 1.00 32.36  ? 53  ARG A CG  1 
ATOM   292 C  CD  . ARG A 1 52  ? -0.205  7.934   -10.830 1.00 41.33  ? 53  ARG A CD  1 
ATOM   293 N  NE  . ARG A 1 52  ? -0.689  9.047   -11.651 1.00 50.92  ? 53  ARG A NE  1 
ATOM   294 C  CZ  . ARG A 1 52  ? -0.587  9.107   -12.980 1.00 61.24  ? 53  ARG A CZ  1 
ATOM   295 N  NH1 . ARG A 1 52  ? -1.109  10.127  -13.642 1.00 66.86  ? 53  ARG A NH1 1 
ATOM   296 N  NH2 . ARG A 1 52  ? 0.032   8.143   -13.641 1.00 70.01  ? 53  ARG A NH2 1 
ATOM   297 N  N   . TYR A 1 53  ? -4.666  6.368   -7.895  1.00 25.59  ? 54  TYR A N   1 
ATOM   298 C  CA  . TYR A 1 53  ? -5.517  6.700   -6.766  1.00 22.59  ? 54  TYR A CA  1 
ATOM   299 C  C   . TYR A 1 53  ? -4.665  7.217   -5.606  1.00 22.03  ? 54  TYR A C   1 
ATOM   300 O  O   . TYR A 1 53  ? -3.566  6.791   -5.395  1.00 25.21  ? 54  TYR A O   1 
ATOM   301 C  CB  . TYR A 1 53  ? -6.289  5.451   -6.293  1.00 22.55  ? 54  TYR A CB  1 
ATOM   302 C  CG  . TYR A 1 53  ? -7.233  4.916   -7.345  1.00 21.72  ? 54  TYR A CG  1 
ATOM   303 C  CD1 . TYR A 1 53  ? -6.775  4.125   -8.381  1.00 22.04  ? 54  TYR A CD1 1 
ATOM   304 C  CD2 . TYR A 1 53  ? -8.583  5.215   -7.300  1.00 22.51  ? 54  TYR A CD2 1 
ATOM   305 C  CE1 . TYR A 1 53  ? -7.615  3.707   -9.406  1.00 23.61  ? 54  TYR A CE1 1 
ATOM   306 C  CE2 . TYR A 1 53  ? -9.457  4.725   -8.265  1.00 24.06  ? 54  TYR A CE2 1 
ATOM   307 C  CZ  . TYR A 1 53  ? -8.967  3.990   -9.343  1.00 25.52  ? 54  TYR A CZ  1 
ATOM   308 O  OH  . TYR A 1 53  ? -9.841  3.564   -10.308 1.00 26.86  ? 54  TYR A OH  1 
ATOM   309 N  N   . VAL A 1 54  ? -5.215  8.164   -4.851  1.00 23.09  ? 55  VAL A N   1 
ATOM   310 C  CA  . VAL A 1 54  ? -4.520  8.729   -3.732  1.00 24.26  ? 55  VAL A CA  1 
ATOM   311 C  C   . VAL A 1 54  ? -4.374  7.654   -2.649  1.00 23.70  ? 55  VAL A C   1 
ATOM   312 O  O   . VAL A 1 54  ? -5.302  6.889   -2.402  1.00 24.15  ? 55  VAL A O   1 
ATOM   313 C  CB  . VAL A 1 54  ? -5.285  9.949   -3.179  1.00 26.00  ? 55  VAL A CB  1 
ATOM   314 C  CG1 . VAL A 1 54  ? -4.707  10.435  -1.845  1.00 25.61  ? 55  VAL A CG1 1 
ATOM   315 C  CG2 . VAL A 1 54  ? -5.328  11.067  -4.186  1.00 28.58  ? 55  VAL A CG2 1 
ATOM   316 N  N   . LEU A 1 55  ? -3.205  7.584   -2.025  1.00 24.21  ? 56  LEU A N   1 
ATOM   317 C  CA  . LEU A 1 55  ? -3.052  6.809   -0.803  1.00 25.75  ? 56  LEU A CA  1 
ATOM   318 C  C   . LEU A 1 55  ? -2.473  7.643   0.320   1.00 25.79  ? 56  LEU A C   1 
ATOM   319 O  O   . LEU A 1 55  ? -1.728  8.616   0.107   1.00 23.86  ? 56  LEU A O   1 
ATOM   320 C  CB  . LEU A 1 55  ? -2.161  5.602   -1.065  1.00 27.42  ? 56  LEU A CB  1 
ATOM   321 C  CG  . LEU A 1 55  ? -0.671  5.822   -1.200  1.00 26.66  ? 56  LEU A CG  1 
ATOM   322 C  CD1 . LEU A 1 55  ? 0.099   5.717   0.135   1.00 26.52  ? 56  LEU A CD1 1 
ATOM   323 C  CD2 . LEU A 1 55  ? -0.118  4.798   -2.153  1.00 30.83  ? 56  LEU A CD2 1 
ATOM   324 N  N   A THR A 1 56  ? -2.782  7.200   1.534   0.70 22.04  ? 57  THR A N   1 
ATOM   325 N  N   B THR A 1 56  ? -2.894  7.333   1.552   0.30 22.75  ? 57  THR A N   1 
ATOM   326 C  CA  A THR A 1 56  ? -2.196  7.753   2.691   0.70 22.54  ? 57  THR A CA  1 
ATOM   327 C  CA  B THR A 1 56  ? -2.212  7.832   2.743   0.30 22.37  ? 57  THR A CA  1 
ATOM   328 C  C   A THR A 1 56  ? -2.029  6.624   3.693   0.70 22.22  ? 57  THR A C   1 
ATOM   329 C  C   B THR A 1 56  ? -2.145  6.734   3.795   0.30 21.49  ? 57  THR A C   1 
ATOM   330 O  O   A THR A 1 56  ? -2.770  5.610   3.651   0.70 22.14  ? 57  THR A O   1 
ATOM   331 O  O   B THR A 1 56  ? -3.099  5.901   3.919   0.30 19.12  ? 57  THR A O   1 
ATOM   332 C  CB  A THR A 1 56  ? -3.063  8.926   3.190   0.70 26.30  ? 57  THR A CB  1 
ATOM   333 C  CB  B THR A 1 56  ? -2.909  9.020   3.428   0.30 23.26  ? 57  THR A CB  1 
ATOM   334 O  OG1 A THR A 1 56  ? -2.427  9.568   4.287   0.70 27.00  ? 57  THR A OG1 1 
ATOM   335 O  OG1 B THR A 1 56  ? -4.080  8.547   4.088   0.30 23.27  ? 57  THR A OG1 1 
ATOM   336 C  CG2 A THR A 1 56  ? -4.454  8.533   3.613   0.70 26.71  ? 57  THR A CG2 1 
ATOM   337 C  CG2 B THR A 1 56  ? -3.288  10.137  2.485   0.30 24.30  ? 57  THR A CG2 1 
ATOM   338 N  N   . GLY A 1 57  ? -1.063  6.783   4.576   1.00 21.89  ? 58  GLY A N   1 
ATOM   339 C  CA  . GLY A 1 57  ? -0.837  5.810   5.605   1.00 21.79  ? 58  GLY A CA  1 
ATOM   340 C  C   . GLY A 1 57  ? 0.141   6.283   6.639   1.00 21.57  ? 58  GLY A C   1 
ATOM   341 O  O   . GLY A 1 57  ? 0.483   7.434   6.710   1.00 22.19  ? 58  GLY A O   1 
ATOM   342 N  N   . ARG A 1 58  ? 0.664   5.329   7.380   1.00 22.03  ? 59  ARG A N   1 
ATOM   343 C  CA  . ARG A 1 58  ? 1.576   5.585   8.490   1.00 22.18  ? 59  ARG A CA  1 
ATOM   344 C  C   . ARG A 1 58  ? 2.637   4.492   8.531   1.00 22.84  ? 59  ARG A C   1 
ATOM   345 O  O   . ARG A 1 58  ? 2.385   3.349   8.177   1.00 22.68  ? 59  ARG A O   1 
ATOM   346 C  CB  . ARG A 1 58  ? 0.846   5.617   9.828   1.00 22.75  ? 59  ARG A CB  1 
ATOM   347 C  CG  . ARG A 1 58  ? -0.219  6.683   9.969   1.00 22.53  ? 59  ARG A CG  1 
ATOM   348 C  CD  . ARG A 1 58  ? 0.174   8.127   10.043  1.00 24.23  ? 59  ARG A CD  1 
ATOM   349 N  NE  . ARG A 1 58  ? 1.000   8.337   11.204  1.00 25.42  ? 59  ARG A NE  1 
ATOM   350 C  CZ  . ARG A 1 58  ? 1.829   9.360   11.387  1.00 27.05  ? 59  ARG A CZ  1 
ATOM   351 N  NH1 . ARG A 1 58  ? 1.844   10.366  10.525  1.00 25.91  ? 59  ARG A NH1 1 
ATOM   352 N  NH2 . ARG A 1 58  ? 2.549   9.397   12.494  1.00 26.95  ? 59  ARG A NH2 1 
ATOM   353 N  N   . TYR A 1 59  ? 3.794   4.812   9.117   1.00 23.95  ? 60  TYR A N   1 
ATOM   354 C  CA  . TYR A 1 59  ? 4.830   3.833   9.340   1.00 22.87  ? 60  TYR A CA  1 
ATOM   355 C  C   . TYR A 1 59  ? 5.537   4.150   10.659  1.00 24.91  ? 60  TYR A C   1 
ATOM   356 O  O   . TYR A 1 59  ? 5.483   5.268   11.140  1.00 24.47  ? 60  TYR A O   1 
ATOM   357 C  CB  . TYR A 1 59  ? 5.827   3.737   8.168   1.00 23.11  ? 60  TYR A CB  1 
ATOM   358 C  CG  . TYR A 1 59  ? 6.836   4.856   8.116   1.00 24.99  ? 60  TYR A CG  1 
ATOM   359 C  CD1 . TYR A 1 59  ? 6.449   6.103   7.687   1.00 25.47  ? 60  TYR A CD1 1 
ATOM   360 C  CD2 . TYR A 1 59  ? 8.150   4.661   8.503   1.00 26.30  ? 60  TYR A CD2 1 
ATOM   361 C  CE1 . TYR A 1 59  ? 7.342   7.162   7.663   1.00 28.58  ? 60  TYR A CE1 1 
ATOM   362 C  CE2 . TYR A 1 59  ? 9.040   5.721   8.543   1.00 28.70  ? 60  TYR A CE2 1 
ATOM   363 C  CZ  . TYR A 1 59  ? 8.642   6.965   8.084   1.00 32.47  ? 60  TYR A CZ  1 
ATOM   364 O  OH  . TYR A 1 59  ? 9.522   8.025   8.028   1.00 32.63  ? 60  TYR A OH  1 
ATOM   365 N  N   . ASP A 1 60  ? 6.160   3.122   11.217  1.00 24.41  ? 61  ASP A N   1 
ATOM   366 C  CA  . ASP A 1 60  ? 7.001   3.244   12.446  1.00 26.53  ? 61  ASP A CA  1 
ATOM   367 C  C   . ASP A 1 60  ? 8.300   3.996   12.101  1.00 27.28  ? 61  ASP A C   1 
ATOM   368 O  O   . ASP A 1 60  ? 9.159   3.445   11.455  1.00 27.64  ? 61  ASP A O   1 
ATOM   369 C  CB  . ASP A 1 60  ? 7.335   1.881   13.018  1.00 25.47  ? 61  ASP A CB  1 
ATOM   370 C  CG  . ASP A 1 60  ? 8.198   1.914   14.279  1.00 27.39  ? 61  ASP A CG  1 
ATOM   371 O  OD1 . ASP A 1 60  ? 8.535   3.045   14.780  1.00 29.17  ? 61  ASP A OD1 1 
ATOM   372 O  OD2 . ASP A 1 60  ? 8.518   0.830   14.744  1.00 27.03  ? 61  ASP A OD2 1 
ATOM   373 N  N   . SER A 1 61  ? 8.372   5.270   12.476  1.00 30.37  ? 62  SER A N   1 
ATOM   374 C  CA  . SER A 1 61  ? 9.516   6.128   12.095  1.00 33.34  ? 62  SER A CA  1 
ATOM   375 C  C   . SER A 1 61  ? 10.717  5.966   13.055  1.00 38.28  ? 62  SER A C   1 
ATOM   376 O  O   . SER A 1 61  ? 11.714  6.710   12.918  1.00 36.49  ? 62  SER A O   1 
ATOM   377 C  CB  . SER A 1 61  ? 9.078   7.552   12.002  1.00 33.59  ? 62  SER A CB  1 
ATOM   378 O  OG  . SER A 1 61  ? 8.505   7.987   13.212  1.00 37.61  ? 62  SER A OG  1 
ATOM   379 N  N   . ALA A 1 62  ? 10.648  5.014   13.998  1.00 30.88  ? 63  ALA A N   1 
ATOM   380 C  CA  . ALA A 1 62  ? 11.784  4.650   14.914  1.00 35.07  ? 63  ALA A CA  1 
ATOM   381 C  C   . ALA A 1 62  ? 11.786  3.145   15.143  1.00 34.71  ? 63  ALA A C   1 
ATOM   382 O  O   . ALA A 1 62  ? 11.546  2.668   16.250  1.00 35.20  ? 63  ALA A O   1 
ATOM   383 C  CB  . ALA A 1 62  ? 11.688  5.383   16.236  1.00 35.40  ? 63  ALA A CB  1 
ATOM   384 N  N   . PRO A 1 63  ? 11.992  2.345   14.076  1.00 35.08  ? 64  PRO A N   1 
ATOM   385 C  CA  . PRO A 1 63  ? 11.897  0.890   14.175  1.00 36.80  ? 64  PRO A CA  1 
ATOM   386 C  C   . PRO A 1 63  ? 13.235  0.266   14.584  1.00 44.47  ? 64  PRO A C   1 
ATOM   387 O  O   . PRO A 1 63  ? 14.194  0.998   14.867  1.00 47.51  ? 64  PRO A O   1 
ATOM   388 C  CB  . PRO A 1 63  ? 11.541  0.510   12.738  1.00 38.47  ? 64  PRO A CB  1 
ATOM   389 C  CG  . PRO A 1 63  ? 12.313  1.514   11.910  1.00 36.71  ? 64  PRO A CG  1 
ATOM   390 C  CD  . PRO A 1 63  ? 12.327  2.800   12.718  1.00 36.19  ? 64  PRO A CD  1 
ATOM   391 N  N   . ALA A 1 64  ? 13.304  -1.066  14.554  1.00 47.38  ? 65  ALA A N   1 
ATOM   392 C  CA  . ALA A 1 64  ? 14.604  -1.767  14.626  1.00 52.77  ? 65  ALA A CA  1 
ATOM   393 C  C   . ALA A 1 64  ? 15.535  -1.178  13.552  1.00 57.80  ? 65  ALA A C   1 
ATOM   394 O  O   . ALA A 1 64  ? 15.140  -1.023  12.381  1.00 49.80  ? 65  ALA A O   1 
ATOM   395 C  CB  . ALA A 1 64  ? 14.388  -3.249  14.455  1.00 52.24  ? 65  ALA A CB  1 
ATOM   396 N  N   . THR A 1 65  ? 16.755  -0.791  13.962  1.00 56.39  ? 66  THR A N   1 
ATOM   397 C  CA  . THR A 1 65  ? 17.670  -0.015  13.097  1.00 61.16  ? 66  THR A CA  1 
ATOM   398 C  C   . THR A 1 65  ? 18.297  -0.893  11.998  1.00 59.98  ? 66  THR A C   1 
ATOM   399 O  O   . THR A 1 65  ? 18.815  -0.359  11.031  1.00 64.73  ? 66  THR A O   1 
ATOM   400 C  CB  . THR A 1 65  ? 18.762  0.700   13.912  1.00 65.85  ? 66  THR A CB  1 
ATOM   401 O  OG1 . THR A 1 65  ? 19.201  -0.192  14.936  1.00 64.56  ? 66  THR A OG1 1 
ATOM   402 C  CG2 . THR A 1 65  ? 18.288  2.003   14.524  1.00 64.14  ? 66  THR A CG2 1 
ATOM   403 N  N   . ASP A 1 66  ? 18.226  -2.226  12.128  1.00 59.94  ? 67  ASP A N   1 
ATOM   404 C  CA  . ASP A 1 66  ? 18.811  -3.171  11.131  1.00 65.42  ? 67  ASP A CA  1 
ATOM   405 C  C   . ASP A 1 66  ? 17.966  -3.241  9.839   1.00 67.28  ? 67  ASP A C   1 
ATOM   406 O  O   . ASP A 1 66  ? 18.278  -4.016  8.923   1.00 65.11  ? 67  ASP A O   1 
ATOM   407 C  CB  . ASP A 1 66  ? 19.001  -4.565  11.748  1.00 66.91  ? 67  ASP A CB  1 
ATOM   408 C  CG  . ASP A 1 66  ? 17.749  -5.185  12.353  1.00 74.80  ? 67  ASP A CG  1 
ATOM   409 O  OD1 . ASP A 1 66  ? 16.640  -4.663  12.102  1.00 72.92  ? 67  ASP A OD1 1 
ATOM   410 O  OD2 . ASP A 1 66  ? 17.888  -6.193  13.074  1.00 75.74  ? 67  ASP A OD2 1 
ATOM   411 N  N   . GLY A 1 67  ? 16.890  -2.446  9.759   1.00 62.15  ? 68  GLY A N   1 
ATOM   412 C  CA  . GLY A 1 67  ? 15.930  -2.471  8.631   1.00 58.67  ? 68  GLY A CA  1 
ATOM   413 C  C   . GLY A 1 67  ? 15.231  -3.817  8.450   1.00 51.58  ? 68  GLY A C   1 
ATOM   414 O  O   . GLY A 1 67  ? 14.657  -4.064  7.390   1.00 46.95  ? 68  GLY A O   1 
ATOM   415 N  N   . SER A 1 68  ? 15.251  -4.680  9.478   1.00 46.79  ? 69  SER A N   1 
ATOM   416 C  CA  . SER A 1 68  ? 14.795  -6.073  9.350   1.00 47.31  ? 69  SER A CA  1 
ATOM   417 C  C   . SER A 1 68  ? 13.256  -6.188  9.383   1.00 50.37  ? 69  SER A C   1 
ATOM   418 O  O   . SER A 1 68  ? 12.712  -7.247  9.009   1.00 47.89  ? 69  SER A O   1 
ATOM   419 C  CB  . SER A 1 68  ? 15.423  -6.954  10.411  1.00 49.40  ? 69  SER A CB  1 
ATOM   420 O  OG  . SER A 1 68  ? 15.038  -6.553  11.723  1.00 49.28  ? 69  SER A OG  1 
ATOM   421 N  N   . GLY A 1 69  ? 12.548  -5.135  9.821   1.00 45.94  ? 70  GLY A N   1 
ATOM   422 C  CA  . GLY A 1 69  ? 11.067  -5.175  9.875   1.00 36.67  ? 70  GLY A CA  1 
ATOM   423 C  C   . GLY A 1 69  ? 10.454  -3.896  10.434  1.00 30.75  ? 70  GLY A C   1 
ATOM   424 O  O   . GLY A 1 69  ? 10.284  -3.767  11.621  1.00 33.25  ? 70  GLY A O   1 
ATOM   425 N  N   . THR A 1 70  ? 10.086  -2.964  9.555   1.00 28.59  ? 71  THR A N   1 
ATOM   426 C  CA  . THR A 1 70  ? 9.433   -1.703  9.912   1.00 26.59  ? 71  THR A CA  1 
ATOM   427 C  C   . THR A 1 70  ? 7.912   -1.796  9.627   1.00 23.77  ? 71  THR A C   1 
ATOM   428 O  O   . THR A 1 70  ? 7.527   -1.886  8.468   1.00 25.73  ? 71  THR A O   1 
ATOM   429 C  CB  . THR A 1 70  ? 10.046  -0.563  9.108   1.00 29.48  ? 71  THR A CB  1 
ATOM   430 O  OG1 . THR A 1 70  ? 11.437  -0.567  9.459   1.00 32.34  ? 71  THR A OG1 1 
ATOM   431 C  CG2 . THR A 1 70  ? 9.408   0.784   9.363   1.00 30.97  ? 71  THR A CG2 1 
ATOM   432 N  N   . ALA A 1 71  ? 7.079   -1.699  10.668  1.00 25.14  ? 72  ALA A N   1 
ATOM   433 C  CA  . ALA A 1 71  ? 5.634   -1.843  10.531  1.00 22.17  ? 72  ALA A CA  1 
ATOM   434 C  C   . ALA A 1 71  ? 5.077   -0.609  9.818   1.00 22.87  ? 72  ALA A C   1 
ATOM   435 O  O   . ALA A 1 71  ? 5.532   0.536   10.036  1.00 23.25  ? 72  ALA A O   1 
ATOM   436 C  CB  . ALA A 1 71  ? 4.958   -2.007  11.857  1.00 23.40  ? 72  ALA A CB  1 
ATOM   437 N  N   A LEU A 1 72  ? 4.096   -0.857  8.940   0.70 22.18  ? 73  LEU A N   1 
ATOM   438 N  N   B LEU A 1 72  ? 4.065   -0.835  8.985   0.30 19.70  ? 73  LEU A N   1 
ATOM   439 C  CA  A LEU A 1 72  ? 3.500   0.204   8.158   0.70 25.20  ? 73  LEU A CA  1 
ATOM   440 C  CA  B LEU A 1 72  ? 3.426   0.247   8.298   0.30 19.15  ? 73  LEU A CA  1 
ATOM   441 C  C   A LEU A 1 72  ? 2.131   -0.247  7.645   0.70 23.21  ? 73  LEU A C   1 
ATOM   442 C  C   B LEU A 1 72  ? 2.047   -0.212  7.840   0.30 19.51  ? 73  LEU A C   1 
ATOM   443 O  O   A LEU A 1 72  ? 1.801   -1.461  7.669   0.70 23.13  ? 73  LEU A O   1 
ATOM   444 O  O   B LEU A 1 72  ? 1.669   -1.382  8.051   0.30 19.32  ? 73  LEU A O   1 
ATOM   445 C  CB  A LEU A 1 72  ? 4.468   0.645   7.040   0.70 26.41  ? 73  LEU A CB  1 
ATOM   446 C  CB  B LEU A 1 72  ? 4.299   0.677   7.113   0.30 17.36  ? 73  LEU A CB  1 
ATOM   447 C  CG  A LEU A 1 72  ? 4.435   -0.074  5.692   0.70 30.47  ? 73  LEU A CG  1 
ATOM   448 C  CG  B LEU A 1 72  ? 4.825   -0.449  6.231   0.30 16.16  ? 73  LEU A CG  1 
ATOM   449 C  CD1 A LEU A 1 72  ? 5.457   0.534   4.756   0.70 33.79  ? 73  LEU A CD1 1 
ATOM   450 C  CD1 B LEU A 1 72  ? 3.759   -0.903  5.235   0.30 15.12  ? 73  LEU A CD1 1 
ATOM   451 C  CD2 A LEU A 1 72  ? 4.717   -1.542  5.839   0.70 32.53  ? 73  LEU A CD2 1 
ATOM   452 C  CD2 B LEU A 1 72  ? 6.076   0.008   5.504   0.30 16.37  ? 73  LEU A CD2 1 
ATOM   453 N  N   . GLY A 1 73  ? 1.323   0.736   7.244   1.00 21.47  ? 74  GLY A N   1 
ATOM   454 C  CA  . GLY A 1 73  ? 0.063   0.483   6.575   1.00 18.95  ? 74  GLY A CA  1 
ATOM   455 C  C   . GLY A 1 73  ? -0.382  1.658   5.773   1.00 20.04  ? 74  GLY A C   1 
ATOM   456 O  O   . GLY A 1 73  ? 0.121   2.791   6.000   1.00 21.12  ? 74  GLY A O   1 
ATOM   457 N  N   . TRP A 1 74  ? -1.248  1.388   4.790   1.00 18.03  ? 75  TRP A N   1 
ATOM   458 C  CA  . TRP A 1 74  ? -1.845  2.441   4.021   1.00 19.23  ? 75  TRP A CA  1 
ATOM   459 C  C   . TRP A 1 74  ? -3.225  2.055   3.506   1.00 19.55  ? 75  TRP A C   1 
ATOM   460 O  O   . TRP A 1 74  ? -3.571  0.868   3.495   1.00 19.43  ? 75  TRP A O   1 
ATOM   461 C  CB  . TRP A 1 74  ? -0.947  2.965   2.891   1.00 19.53  ? 75  TRP A CB  1 
ATOM   462 C  CG  . TRP A 1 74  ? -0.758  1.995   1.771   1.00 19.77  ? 75  TRP A CG  1 
ATOM   463 C  CD1 . TRP A 1 74  ? -1.500  1.945   0.635   1.00 22.12  ? 75  TRP A CD1 1 
ATOM   464 C  CD2 . TRP A 1 74  ? 0.205   0.938   1.695   1.00 19.22  ? 75  TRP A CD2 1 
ATOM   465 N  NE1 . TRP A 1 74  ? -1.049  0.934   -0.158  1.00 22.95  ? 75  TRP A NE1 1 
ATOM   466 C  CE2 . TRP A 1 74  ? -0.018  0.304   0.453   1.00 19.98  ? 75  TRP A CE2 1 
ATOM   467 C  CE3 . TRP A 1 74  ? 1.231   0.486   2.519   1.00 21.05  ? 75  TRP A CE3 1 
ATOM   468 C  CZ2 . TRP A 1 74  ? 0.742   -0.789  0.034   1.00 19.14  ? 75  TRP A CZ2 1 
ATOM   469 C  CZ3 . TRP A 1 74  ? 2.012   -0.567  2.079   1.00 22.60  ? 75  TRP A CZ3 1 
ATOM   470 C  CH2 . TRP A 1 74  ? 1.733   -1.205  0.873   1.00 20.26  ? 75  TRP A CH2 1 
ATOM   471 N  N   . THR A 1 75  ? -3.968  3.099   3.092   1.00 20.78  ? 76  THR A N   1 
ATOM   472 C  CA  . THR A 1 75  ? -5.318  2.967   2.553   1.00 19.64  ? 76  THR A CA  1 
ATOM   473 C  C   . THR A 1 75  ? -5.407  3.606   1.183   1.00 20.56  ? 76  THR A C   1 
ATOM   474 O  O   . THR A 1 75  ? -4.832  4.685   0.968   1.00 20.98  ? 76  THR A O   1 
ATOM   475 C  CB  . THR A 1 75  ? -6.380  3.677   3.428   1.00 21.03  ? 76  THR A CB  1 
ATOM   476 O  OG1 . THR A 1 75  ? -6.218  3.128   4.714   1.00 23.43  ? 76  THR A OG1 1 
ATOM   477 C  CG2 . THR A 1 75  ? -7.799  3.457   2.969   1.00 23.25  ? 76  THR A CG2 1 
ATOM   478 N  N   . VAL A 1 76  ? -6.128  2.948   0.270   1.00 19.93  ? 77  VAL A N   1 
ATOM   479 C  CA  . VAL A 1 76  ? -6.619  3.523   -0.984  1.00 22.24  ? 77  VAL A CA  1 
ATOM   480 C  C   . VAL A 1 76  ? -8.138  3.410   -0.993  1.00 21.80  ? 77  VAL A C   1 
ATOM   481 O  O   . VAL A 1 76  ? -8.665  2.293   -0.839  1.00 22.89  ? 77  VAL A O   1 
ATOM   482 C  CB  . VAL A 1 76  ? -6.006  2.830   -2.212  1.00 23.11  ? 77  VAL A CB  1 
ATOM   483 C  CG1 . VAL A 1 76  ? -6.736  3.229   -3.505  1.00 24.25  ? 77  VAL A CG1 1 
ATOM   484 C  CG2 . VAL A 1 76  ? -4.518  3.058   -2.295  1.00 23.45  ? 77  VAL A CG2 1 
ATOM   485 N  N   . ALA A 1 77  ? -8.854  4.530   -1.168  1.00 21.96  ? 78  ALA A N   1 
ATOM   486 C  CA  . ALA A 1 77  ? -10.268 4.489   -1.608  1.00 21.37  ? 78  ALA A CA  1 
ATOM   487 C  C   . ALA A 1 77  ? -10.335 4.528   -3.138  1.00 24.20  ? 78  ALA A C   1 
ATOM   488 O  O   . ALA A 1 77  ? -9.734  5.372   -3.758  1.00 23.40  ? 78  ALA A O   1 
ATOM   489 C  CB  . ALA A 1 77  ? -11.038 5.648   -1.037  1.00 21.41  ? 78  ALA A CB  1 
ATOM   490 N  N   . TRP A 1 78  ? -11.105 3.614   -3.718  1.00 22.53  ? 79  TRP A N   1 
ATOM   491 C  CA  . TRP A 1 78  ? -11.078 3.323   -5.166  1.00 22.55  ? 79  TRP A CA  1 
ATOM   492 C  C   . TRP A 1 78  ? -11.986 4.284   -5.954  1.00 23.64  ? 79  TRP A C   1 
ATOM   493 O  O   . TRP A 1 78  ? -12.799 3.866   -6.778  1.00 24.95  ? 79  TRP A O   1 
ATOM   494 C  CB  . TRP A 1 78  ? -11.357 1.846   -5.424  1.00 21.47  ? 79  TRP A CB  1 
ATOM   495 C  CG  . TRP A 1 78  ? -10.301 0.965   -4.836  1.00 21.80  ? 79  TRP A CG  1 
ATOM   496 C  CD1 . TRP A 1 78  ? -10.398 0.181   -3.720  1.00 23.24  ? 79  TRP A CD1 1 
ATOM   497 C  CD2 . TRP A 1 78  ? -8.943  0.848   -5.287  1.00 21.92  ? 79  TRP A CD2 1 
ATOM   498 N  NE1 . TRP A 1 78  ? -9.222  -0.462  -3.478  1.00 21.81  ? 79  TRP A NE1 1 
ATOM   499 C  CE2 . TRP A 1 78  ? -8.309  -0.098  -4.444  1.00 21.57  ? 79  TRP A CE2 1 
ATOM   500 C  CE3 . TRP A 1 78  ? -8.237  1.337   -6.397  1.00 21.04  ? 79  TRP A CE3 1 
ATOM   501 C  CZ2 . TRP A 1 78  ? -6.991  -0.479  -4.610  1.00 23.64  ? 79  TRP A CZ2 1 
ATOM   502 C  CZ3 . TRP A 1 78  ? -6.920  0.962   -6.565  1.00 23.35  ? 79  TRP A CZ3 1 
ATOM   503 C  CH2 . TRP A 1 78  ? -6.283  0.099   -5.654  1.00 22.72  ? 79  TRP A CH2 1 
ATOM   504 N  N   . LYS A 1 79  ? -11.811 5.569   -5.653  1.00 24.91  ? 80  LYS A N   1 
ATOM   505 C  CA  . LYS A 1 79  ? -12.484 6.662   -6.326  1.00 25.25  ? 80  LYS A CA  1 
ATOM   506 C  C   . LYS A 1 79  ? -11.402 7.605   -6.842  1.00 24.92  ? 80  LYS A C   1 
ATOM   507 O  O   . LYS A 1 79  ? -10.521 8.021   -6.085  1.00 24.96  ? 80  LYS A O   1 
ATOM   508 C  CB  . LYS A 1 79  ? -13.416 7.449   -5.409  1.00 27.37  ? 80  LYS A CB  1 
ATOM   509 C  CG  . LYS A 1 79  ? -13.994 8.707   -6.055  1.00 32.15  ? 80  LYS A CG  1 
ATOM   510 C  CD  . LYS A 1 79  ? -14.821 9.500   -5.082  1.00 37.03  ? 80  LYS A CD  1 
ATOM   511 C  CE  . LYS A 1 79  ? -15.462 10.699  -5.754  1.00 43.05  ? 80  LYS A CE  1 
ATOM   512 N  NZ  . LYS A 1 79  ? -14.425 11.711  -6.036  1.00 44.23  ? 80  LYS A NZ  1 
ATOM   513 N  N   . ASN A 1 80  ? -11.458 7.875   -8.143  1.00 26.20  ? 81  ASN A N   1 
ATOM   514 C  CA  . ASN A 1 80  ? -10.633 8.921   -8.709  1.00 24.57  ? 81  ASN A CA  1 
ATOM   515 C  C   . ASN A 1 80  ? -11.503 9.659   -9.757  1.00 27.10  ? 81  ASN A C   1 
ATOM   516 O  O   . ASN A 1 80  ? -12.716 9.510   -9.802  1.00 27.74  ? 81  ASN A O   1 
ATOM   517 C  CB  . ASN A 1 80  ? -9.299  8.362   -9.207  1.00 25.43  ? 81  ASN A CB  1 
ATOM   518 C  CG  . ASN A 1 80  ? -9.385  7.432   -10.399 1.00 25.44  ? 81  ASN A CG  1 
ATOM   519 O  OD1 . ASN A 1 80  ? -10.477 7.250   -10.966 1.00 27.30  ? 81  ASN A OD1 1 
ATOM   520 N  ND2 . ASN A 1 80  ? -8.267  6.814   -10.772 1.00 26.36  ? 81  ASN A ND2 1 
ATOM   521 N  N   . ASN A 1 81  ? -10.860 10.410  -10.648 1.00 30.49  ? 82  ASN A N   1 
ATOM   522 C  CA  . ASN A 1 81  ? -11.622 11.135  -11.674 1.00 32.95  ? 82  ASN A CA  1 
ATOM   523 C  C   . ASN A 1 81  ? -12.104 10.235  -12.825 1.00 33.16  ? 82  ASN A C   1 
ATOM   524 O  O   . ASN A 1 81  ? -12.929 10.675  -13.621 1.00 36.48  ? 82  ASN A O   1 
ATOM   525 C  CB  . ASN A 1 81  ? -10.810 12.331  -12.167 1.00 36.77  ? 82  ASN A CB  1 
ATOM   526 C  CG  . ASN A 1 81  ? -10.764 13.419  -11.117 1.00 44.90  ? 82  ASN A CG  1 
ATOM   527 O  OD1 . ASN A 1 81  ? -11.766 13.695  -10.447 1.00 49.48  ? 82  ASN A OD1 1 
ATOM   528 N  ND2 . ASN A 1 81  ? -9.599  14.013  -10.946 1.00 52.01  ? 82  ASN A ND2 1 
ATOM   529 N  N   . TYR A 1 82  ? -11.639 8.988   -12.926 1.00 31.29  ? 83  TYR A N   1 
ATOM   530 C  CA  . TYR A 1 82  ? -12.093 8.054   -13.933 1.00 32.79  ? 83  TYR A CA  1 
ATOM   531 C  C   . TYR A 1 82  ? -13.201 7.117   -13.443 1.00 36.17  ? 83  TYR A C   1 
ATOM   532 O  O   . TYR A 1 82  ? -14.105 6.761   -14.208 1.00 30.74  ? 83  TYR A O   1 
ATOM   533 C  CB  . TYR A 1 82  ? -10.931 7.187   -14.394 1.00 33.17  ? 83  TYR A CB  1 
ATOM   534 C  CG  . TYR A 1 82  ? -9.831  7.984   -15.030 1.00 34.52  ? 83  TYR A CG  1 
ATOM   535 C  CD1 . TYR A 1 82  ? -8.865  8.614   -14.265 1.00 37.82  ? 83  TYR A CD1 1 
ATOM   536 C  CD2 . TYR A 1 82  ? -9.807  8.156   -16.401 1.00 43.98  ? 83  TYR A CD2 1 
ATOM   537 C  CE1 . TYR A 1 82  ? -7.866  9.369   -14.852 1.00 40.95  ? 83  TYR A CE1 1 
ATOM   538 C  CE2 . TYR A 1 82  ? -8.807  8.897   -17.011 1.00 44.64  ? 83  TYR A CE2 1 
ATOM   539 C  CZ  . TYR A 1 82  ? -7.834  9.493   -16.230 1.00 44.96  ? 83  TYR A CZ  1 
ATOM   540 O  OH  . TYR A 1 82  ? -6.860  10.237  -16.818 1.00 48.67  ? 83  TYR A OH  1 
ATOM   541 N  N   . ARG A 1 83  ? -13.095 6.638   -12.201 1.00 29.38  ? 84  ARG A N   1 
ATOM   542 C  CA  . ARG A 1 83  ? -13.958 5.548   -11.751 1.00 32.46  ? 84  ARG A CA  1 
ATOM   543 C  C   . ARG A 1 83  ? -14.210 5.680   -10.260 1.00 29.18  ? 84  ARG A C   1 
ATOM   544 O  O   . ARG A 1 83  ? -13.395 6.281   -9.537  1.00 27.48  ? 84  ARG A O   1 
ATOM   545 C  CB  . ARG A 1 83  ? -13.280 4.199   -11.992 1.00 38.95  ? 84  ARG A CB  1 
ATOM   546 C  CG  . ARG A 1 83  ? -13.116 3.840   -13.458 1.00 43.72  ? 84  ARG A CG  1 
ATOM   547 C  CD  . ARG A 1 83  ? -12.912 2.366   -13.608 1.00 46.43  ? 84  ARG A CD  1 
ATOM   548 N  NE  . ARG A 1 83  ? -12.462 2.009   -14.946 1.00 37.96  ? 84  ARG A NE  1 
ATOM   549 C  CZ  . ARG A 1 83  ? -12.193 0.774   -15.297 1.00 39.07  ? 84  ARG A CZ  1 
ATOM   550 N  NH1 . ARG A 1 83  ? -11.605 0.517   -16.456 1.00 38.87  ? 84  ARG A NH1 1 
ATOM   551 N  NH2 . ARG A 1 83  ? -12.498 -0.208  -14.466 1.00 41.64  ? 84  ARG A NH2 1 
ATOM   552 N  N   . ASN A 1 84  ? -15.270 5.003   -9.830  1.00 28.61  ? 85  ASN A N   1 
ATOM   553 C  CA  . ASN A 1 84  ? -15.588 4.793   -8.440  1.00 30.28  ? 85  ASN A CA  1 
ATOM   554 C  C   . ASN A 1 84  ? -16.095 3.360   -8.255  1.00 31.12  ? 85  ASN A C   1 
ATOM   555 O  O   . ASN A 1 84  ? -17.208 3.039   -8.626  1.00 29.85  ? 85  ASN A O   1 
ATOM   556 C  CB  . ASN A 1 84  ? -16.561 5.860   -7.937  1.00 30.63  ? 85  ASN A CB  1 
ATOM   557 C  CG  . ASN A 1 84  ? -16.687 5.855   -6.432  1.00 31.79  ? 85  ASN A CG  1 
ATOM   558 O  OD1 . ASN A 1 84  ? -16.172 4.942   -5.769  1.00 27.81  ? 85  ASN A OD1 1 
ATOM   559 N  ND2 . ASN A 1 84  ? -17.352 6.870   -5.895  1.00 28.63  ? 85  ASN A ND2 1 
ATOM   560 N  N   . ALA A 1 85  ? -15.264 2.509   -7.640  1.00 26.62  ? 86  ALA A N   1 
ATOM   561 C  CA  . ALA A 1 85  ? -15.586 1.129   -7.340  1.00 27.24  ? 86  ALA A CA  1 
ATOM   562 C  C   . ALA A 1 85  ? -16.248 0.979   -5.970  1.00 25.83  ? 86  ALA A C   1 
ATOM   563 O  O   . ALA A 1 85  ? -16.431 -0.151  -5.523  1.00 27.39  ? 86  ALA A O   1 
ATOM   564 C  CB  . ALA A 1 85  ? -14.334 0.295   -7.403  1.00 29.46  ? 86  ALA A CB  1 
ATOM   565 N  N   . HIS A 1 86  ? -16.593 2.089   -5.307  1.00 24.77  ? 87  HIS A N   1 
ATOM   566 C  CA  . HIS A 1 86  ? -17.254 2.091   -3.993  1.00 26.01  ? 87  HIS A CA  1 
ATOM   567 C  C   . HIS A 1 86  ? -16.618 1.057   -3.056  1.00 23.79  ? 87  HIS A C   1 
ATOM   568 O  O   . HIS A 1 86  ? -17.276 0.199   -2.451  1.00 25.22  ? 87  HIS A O   1 
ATOM   569 C  CB  . HIS A 1 86  ? -18.739 1.772   -4.086  1.00 26.91  ? 87  HIS A CB  1 
ATOM   570 C  CG  . HIS A 1 86  ? -19.439 2.774   -4.908  1.00 26.81  ? 87  HIS A CG  1 
ATOM   571 N  ND1 . HIS A 1 86  ? -19.307 4.144   -4.678  1.00 25.99  ? 87  HIS A ND1 1 
ATOM   572 C  CD2 . HIS A 1 86  ? -20.183 2.614   -6.020  1.00 32.99  ? 87  HIS A CD2 1 
ATOM   573 C  CE1 . HIS A 1 86  ? -20.035 4.772   -5.591  1.00 31.16  ? 87  HIS A CE1 1 
ATOM   574 N  NE2 . HIS A 1 86  ? -20.538 3.862   -6.356  1.00 24.85  ? 87  HIS A NE2 1 
ATOM   575 N  N   . SER A 1 87  ? -15.311 1.167   -2.919  1.00 24.78  ? 88  SER A N   1 
ATOM   576 C  CA  . SER A 1 87  ? -14.544 0.208   -2.132  1.00 23.99  ? 88  SER A CA  1 
ATOM   577 C  C   . SER A 1 87  ? -13.261 0.876   -1.642  1.00 23.39  ? 88  SER A C   1 
ATOM   578 O  O   . SER A 1 87  ? -12.830 1.919   -2.147  1.00 22.86  ? 88  SER A O   1 
ATOM   579 C  CB  . SER A 1 87  ? -14.233 -1.080  -2.886  1.00 25.79  ? 88  SER A CB  1 
ATOM   580 O  OG  . SER A 1 87  ? -13.716 -0.817  -4.177  1.00 24.83  ? 88  SER A OG  1 
ATOM   581 N  N   . ALA A 1 88  ? -12.637 0.248   -0.641  1.00 21.81  ? 89  ALA A N   1 
ATOM   582 C  CA  . ALA A 1 88  ? -11.385 0.750   -0.100  1.00 22.16  ? 89  ALA A CA  1 
ATOM   583 C  C   . ALA A 1 88  ? -10.560 -0.475  0.306   1.00 21.70  ? 89  ALA A C   1 
ATOM   584 O  O   . ALA A 1 88  ? -11.106 -1.436  0.823   1.00 22.88  ? 89  ALA A O   1 
ATOM   585 C  CB  . ALA A 1 88  ? -11.628 1.635   1.100   1.00 23.50  ? 89  ALA A CB  1 
ATOM   586 N  N   . THR A 1 89  ? -9.249  -0.402  0.060   1.00 20.59  ? 90  THR A N   1 
ATOM   587 C  CA  . THR A 1 89  ? -8.305  -1.401  0.473   1.00 19.86  ? 90  THR A CA  1 
ATOM   588 C  C   . THR A 1 89  ? -7.351  -0.817  1.504   1.00 19.84  ? 90  THR A C   1 
ATOM   589 O  O   . THR A 1 89  ? -6.862  0.283   1.302   1.00 20.90  ? 90  THR A O   1 
ATOM   590 C  CB  . THR A 1 89  ? -7.536  -1.972  -0.725  1.00 19.44  ? 90  THR A CB  1 
ATOM   591 O  OG1 . THR A 1 89  ? -8.444  -2.558  -1.664  1.00 21.35  ? 90  THR A OG1 1 
ATOM   592 C  CG2 . THR A 1 89  ? -6.560  -3.031  -0.252  1.00 20.51  ? 90  THR A CG2 1 
ATOM   593 N  N   . THR A 1 90  ? -7.038  -1.588  2.539   1.00 18.40  ? 91  THR A N   1 
ATOM   594 C  CA  . THR A 1 90  ? -5.974  -1.265  3.488   1.00 18.51  ? 91  THR A CA  1 
ATOM   595 C  C   . THR A 1 90  ? -4.940  -2.375  3.431   1.00 21.46  ? 91  THR A C   1 
ATOM   596 O  O   . THR A 1 90  ? -5.283  -3.556  3.409   1.00 22.21  ? 91  THR A O   1 
ATOM   597 C  CB  . THR A 1 90  ? -6.432  -1.054  4.924   1.00 21.44  ? 91  THR A CB  1 
ATOM   598 O  OG1 . THR A 1 90  ? -6.952  -2.302  5.416   1.00 23.73  ? 91  THR A OG1 1 
ATOM   599 C  CG2 . THR A 1 90  ? -7.471  0.044   4.987   1.00 21.66  ? 91  THR A CG2 1 
ATOM   600 N  N   . TRP A 1 91  ? -3.682  -1.964  3.368   1.00 19.06  ? 92  TRP A N   1 
ATOM   601 C  CA  . TRP A 1 91  ? -2.573  -2.868  3.428   1.00 18.90  ? 92  TRP A CA  1 
ATOM   602 C  C   . TRP A 1 91  ? -1.861  -2.680  4.769   1.00 18.99  ? 92  TRP A C   1 
ATOM   603 O  O   . TRP A 1 91  ? -1.532  -1.538  5.112   1.00 20.19  ? 92  TRP A O   1 
ATOM   604 C  CB  . TRP A 1 91  ? -1.561  -2.610  2.309   1.00 18.11  ? 92  TRP A CB  1 
ATOM   605 C  CG  . TRP A 1 91  ? -1.944  -2.937  0.907   1.00 18.15  ? 92  TRP A CG  1 
ATOM   606 C  CD1 . TRP A 1 91  ? -1.499  -4.000  0.175   1.00 19.40  ? 92  TRP A CD1 1 
ATOM   607 C  CD2 . TRP A 1 91  ? -2.758  -2.152  0.037   1.00 19.29  ? 92  TRP A CD2 1 
ATOM   608 N  NE1 . TRP A 1 91  ? -2.025  -3.968  -1.065  1.00 19.61  ? 92  TRP A NE1 1 
ATOM   609 C  CE2 . TRP A 1 91  ? -2.741  -2.795  -1.213  1.00 18.44  ? 92  TRP A CE2 1 
ATOM   610 C  CE3 . TRP A 1 91  ? -3.455  -0.929  0.177   1.00 19.70  ? 92  TRP A CE3 1 
ATOM   611 C  CZ2 . TRP A 1 91  ? -3.488  -2.314  -2.296  1.00 19.38  ? 92  TRP A CZ2 1 
ATOM   612 C  CZ3 . TRP A 1 91  ? -4.151  -0.436  -0.916  1.00 21.15  ? 92  TRP A CZ3 1 
ATOM   613 C  CH2 . TRP A 1 91  ? -4.140  -1.117  -2.137  1.00 21.13  ? 92  TRP A CH2 1 
ATOM   614 N  N   . SER A 1 92  ? -1.555  -3.777  5.459   1.00 19.17  ? 93  SER A N   1 
ATOM   615 C  CA  . SER A 1 92  ? -0.848  -3.833  6.725   1.00 20.88  ? 93  SER A CA  1 
ATOM   616 C  C   . SER A 1 92  ? 0.371   -4.730  6.534   1.00 21.08  ? 93  SER A C   1 
ATOM   617 O  O   . SER A 1 92  ? 0.227   -5.821  6.039   1.00 21.47  ? 93  SER A O   1 
ATOM   618 C  CB  . SER A 1 92  ? -1.758  -4.363  7.814   1.00 21.58  ? 93  SER A CB  1 
ATOM   619 O  OG  . SER A 1 92  ? -1.122  -4.340  9.063   1.00 25.93  ? 93  SER A OG  1 
ATOM   620 N  N   . GLY A 1 93  ? 1.570   -4.235  6.874   1.00 23.75  ? 94  GLY A N   1 
ATOM   621 C  CA  . GLY A 1 93  ? 2.742   -5.087  6.659   1.00 25.04  ? 94  GLY A CA  1 
ATOM   622 C  C   . GLY A 1 93  ? 4.013   -4.481  7.216   1.00 25.53  ? 94  GLY A C   1 
ATOM   623 O  O   . GLY A 1 93  ? 4.015   -3.673  8.150   1.00 23.77  ? 94  GLY A O   1 
ATOM   624 N  N   . GLN A 1 94  ? 5.128   -4.957  6.659   1.00 25.18  ? 95  GLN A N   1 
ATOM   625 C  CA  . GLN A 1 94  ? 6.378   -4.444  7.114   1.00 25.73  ? 95  GLN A CA  1 
ATOM   626 C  C   . GLN A 1 94  ? 7.346   -4.352  5.943   1.00 22.06  ? 95  GLN A C   1 
ATOM   627 O  O   . GLN A 1 94  ? 7.272   -5.115  4.998   1.00 24.65  ? 95  GLN A O   1 
ATOM   628 C  CB  . GLN A 1 94  ? 6.906   -5.242  8.287   1.00 31.50  ? 95  GLN A CB  1 
ATOM   629 C  CG  . GLN A 1 94  ? 7.162   -6.692  8.050   1.00 35.87  ? 95  GLN A CG  1 
ATOM   630 C  CD  . GLN A 1 94  ? 7.501   -7.356  9.373   1.00 42.02  ? 95  GLN A CD  1 
ATOM   631 O  OE1 . GLN A 1 94  ? 6.848   -8.289  9.818   1.00 47.01  ? 95  GLN A OE1 1 
ATOM   632 N  NE2 . GLN A 1 94  ? 8.521   -6.859  10.044  1.00 38.15  ? 95  GLN A NE2 1 
ATOM   633 N  N   . TYR A 1 95  ? 8.143   -3.298  6.030   1.00 24.83  ? 96  TYR A N   1 
ATOM   634 C  CA  . TYR A 1 95  ? 9.286   -3.040  5.156   1.00 25.04  ? 96  TYR A CA  1 
ATOM   635 C  C   . TYR A 1 95  ? 10.508  -3.775  5.729   1.00 22.88  ? 96  TYR A C   1 
ATOM   636 O  O   . TYR A 1 95  ? 10.814  -3.720  6.937   1.00 25.67  ? 96  TYR A O   1 
ATOM   637 C  CB  . TYR A 1 95  ? 9.527   -1.532  5.067   1.00 24.44  ? 96  TYR A CB  1 
ATOM   638 C  CG  . TYR A 1 95  ? 10.907  -1.173  4.553   1.00 27.35  ? 96  TYR A CG  1 
ATOM   639 C  CD1 . TYR A 1 95  ? 11.155  -1.140  3.194   1.00 28.96  ? 96  TYR A CD1 1 
ATOM   640 C  CD2 . TYR A 1 95  ? 11.939  -0.935  5.429   1.00 32.19  ? 96  TYR A CD2 1 
ATOM   641 C  CE1 . TYR A 1 95  ? 12.413  -0.828  2.698   1.00 33.00  ? 96  TYR A CE1 1 
ATOM   642 C  CE2 . TYR A 1 95  ? 13.216  -0.651  4.960   1.00 38.21  ? 96  TYR A CE2 1 
ATOM   643 C  CZ  . TYR A 1 95  ? 13.440  -0.603  3.595   1.00 33.33  ? 96  TYR A CZ  1 
ATOM   644 O  OH  . TYR A 1 95  ? 14.694  -0.307  3.123   1.00 36.88  ? 96  TYR A OH  1 
ATOM   645 N  N   . VAL A 1 96  ? 11.164  -4.525  4.836   1.00 28.17  ? 97  VAL A N   1 
ATOM   646 C  CA  . VAL A 1 96  ? 12.392  -5.262  5.149   1.00 32.66  ? 97  VAL A CA  1 
ATOM   647 C  C   . VAL A 1 96  ? 13.456  -4.754  4.176   1.00 35.24  ? 97  VAL A C   1 
ATOM   648 O  O   . VAL A 1 96  ? 13.264  -4.873  2.985   1.00 33.55  ? 97  VAL A O   1 
ATOM   649 C  CB  . VAL A 1 96  ? 12.191  -6.779  5.009   1.00 37.30  ? 97  VAL A CB  1 
ATOM   650 C  CG1 . VAL A 1 96  ? 13.481  -7.532  5.330   1.00 38.26  ? 97  VAL A CG1 1 
ATOM   651 C  CG2 . VAL A 1 96  ? 11.056  -7.266  5.899   1.00 41.48  ? 97  VAL A CG2 1 
ATOM   652 N  N   . GLY A 1 97  ? 14.513  -4.138  4.705   1.00 33.66  ? 98  GLY A N   1 
ATOM   653 C  CA  . GLY A 1 97  ? 15.553  -3.543  3.867   1.00 39.09  ? 98  GLY A CA  1 
ATOM   654 C  C   . GLY A 1 97  ? 16.538  -4.582  3.360   1.00 40.49  ? 98  GLY A C   1 
ATOM   655 O  O   . GLY A 1 97  ? 16.338  -5.777  3.518   1.00 43.15  ? 98  GLY A O   1 
ATOM   656 N  N   . GLY A 1 98  ? 17.618  -4.098  2.733   1.00 49.95  ? 99  GLY A N   1 
ATOM   657 C  CA  . GLY A 1 98  ? 18.703  -4.950  2.250   1.00 51.37  ? 99  GLY A CA  1 
ATOM   658 C  C   . GLY A 1 98  ? 18.725  -5.015  0.738   1.00 49.24  ? 99  GLY A C   1 
ATOM   659 O  O   . GLY A 1 98  ? 17.996  -4.279  0.053   1.00 47.00  ? 99  GLY A O   1 
ATOM   660 N  N   . ALA A 1 99  ? 19.536  -5.937  0.212   1.00 55.31  ? 100 ALA A N   1 
ATOM   661 C  CA  . ALA A 1 99  ? 19.813  -6.017  -1.225  1.00 51.59  ? 100 ALA A CA  1 
ATOM   662 C  C   . ALA A 1 99  ? 18.520  -6.273  -2.003  1.00 57.22  ? 100 ALA A C   1 
ATOM   663 O  O   . ALA A 1 99  ? 18.361  -5.745  -3.101  1.00 59.11  ? 100 ALA A O   1 
ATOM   664 C  CB  . ALA A 1 99  ? 20.828  -7.103  -1.498  1.00 57.47  ? 100 ALA A CB  1 
ATOM   665 N  N   . GLU A 1 100 ? 17.623  -7.097  -1.436  1.00 47.78  ? 101 GLU A N   1 
ATOM   666 C  CA  . GLU A 1 100 ? 16.347  -7.401  -2.061  1.00 46.53  ? 101 GLU A CA  1 
ATOM   667 C  C   . GLU A 1 100 ? 15.242  -6.896  -1.122  1.00 39.71  ? 101 GLU A C   1 
ATOM   668 O  O   . GLU A 1 100 ? 14.547  -7.701  -0.476  1.00 40.26  ? 101 GLU A O   1 
ATOM   669 C  CB  . GLU A 1 100 ? 16.269  -8.881  -2.423  1.00 51.86  ? 101 GLU A CB  1 
ATOM   670 C  CG  . GLU A 1 100 ? 16.740  -9.134  -3.849  0.50 56.55  ? 101 GLU A CG  1 
ATOM   671 C  CD  . GLU A 1 100 ? 17.576  -10.379 -4.049  0.50 57.40  ? 101 GLU A CD  1 
ATOM   672 O  OE1 . GLU A 1 100 ? 18.467  -10.351 -4.922  0.50 61.26  ? 101 GLU A OE1 1 
ATOM   673 O  OE2 . GLU A 1 100 ? 17.332  -11.370 -3.340  0.50 62.27  ? 101 GLU A OE2 1 
ATOM   674 N  N   . ALA A 1 101 ? 15.136  -5.563  -1.059  1.00 32.78  ? 102 ALA A N   1 
ATOM   675 C  CA  . ALA A 1 101 ? 14.195  -4.887  -0.179  1.00 33.73  ? 102 ALA A CA  1 
ATOM   676 C  C   . ALA A 1 101 ? 12.776  -5.304  -0.564  1.00 27.04  ? 102 ALA A C   1 
ATOM   677 O  O   . ALA A 1 101 ? 12.460  -5.553  -1.733  1.00 26.93  ? 102 ALA A O   1 
ATOM   678 C  CB  . ALA A 1 101 ? 14.371  -3.398  -0.230  1.00 33.94  ? 102 ALA A CB  1 
ATOM   679 N  N   . ARG A 1 102 ? 11.900  -5.394  0.460   1.00 28.47  ? 103 ARG A N   1 
ATOM   680 C  CA  . ARG A 1 102 ? 10.551  -5.884  0.259   1.00 27.09  ? 103 ARG A CA  1 
ATOM   681 C  C   . ARG A 1 102 ? 9.619   -5.127  1.203   1.00 25.58  ? 103 ARG A C   1 
ATOM   682 O  O   . ARG A 1 102 ? 10.016  -4.747  2.260   1.00 26.29  ? 103 ARG A O   1 
ATOM   683 C  CB  . ARG A 1 102 ? 10.436  -7.382  0.558   1.00 31.00  ? 103 ARG A CB  1 
ATOM   684 C  CG  . ARG A 1 102 ? 11.010  -8.213  -0.582  0.50 32.91  ? 103 ARG A CG  1 
ATOM   685 C  CD  . ARG A 1 102 ? 11.028  -9.701  -0.352  0.50 37.34  ? 103 ARG A CD  1 
ATOM   686 N  NE  . ARG A 1 102 ? 10.728  -10.394 -1.597  0.50 36.95  ? 103 ARG A NE  1 
ATOM   687 C  CZ  . ARG A 1 102 ? 11.377  -10.227 -2.749  0.50 40.21  ? 103 ARG A CZ  1 
ATOM   688 N  NH1 . ARG A 1 102 ? 12.158  -9.178  -2.944  0.50 39.29  ? 103 ARG A NH1 1 
ATOM   689 N  NH2 . ARG A 1 102 ? 11.254  -11.135 -3.700  0.50 38.14  ? 103 ARG A NH2 1 
ATOM   690 N  N   . ILE A 1 103 ? 8.384   -4.958  0.758   1.00 24.45  ? 104 ILE A N   1 
ATOM   691 C  CA  . ILE A 1 103 ? 7.283   -4.663  1.693   1.00 24.80  ? 104 ILE A CA  1 
ATOM   692 C  C   . ILE A 1 103 ? 6.313   -5.834  1.590   1.00 21.78  ? 104 ILE A C   1 
ATOM   693 O  O   . ILE A 1 103 ? 5.697   -6.039  0.532   1.00 25.20  ? 104 ILE A O   1 
ATOM   694 C  CB  . ILE A 1 103 ? 6.624   -3.346  1.344   1.00 24.89  ? 104 ILE A CB  1 
ATOM   695 C  CG1 . ILE A 1 103 ? 7.610   -2.181  1.386   1.00 26.22  ? 104 ILE A CG1 1 
ATOM   696 C  CG2 . ILE A 1 103 ? 5.459   -3.067  2.280   1.00 25.46  ? 104 ILE A CG2 1 
ATOM   697 C  CD1 . ILE A 1 103 ? 6.997   -0.890  0.945   1.00 28.65  ? 104 ILE A CD1 1 
ATOM   698 N  N   . ASN A 1 104 ? 6.171   -6.578  2.690   1.00 21.89  ? 105 ASN A N   1 
ATOM   699 C  CA  . ASN A 1 104 ? 5.348   -7.769  2.757   1.00 24.12  ? 105 ASN A CA  1 
ATOM   700 C  C   . ASN A 1 104 ? 4.041   -7.377  3.461   1.00 25.48  ? 105 ASN A C   1 
ATOM   701 O  O   . ASN A 1 104 ? 4.103   -6.848  4.543   1.00 25.50  ? 105 ASN A O   1 
ATOM   702 C  CB  . ASN A 1 104 ? 6.058   -8.844  3.552   1.00 25.72  ? 105 ASN A CB  1 
ATOM   703 C  CG  . ASN A 1 104 ? 7.362   -9.273  2.894   1.00 29.92  ? 105 ASN A CG  1 
ATOM   704 O  OD1 . ASN A 1 104 ? 7.367   -9.475  1.688   1.00 30.57  ? 105 ASN A OD1 1 
ATOM   705 N  ND2 . ASN A 1 104 ? 8.406   -9.455  3.694   1.00 34.80  ? 105 ASN A ND2 1 
ATOM   706 N  N   . THR A 1 105 ? 2.927   -7.559  2.767   1.00 20.92  ? 106 THR A N   1 
ATOM   707 C  CA  . THR A 1 105 ? 1.637   -7.051  3.275   1.00 22.71  ? 106 THR A CA  1 
ATOM   708 C  C   . THR A 1 105 ? 0.589   -8.132  3.251   1.00 21.58  ? 106 THR A C   1 
ATOM   709 O  O   . THR A 1 105 ? 0.589   -9.092  2.451   1.00 21.16  ? 106 THR A O   1 
ATOM   710 C  CB  . THR A 1 105 ? 1.133   -5.846  2.478   1.00 22.28  ? 106 THR A CB  1 
ATOM   711 O  OG1 . THR A 1 105 ? 0.694   -6.252  1.183   1.00 24.57  ? 106 THR A OG1 1 
ATOM   712 C  CG2 . THR A 1 105 ? 2.168   -4.750  2.397   1.00 25.25  ? 106 THR A CG2 1 
ATOM   713 N  N   . GLN A 1 106 ? -0.411  -7.892  4.113   1.00 20.56  ? 107 GLN A N   1 
ATOM   714 C  CA  . GLN A 1 106 ? -1.716  -8.503  4.004   1.00 21.32  ? 107 GLN A CA  1 
ATOM   715 C  C   . GLN A 1 106 ? -2.703  -7.355  3.825   1.00 20.56  ? 107 GLN A C   1 
ATOM   716 O  O   . GLN A 1 106 ? -2.374  -6.226  4.221   1.00 20.51  ? 107 GLN A O   1 
ATOM   717 C  CB  . GLN A 1 106 ? -2.051  -9.335  5.233   1.00 24.44  ? 107 GLN A CB  1 
ATOM   718 C  CG  . GLN A 1 106 ? -1.031  -10.460 5.302   1.00 32.68  ? 107 GLN A CG  1 
ATOM   719 C  CD  . GLN A 1 106 ? -1.382  -11.590 6.213   1.00 36.24  ? 107 GLN A CD  1 
ATOM   720 O  OE1 . GLN A 1 106 ? -2.198  -12.422 5.868   1.00 40.97  ? 107 GLN A OE1 1 
ATOM   721 N  NE2 . GLN A 1 106 ? -0.704  -11.643 7.348   1.00 37.54  ? 107 GLN A NE2 1 
ATOM   722 N  N   . TRP A 1 107 ? -3.803  -7.611  3.134   1.00 19.19  ? 108 TRP A N   1 
ATOM   723 C  CA  . TRP A 1 107 ? -4.747  -6.530  2.796   1.00 19.76  ? 108 TRP A CA  1 
ATOM   724 C  C   . TRP A 1 107 ? -6.187  -6.952  3.028   1.00 19.42  ? 108 TRP A C   1 
ATOM   725 O  O   . TRP A 1 107 ? -6.490  -8.143  2.962   1.00 19.46  ? 108 TRP A O   1 
ATOM   726 C  CB  . TRP A 1 107 ? -4.542  -5.919  1.417   1.00 18.84  ? 108 TRP A CB  1 
ATOM   727 C  CG  . TRP A 1 107 ? -4.601  -6.866  0.263   1.00 19.87  ? 108 TRP A CG  1 
ATOM   728 C  CD1 . TRP A 1 107 ? -3.525  -7.320  -0.457  1.00 21.52  ? 108 TRP A CD1 1 
ATOM   729 C  CD2 . TRP A 1 107 ? -5.753  -7.401  -0.377  1.00 19.46  ? 108 TRP A CD2 1 
ATOM   730 N  NE1 . TRP A 1 107 ? -3.952  -8.142  -1.462  1.00 21.22  ? 108 TRP A NE1 1 
ATOM   731 C  CE2 . TRP A 1 107 ? -5.319  -8.233  -1.432  1.00 21.22  ? 108 TRP A CE2 1 
ATOM   732 C  CE3 . TRP A 1 107 ? -7.125  -7.335  -0.112  1.00 19.69  ? 108 TRP A CE3 1 
ATOM   733 C  CZ2 . TRP A 1 107 ? -6.196  -8.904  -2.272  1.00 21.11  ? 108 TRP A CZ2 1 
ATOM   734 C  CZ3 . TRP A 1 107 ? -7.982  -8.016  -0.944  1.00 21.13  ? 108 TRP A CZ3 1 
ATOM   735 C  CH2 . TRP A 1 107 ? -7.528  -8.817  -1.975  1.00 22.49  ? 108 TRP A CH2 1 
ATOM   736 N  N   . LEU A 1 108 ? -7.039  -5.932  3.280   1.00 19.25  ? 109 LEU A N   1 
ATOM   737 C  CA  . LEU A 1 108 ? -8.476  -6.043  3.419   1.00 19.25  ? 109 LEU A CA  1 
ATOM   738 C  C   . LEU A 1 108 ? -9.123  -5.060  2.472   1.00 21.16  ? 109 LEU A C   1 
ATOM   739 O  O   . LEU A 1 108 ? -8.836  -3.840  2.565   1.00 22.93  ? 109 LEU A O   1 
ATOM   740 C  CB  . LEU A 1 108 ? -8.940  -5.688  4.838   1.00 19.16  ? 109 LEU A CB  1 
ATOM   741 C  CG  . LEU A 1 108 ? -8.483  -6.594  5.959   1.00 21.56  ? 109 LEU A CG  1 
ATOM   742 C  CD1 . LEU A 1 108 ? -8.784  -5.963  7.295   1.00 23.35  ? 109 LEU A CD1 1 
ATOM   743 C  CD2 . LEU A 1 108 ? -9.049  -7.984  5.837   1.00 21.98  ? 109 LEU A CD2 1 
ATOM   744 N  N   . LEU A 1 109 ? -10.015 -5.572  1.631   1.00 18.81  ? 110 LEU A N   1 
ATOM   745 C  CA  . LEU A 1 109 ? -10.739 -4.752  0.666   1.00 21.15  ? 110 LEU A CA  1 
ATOM   746 C  C   . LEU A 1 109 ? -12.211 -4.800  1.062   1.00 21.35  ? 110 LEU A C   1 
ATOM   747 O  O   . LEU A 1 109 ? -12.810 -5.857  1.050   1.00 21.85  ? 110 LEU A O   1 
ATOM   748 C  CB  . LEU A 1 109 ? -10.525 -5.257  -0.756  1.00 22.42  ? 110 LEU A CB  1 
ATOM   749 C  CG  . LEU A 1 109 ? -11.120 -4.433  -1.898  1.00 23.47  ? 110 LEU A CG  1 
ATOM   750 C  CD1 . LEU A 1 109 ? -10.515 -4.900  -3.232  1.00 26.09  ? 110 LEU A CD1 1 
ATOM   751 C  CD2 . LEU A 1 109 ? -12.641 -4.501  -1.965  1.00 23.84  ? 110 LEU A CD2 1 
ATOM   752 N  N   . THR A 1 110 ? -12.756 -3.659  1.475   1.00 21.63  ? 111 THR A N   1 
ATOM   753 C  CA  . THR A 1 110 ? -14.178 -3.605  1.822   1.00 20.70  ? 111 THR A CA  1 
ATOM   754 C  C   . THR A 1 110 ? -14.950 -2.901  0.700   1.00 23.39  ? 111 THR A C   1 
ATOM   755 O  O   . THR A 1 110 ? -14.539 -1.818  0.236   1.00 22.66  ? 111 THR A O   1 
ATOM   756 C  CB  . THR A 1 110 ? -14.409 -2.885  3.144   1.00 24.01  ? 111 THR A CB  1 
ATOM   757 O  OG1 . THR A 1 110 ? -13.709 -3.570  4.184   1.00 26.01  ? 111 THR A OG1 1 
ATOM   758 C  CG2 . THR A 1 110 ? -15.870 -2.861  3.531   1.00 24.93  ? 111 THR A CG2 1 
ATOM   759 N  N   . VAL A 1 111 ? -16.087 -3.479  0.345   1.00 22.70  ? 112 VAL A N   1 
ATOM   760 C  CA  . VAL A 1 111 ? -16.991 -2.885  -0.644  1.00 24.76  ? 112 VAL A CA  1 
ATOM   761 C  C   . VAL A 1 111 ? -18.172 -2.262  0.098   1.00 27.80  ? 112 VAL A C   1 
ATOM   762 O  O   . VAL A 1 111 ? -18.783 -2.898  0.912   1.00 28.52  ? 112 VAL A O   1 
ATOM   763 C  CB  . VAL A 1 111 ? -17.447 -3.936  -1.665  1.00 28.81  ? 112 VAL A CB  1 
ATOM   764 C  CG1 . VAL A 1 111 ? -18.249 -3.324  -2.804  1.00 31.14  ? 112 VAL A CG1 1 
ATOM   765 C  CG2 . VAL A 1 111 ? -16.280 -4.675  -2.221  1.00 28.77  ? 112 VAL A CG2 1 
ATOM   766 N  N   . GLY A 1 112 ? -18.483 -1.014  -0.213  1.00 29.41  ? 113 GLY A N   1 
ATOM   767 C  CA  . GLY A 1 112 ? -19.708 -0.401  0.274   1.00 31.09  ? 113 GLY A CA  1 
ATOM   768 C  C   . GLY A 1 112 ? -20.956 -0.922  -0.450  1.00 32.79  ? 113 GLY A C   1 
ATOM   769 O  O   . GLY A 1 112 ? -20.945 -1.877  -1.245  1.00 32.35  ? 113 GLY A O   1 
ATOM   770 N  N   . THR A 1 113 ? -22.065 -0.218  -0.284  1.00 39.96  ? 114 THR A N   1 
ATOM   771 C  CA  . THR A 1 113 ? -23.279 -0.616  -1.047  1.00 47.45  ? 114 THR A CA  1 
ATOM   772 C  C   . THR A 1 113 ? -23.128 -0.086  -2.500  1.00 45.74  ? 114 THR A C   1 
ATOM   773 O  O   . THR A 1 113 ? -22.411 0.919   -2.788  1.00 40.41  ? 114 THR A O   1 
ATOM   774 C  CB  . THR A 1 113 ? -24.525 -0.356  -0.188  1.00 50.15  ? 114 THR A CB  1 
ATOM   775 O  OG1 . THR A 1 113 ? -24.578 1.011   0.198   1.00 50.72  ? 114 THR A OG1 1 
ATOM   776 C  CG2 . THR A 1 113 ? -24.523 -1.208  1.067   1.00 52.24  ? 114 THR A CG2 1 
ATOM   777 N  N   . THR A 1 114 ? -23.676 -0.863  -3.442  1.00 49.05  ? 115 THR A N   1 
ATOM   778 C  CA  . THR A 1 114 ? -23.425 -0.717  -4.895  1.00 54.43  ? 115 THR A CA  1 
ATOM   779 C  C   . THR A 1 114 ? -24.688 -1.046  -5.711  1.00 55.30  ? 115 THR A C   1 
ATOM   780 O  O   . THR A 1 114 ? -25.808 -0.704  -5.347  1.00 67.90  ? 115 THR A O   1 
ATOM   781 C  CB  . THR A 1 114 ? -22.310 -1.655  -5.392  1.00 56.42  ? 115 THR A CB  1 
ATOM   782 O  OG1 . THR A 1 114 ? -22.677 -2.998  -5.054  1.00 53.80  ? 115 THR A OG1 1 
ATOM   783 C  CG2 . THR A 1 114 ? -20.933 -1.331  -4.849  1.00 53.98  ? 115 THR A CG2 1 
ATOM   784 N  N   . ASN A 1 140 ? -26.139 -7.950  2.326   1.00 57.01  ? 141 ASN A N   1 
ATOM   785 C  CA  . ASN A 1 140 ? -25.027 -8.788  1.899   1.00 57.42  ? 141 ASN A CA  1 
ATOM   786 C  C   . ASN A 1 140 ? -23.725 -8.310  2.557   1.00 52.76  ? 141 ASN A C   1 
ATOM   787 O  O   . ASN A 1 140 ? -22.628 -8.606  2.036   1.00 42.30  ? 141 ASN A O   1 
ATOM   788 C  CB  . ASN A 1 140 ? -24.908 -8.822  0.375   1.00 67.56  ? 141 ASN A CB  1 
ATOM   789 C  CG  . ASN A 1 140 ? -25.845 -9.836  -0.249  1.00 75.93  ? 141 ASN A CG  1 
ATOM   790 O  OD1 . ASN A 1 140 ? -27.054 -9.779  -0.035  1.00 81.22  ? 141 ASN A OD1 1 
ATOM   791 N  ND2 . ASN A 1 140 ? -25.297 -10.770 -1.012  1.00 80.53  ? 141 ASN A ND2 1 
ATOM   792 N  N   . ALA A 1 141 ? -23.872 -7.589  3.683   1.00 48.44  ? 142 ALA A N   1 
ATOM   793 C  CA  . ALA A 1 141 ? -22.800 -7.108  4.594   1.00 46.27  ? 142 ALA A CA  1 
ATOM   794 C  C   . ALA A 1 141 ? -21.747 -8.197  4.881   1.00 37.56  ? 142 ALA A C   1 
ATOM   795 O  O   . ALA A 1 141 ? -20.532 -7.929  4.926   1.00 35.57  ? 142 ALA A O   1 
ATOM   796 C  CB  . ALA A 1 141 ? -23.434 -6.683  5.894   1.00 49.05  ? 142 ALA A CB  1 
ATOM   797 N  N   . TRP A 1 142 ? -22.220 -9.426  5.136   1.00 31.34  ? 143 TRP A N   1 
ATOM   798 C  CA  . TRP A 1 142 ? -21.379 -10.505 5.520   1.00 29.89  ? 143 TRP A CA  1 
ATOM   799 C  C   . TRP A 1 142 ? -20.334 -10.781 4.439   1.00 27.78  ? 143 TRP A C   1 
ATOM   800 O  O   . TRP A 1 142 ? -19.274 -11.366 4.758   1.00 28.96  ? 143 TRP A O   1 
ATOM   801 C  CB  . TRP A 1 142 ? -22.204 -11.778 5.839   1.00 28.64  ? 143 TRP A CB  1 
ATOM   802 C  CG  . TRP A 1 142 ? -22.911 -12.331 4.652   1.00 26.06  ? 143 TRP A CG  1 
ATOM   803 C  CD1 . TRP A 1 142 ? -24.165 -12.009 4.238   1.00 29.75  ? 143 TRP A CD1 1 
ATOM   804 C  CD2 . TRP A 1 142 ? -22.399 -13.260 3.692   1.00 25.28  ? 143 TRP A CD2 1 
ATOM   805 N  NE1 . TRP A 1 142 ? -24.463 -12.654 3.078   1.00 28.03  ? 143 TRP A NE1 1 
ATOM   806 C  CE2 . TRP A 1 142 ? -23.410 -13.447 2.721   1.00 30.18  ? 143 TRP A CE2 1 
ATOM   807 C  CE3 . TRP A 1 142 ? -21.202 -13.962 3.552   1.00 27.18  ? 143 TRP A CE3 1 
ATOM   808 C  CZ2 . TRP A 1 142 ? -23.256 -14.305 1.636   1.00 30.61  ? 143 TRP A CZ2 1 
ATOM   809 C  CZ3 . TRP A 1 142 ? -21.062 -14.826 2.489   1.00 27.36  ? 143 TRP A CZ3 1 
ATOM   810 C  CH2 . TRP A 1 142 ? -22.075 -14.995 1.541   1.00 31.97  ? 143 TRP A CH2 1 
ATOM   811 N  N   . ALA A 1 143 ? -20.668 -10.462 3.183   1.00 24.10  ? 144 ALA A N   1 
ATOM   812 C  CA  . ALA A 1 143 ? -19.832 -10.768 1.992   1.00 25.67  ? 144 ALA A CA  1 
ATOM   813 C  C   . ALA A 1 143 ? -19.111 -9.512  1.461   1.00 27.76  ? 144 ALA A C   1 
ATOM   814 O  O   . ALA A 1 143 ? -18.772 -9.462  0.288   1.00 31.04  ? 144 ALA A O   1 
ATOM   815 C  CB  . ALA A 1 143 ? -20.687 -11.375 0.922   1.00 26.39  ? 144 ALA A CB  1 
ATOM   816 N  N   . SER A 1 144 ? -18.858 -8.544  2.323   1.00 26.93  ? 145 SER A N   1 
ATOM   817 C  CA  . SER A 1 144 ? -18.394 -7.218  1.869   1.00 27.23  ? 145 SER A CA  1 
ATOM   818 C  C   . SER A 1 144 ? -16.863 -7.099  1.923   1.00 26.97  ? 145 SER A C   1 
ATOM   819 O  O   . SER A 1 144 ? -16.369 -6.110  1.461   1.00 25.42  ? 145 SER A O   1 
ATOM   820 C  CB  . SER A 1 144 ? -19.016 -6.137  2.711   1.00 31.22  ? 145 SER A CB  1 
ATOM   821 O  OG  . SER A 1 144 ? -18.441 -6.164  4.008   1.00 38.68  ? 145 SER A OG  1 
ATOM   822 N  N   . THR A 1 145 ? -16.116 -8.084  2.455   1.00 23.57  ? 146 THR A N   1 
ATOM   823 C  CA  . THR A 1 145 ? -14.663 -7.846  2.681   1.00 24.50  ? 146 THR A CA  1 
ATOM   824 C  C   . THR A 1 145 ? -13.829 -9.013  2.111   1.00 24.08  ? 146 THR A C   1 
ATOM   825 O  O   . THR A 1 145 ? -13.966 -10.147 2.535   1.00 23.72  ? 146 THR A O   1 
ATOM   826 C  CB  . THR A 1 145 ? -14.274 -7.672  4.151   1.00 25.46  ? 146 THR A CB  1 
ATOM   827 O  OG1 . THR A 1 145 ? -15.120 -6.669  4.740   1.00 28.62  ? 146 THR A OG1 1 
ATOM   828 C  CG2 . THR A 1 145 ? -12.835 -7.231  4.329   1.00 25.42  ? 146 THR A CG2 1 
ATOM   829 N  N   . LEU A 1 146 ? -12.979 -8.689  1.154   1.00 22.20  ? 147 LEU A N   1 
ATOM   830 C  CA  . LEU A 1 146 ? -11.961 -9.596  0.632   1.00 23.64  ? 147 LEU A CA  1 
ATOM   831 C  C   . LEU A 1 146 ? -10.653 -9.455  1.425   1.00 22.71  ? 147 LEU A C   1 
ATOM   832 O  O   . LEU A 1 146 ? -10.309 -8.408  1.928   1.00 20.22  ? 147 LEU A O   1 
ATOM   833 C  CB  . LEU A 1 146 ? -11.671 -9.252  -0.828  1.00 23.21  ? 147 LEU A CB  1 
ATOM   834 C  CG  . LEU A 1 146 ? -12.765 -9.525  -1.861  1.00 27.18  ? 147 LEU A CG  1 
ATOM   835 C  CD1 . LEU A 1 146 ? -12.353 -8.900  -3.158  1.00 31.58  ? 147 LEU A CD1 1 
ATOM   836 C  CD2 . LEU A 1 146 ? -12.974 -10.999 -2.095  1.00 30.44  ? 147 LEU A CD2 1 
ATOM   837 N  N   . VAL A 1 147 ? -9.887  -10.541 1.515   1.00 20.76  ? 148 VAL A N   1 
ATOM   838 C  CA  . VAL A 1 147 ? -8.594  -10.534 2.167   1.00 20.24  ? 148 VAL A CA  1 
ATOM   839 C  C   . VAL A 1 147 ? -7.599  -11.140 1.184   1.00 20.83  ? 148 VAL A C   1 
ATOM   840 O  O   . VAL A 1 147 ? -7.900  -12.075 0.389   1.00 21.34  ? 148 VAL A O   1 
ATOM   841 C  CB  . VAL A 1 147 ? -8.563  -11.318 3.502   1.00 20.67  ? 148 VAL A CB  1 
ATOM   842 C  CG1 . VAL A 1 147 ? -8.974  -12.760 3.329   1.00 23.67  ? 148 VAL A CG1 1 
ATOM   843 C  CG2 . VAL A 1 147 ? -7.242  -11.237 4.221   1.00 21.44  ? 148 VAL A CG2 1 
ATOM   844 N  N   . GLY A 1 148 ? -6.390  -10.589 1.218   1.00 20.91  ? 149 GLY A N   1 
ATOM   845 C  CA  . GLY A 1 148 ? -5.285  -11.172 0.429   1.00 21.82  ? 149 GLY A CA  1 
ATOM   846 C  C   . GLY A 1 148 ? -3.944  -10.695 0.924   1.00 21.78  ? 149 GLY A C   1 
ATOM   847 O  O   . GLY A 1 148 ? -3.774  -10.225 2.046   1.00 19.76  ? 149 GLY A O   1 
ATOM   848 N  N   . HIS A 1 149 ? -2.907  -10.963 0.093   1.00 21.51  ? 150 HIS A N   1 
ATOM   849 C  CA  . HIS A 1 149 ? -1.548  -10.652 0.452   1.00 22.17  ? 150 HIS A CA  1 
ATOM   850 C  C   . HIS A 1 149 ? -0.833  -10.177 -0.809  1.00 22.91  ? 150 HIS A C   1 
ATOM   851 O  O   . HIS A 1 149 ? -1.083  -10.684 -1.893  1.00 25.48  ? 150 HIS A O   1 
ATOM   852 C  CB  . HIS A 1 149 ? -0.851  -11.830 1.140   1.00 25.10  ? 150 HIS A CB  1 
ATOM   853 C  CG  . HIS A 1 149 ? -0.928  -13.062 0.345   1.00 31.49  ? 150 HIS A CG  1 
ATOM   854 N  ND1 . HIS A 1 149 ? 0.048   -13.369 -0.588  1.00 37.94  ? 150 HIS A ND1 1 
ATOM   855 C  CD2 . HIS A 1 149 ? -1.880  -14.017 0.268   1.00 36.54  ? 150 HIS A CD2 1 
ATOM   856 C  CE1 . HIS A 1 149 ? -0.318  -14.480 -1.207  1.00 42.52  ? 150 HIS A CE1 1 
ATOM   857 N  NE2 . HIS A 1 149 ? -1.465  -14.920 -0.672  1.00 42.97  ? 150 HIS A NE2 1 
ATOM   858 N  N   . ASP A 1 150 ? -0.046  -9.123  -0.639  1.00 22.37  ? 151 ASP A N   1 
ATOM   859 C  CA  . ASP A 1 150 ? 0.768   -8.533  -1.715  1.00 22.50  ? 151 ASP A CA  1 
ATOM   860 C  C   . ASP A 1 150 ? 2.220   -8.400  -1.223  1.00 24.03  ? 151 ASP A C   1 
ATOM   861 O  O   . ASP A 1 150 ? 2.503   -7.979  -0.129  1.00 22.18  ? 151 ASP A O   1 
ATOM   862 C  CB  . ASP A 1 150 ? 0.263   -7.150  -2.102  1.00 22.90  ? 151 ASP A CB  1 
ATOM   863 C  CG  . ASP A 1 150 ? -0.952  -7.058  -2.993  1.00 24.32  ? 151 ASP A CG  1 
ATOM   864 O  OD1 . ASP A 1 150 ? -1.401  -8.101  -3.506  1.00 30.92  ? 151 ASP A OD1 1 
ATOM   865 O  OD2 . ASP A 1 150 ? -1.525  -5.962  -3.091  1.00 24.54  ? 151 ASP A OD2 1 
ATOM   866 N  N   . THR A 1 151 ? 3.193   -8.737  -2.092  1.00 24.14  ? 152 THR A N   1 
ATOM   867 C  CA  . THR A 1 151 ? 4.588   -8.546  -1.793  1.00 24.40  ? 152 THR A CA  1 
ATOM   868 C  C   . THR A 1 151 ? 5.122   -7.544  -2.806  1.00 20.94  ? 152 THR A C   1 
ATOM   869 O  O   . THR A 1 151 ? 4.936   -7.757  -4.015  1.00 24.16  ? 152 THR A O   1 
ATOM   870 C  CB  . THR A 1 151 ? 5.431   -9.813  -1.943  1.00 30.45  ? 152 THR A CB  1 
ATOM   871 O  OG1 . THR A 1 151 ? 4.823   -10.837 -1.157  1.00 37.39  ? 152 THR A OG1 1 
ATOM   872 C  CG2 . THR A 1 151 ? 6.860   -9.555  -1.524  1.00 29.69  ? 152 THR A CG2 1 
ATOM   873 N  N   . PHE A 1 152 ? 5.652   -6.462  -2.282  1.00 22.02  ? 153 PHE A N   1 
ATOM   874 C  CA  . PHE A 1 152 ? 6.193   -5.388  -3.113  1.00 22.41  ? 153 PHE A CA  1 
ATOM   875 C  C   . PHE A 1 152 ? 7.719   -5.450  -3.114  1.00 23.41  ? 153 PHE A C   1 
ATOM   876 O  O   . PHE A 1 152 ? 8.374   -5.652  -2.074  1.00 23.70  ? 153 PHE A O   1 
ATOM   877 C  CB  . PHE A 1 152 ? 5.760   -4.044  -2.552  1.00 22.34  ? 153 PHE A CB  1 
ATOM   878 C  CG  . PHE A 1 152 ? 4.267   -3.806  -2.595  1.00 22.55  ? 153 PHE A CG  1 
ATOM   879 C  CD1 . PHE A 1 152 ? 3.448   -4.284  -1.566  1.00 24.24  ? 153 PHE A CD1 1 
ATOM   880 C  CD2 . PHE A 1 152 ? 3.654   -3.192  -3.683  1.00 22.39  ? 153 PHE A CD2 1 
ATOM   881 C  CE1 . PHE A 1 152 ? 2.082   -4.060  -1.606  1.00 21.11  ? 153 PHE A CE1 1 
ATOM   882 C  CE2 . PHE A 1 152 ? 2.284   -2.992  -3.723  1.00 23.08  ? 153 PHE A CE2 1 
ATOM   883 C  CZ  . PHE A 1 152 ? 1.498   -3.495  -2.704  1.00 22.85  ? 153 PHE A CZ  1 
ATOM   884 N  N   . THR A 1 153 ? 8.263   -5.223  -4.321  1.00 25.98  ? 154 THR A N   1 
ATOM   885 C  CA  . THR A 1 153 ? 9.683   -5.135  -4.553  1.00 26.27  ? 154 THR A CA  1 
ATOM   886 C  C   . THR A 1 153 ? 9.996   -3.845  -5.301  1.00 27.81  ? 154 THR A C   1 
ATOM   887 O  O   . THR A 1 153 ? 9.148   -3.208  -5.883  1.00 25.73  ? 154 THR A O   1 
ATOM   888 C  CB  . THR A 1 153 ? 10.180  -6.334  -5.384  1.00 28.51  ? 154 THR A CB  1 
ATOM   889 O  OG1 . THR A 1 153 ? 9.487   -6.392  -6.634  1.00 36.55  ? 154 THR A OG1 1 
ATOM   890 C  CG2 . THR A 1 153 ? 9.961   -7.635  -4.649  1.00 35.89  ? 154 THR A CG2 1 
ATOM   891 N  N   . LYS A 1 154 ? 11.289  -3.496  -5.268  1.00 29.37  ? 155 LYS A N   1 
ATOM   892 C  CA  . LYS A 1 154 ? 11.766  -2.315  -5.979  1.00 30.97  ? 155 LYS A CA  1 
ATOM   893 C  C   . LYS A 1 154 ? 11.972  -2.551  -7.485  1.00 32.32  ? 155 LYS A C   1 
ATOM   894 O  O   . LYS A 1 154 ? 12.061  -1.597  -8.217  1.00 30.80  ? 155 LYS A O   1 
ATOM   895 C  CB  . LYS A 1 154 ? 13.100  -1.880  -5.377  1.00 34.45  ? 155 LYS A CB  1 
ATOM   896 C  CG  . LYS A 1 154 ? 12.996  -1.359  -3.966  1.00 39.69  ? 155 LYS A CG  1 
ATOM   897 C  CD  . LYS A 1 154 ? 12.122  -0.143  -3.916  1.00 46.90  ? 155 LYS A CD  1 
ATOM   898 C  CE  . LYS A 1 154 ? 12.939  1.120   -3.851  1.00 60.79  ? 155 LYS A CE  1 
ATOM   899 N  NZ  . LYS A 1 154 ? 13.817  1.089   -2.656  1.00 66.23  ? 155 LYS A NZ  1 
ATOM   900 N  N   . VAL A 1 155 ? 12.013  -3.794  -7.950  1.00 35.25  ? 156 VAL A N   1 
ATOM   901 C  CA  . VAL A 1 155 ? 12.046  -4.048  -9.391  1.00 44.60  ? 156 VAL A CA  1 
ATOM   902 C  C   . VAL A 1 155 ? 10.799  -4.854  -9.774  1.00 41.37  ? 156 VAL A C   1 
ATOM   903 O  O   . VAL A 1 155 ? 10.290  -5.621  -8.959  1.00 45.82  ? 156 VAL A O   1 
ATOM   904 C  CB  . VAL A 1 155 ? 13.382  -4.711  -9.785  1.00 49.02  ? 156 VAL A CB  1 
ATOM   905 C  CG1 . VAL A 1 155 ? 14.548  -3.875  -9.281  1.00 48.90  ? 156 VAL A CG1 1 
ATOM   906 C  CG2 . VAL A 1 155 ? 13.505  -6.136  -9.263  1.00 55.24  ? 156 VAL A CG2 1 
ATOM   907 N  N   . LYS A 1 156 ? 10.246  -4.592  -10.963 1.00 45.54  ? 157 LYS A N   1 
ATOM   908 C  CA  . LYS A 1 156 ? 9.080   -5.352  -11.474 1.00 53.51  ? 157 LYS A CA  1 
ATOM   909 C  C   . LYS A 1 156 ? 9.570   -6.673  -12.077 1.00 52.88  ? 157 LYS A C   1 
ATOM   910 O  O   . LYS A 1 156 ? 9.137   -7.739  -11.626 1.00 68.96  ? 157 LYS A O   1 
ATOM   911 C  CB  . LYS A 1 156 ? 8.276   -4.521  -12.478 1.00 61.60  ? 157 LYS A CB  1 
ATOM   912 C  CG  . LYS A 1 156 ? 6.867   -5.047  -12.762 1.00 70.26  ? 157 LYS A CG  1 
ATOM   913 C  CD  . LYS A 1 156 ? 5.920   -4.048  -13.442 1.00 73.74  ? 157 LYS A CD  1 
ATOM   914 C  CE  . LYS A 1 156 ? 6.428   -3.513  -14.770 1.00 80.53  ? 157 LYS A CE  1 
ATOM   915 N  NZ  . LYS A 1 156 ? 7.399   -2.397  -14.611 1.00 84.27  ? 157 LYS A NZ  1 
HETATM 916 CL CL1 . 4IR B 2 .   ? -18.577 -10.931 -5.630  0.50 57.00  ? 201 4IR A CL1 1 
HETATM 917 IR IR1 . 4IR B 2 .   ? -19.117 -8.909  -4.370  0.80 45.17  ? 201 4IR A IR1 1 
HETATM 918 C  C1  . 4IR B 2 .   ? -3.653  -4.901  -5.999  1.00 22.14  ? 201 4IR A C1  1 
HETATM 919 N  N1  . 4IR B 2 .   ? -3.709  -5.592  -4.759  1.00 23.64  ? 201 4IR A N1  1 
HETATM 920 O  O1  . 4IR B 2 .   ? -2.535  -4.291  -6.408  1.00 22.13  ? 201 4IR A O1  1 
HETATM 921 S  S1  . 4IR B 2 .   ? -6.411  -3.941  -3.936  1.00 22.88  ? 201 4IR A S1  1 
HETATM 922 C  C2  . 4IR B 2 .   ? -5.063  -6.140  -4.643  1.00 22.11  ? 201 4IR A C2  1 
HETATM 923 N  N2  . 4IR B 2 .   ? -4.839  -4.833  -6.685  1.00 22.72  ? 201 4IR A N2  1 
HETATM 924 O  O2  . 4IR B 2 .   ? -11.795 -3.921  -7.849  1.00 25.60  ? 201 4IR A O2  1 
HETATM 925 S  S2  . 4IR B 2 .   ? -16.612 -7.629  -5.817  1.00 48.97  ? 201 4IR A S2  1 
HETATM 926 C  C3  . 4IR B 2 .   ? -5.681  -5.479  -3.380  1.00 22.43  ? 201 4IR A C3  1 
HETATM 927 N  N3  . 4IR B 2 .   ? -12.875 -3.039  -5.936  1.00 25.86  ? 201 4IR A N3  1 
HETATM 928 O  O3  . 4IR B 2 .   ? -17.654 -7.130  -6.673  1.00 40.91  ? 201 4IR A O3  1 
HETATM 929 C  C4  . 4IR B 2 .   ? -5.820  -5.646  -5.906  1.00 22.06  ? 201 4IR A C4  1 
HETATM 930 N  N4  . 4IR B 2 .   ? -17.225 -7.930  -4.412  1.00 42.18  ? 201 4IR A N4  1 
HETATM 931 O  O4  . 4IR B 2 .   ? -15.785 -8.771  -6.157  1.00 47.43  ? 201 4IR A O4  1 
HETATM 932 C  C5  . 4IR B 2 .   ? -6.973  -4.743  -5.471  1.00 22.17  ? 201 4IR A C5  1 
HETATM 933 N  N5  . 4IR B 2 .   ? -18.255 -9.521  -2.533  1.00 47.13  ? 201 4IR A N5  1 
HETATM 934 C  C6  . 4IR B 2 .   ? -7.546  -3.808  -6.556  1.00 21.56  ? 201 4IR A C6  1 
HETATM 935 C  C7  . 4IR B 2 .   ? -8.916  -3.239  -6.142  1.00 20.98  ? 201 4IR A C7  1 
HETATM 936 C  C8  . 4IR B 2 .   ? -9.476  -2.335  -7.241  1.00 24.27  ? 201 4IR A C8  1 
HETATM 937 C  C9  . 4IR B 2 .   ? -10.873 -1.824  -6.863  1.00 24.70  ? 201 4IR A C9  1 
HETATM 938 C  C10 . 4IR B 2 .   ? -11.890 -2.954  -6.881  1.00 25.92  ? 201 4IR A C10 1 
HETATM 939 C  C11 . 4IR B 2 .   ? -13.772 -4.097  -5.936  1.00 27.87  ? 201 4IR A C11 1 
HETATM 940 C  C12 . 4IR B 2 .   ? -13.246 -5.377  -5.910  1.00 29.21  ? 201 4IR A C12 1 
HETATM 941 C  C13 . 4IR B 2 .   ? -14.181 -6.483  -5.886  1.00 36.61  ? 201 4IR A C13 1 
HETATM 942 C  C14 . 4IR B 2 .   ? -15.161 -3.873  -5.801  1.00 32.08  ? 201 4IR A C14 1 
HETATM 943 C  C15 . 4IR B 2 .   ? -16.067 -4.987  -5.778  1.00 35.13  ? 201 4IR A C15 1 
HETATM 944 C  C16 . 4IR B 2 .   ? -15.564 -6.289  -5.811  1.00 36.51  ? 201 4IR A C16 1 
HETATM 945 C  C17 . 4IR B 2 .   ? -21.129 -9.371  -3.773  0.80 47.84  ? 201 4IR A C17 1 
HETATM 946 C  C18 . 4IR B 2 .   ? -20.754 -7.948  -3.386  0.80 46.32  ? 201 4IR A C18 1 
HETATM 947 C  C19 . 4IR B 2 .   ? -20.387 -7.216  -4.659  0.80 46.83  ? 201 4IR A C19 1 
HETATM 948 C  C20 . 4IR B 2 .   ? -20.532 -8.190  -5.814  0.80 51.70  ? 201 4IR A C20 1 
HETATM 949 C  C21 . 4IR B 2 .   ? -20.994 -9.513  -5.250  0.80 49.08  ? 201 4IR A C21 1 
HETATM 950 C  C22 . 4IR B 2 .   ? -21.522 -10.459 -2.783  0.80 52.74  ? 201 4IR A C22 1 
HETATM 951 C  C23 . 4IR B 2 .   ? -20.715 -7.382  -1.950  0.80 46.68  ? 201 4IR A C23 1 
HETATM 952 C  C24 . 4IR B 2 .   ? -19.892 -5.789  -4.893  0.80 47.61  ? 201 4IR A C24 1 
HETATM 953 C  C25 . 4IR B 2 .   ? -20.232 -7.903  -7.298  0.80 51.25  ? 201 4IR A C25 1 
HETATM 954 C  C26 . 4IR B 2 .   ? -21.264 -10.848 -5.954  0.80 55.39  ? 201 4IR A C26 1 
HETATM 955 C  C27 . 4IR B 2 .   ? -16.219 -8.490  -3.492  1.00 46.21  ? 201 4IR A C27 1 
HETATM 956 C  C28 . 4IR B 2 .   ? -16.788 -9.621  -2.655  1.00 50.59  ? 201 4IR A C28 1 
HETATM 957 IR IR  . IR3 C 3 .   ? -22.060 4.243   -7.940  1.00 43.50  ? 202 IR3 A IR  1 
HETATM 958 IR IR  B IR3 D 3 .   ? -2.069  -15.756 -3.340  0.40 43.62  ? 203 IR3 A IR  1 
HETATM 959 IR IR  B IR3 E 3 .   ? 2.187   -15.685 -2.426  0.30 88.49  ? 204 IR3 A IR  1 
HETATM 960 IR IR  C IR3 F 3 .   ? -0.329  -15.057 -3.838  0.30 67.36  ? 205 IR3 A IR  1 
HETATM 961 O  O   . HOH G 4 .   ? 12.695  2.883   -1.786  1.00 41.99  ? 301 HOH A O   1 
HETATM 962 O  O   . HOH G 4 .   ? -3.262  -13.353 3.782   0.50 56.94  ? 302 HOH A O   1 
HETATM 963 O  O   . HOH G 4 .   ? 11.678  1.070   -7.500  1.00 33.55  ? 303 HOH A O   1 
HETATM 964 O  O   . HOH G 4 .   ? 12.548  -0.783  -10.588 1.00 38.06  ? 304 HOH A O   1 
HETATM 965 O  O   . HOH G 4 .   ? 13.390  -5.054  -4.063  1.00 31.00  ? 305 HOH A O   1 
HETATM 966 O  O   . HOH G 4 .   ? -14.389 7.000   -16.749 1.00 33.20  ? 306 HOH A O   1 
HETATM 967 O  O   . HOH G 4 .   ? -4.293  4.750   5.886   0.50 22.28  ? 307 HOH A O   1 
HETATM 968 O  O   . HOH G 4 .   ? -21.408 2.944   -1.524  1.00 35.30  ? 308 HOH A O   1 
HETATM 969 O  O   . HOH G 4 .   ? 7.499   7.501   -4.227  1.00 187.03 ? 309 HOH A O   1 
HETATM 970 O  O   . HOH G 4 .   ? -12.053 2.643   -9.229  1.00 26.91  ? 310 HOH A O   1 
HETATM 971 O  O   . HOH G 4 .   ? -16.942 -10.572 3.831   1.00 30.73  ? 311 HOH A O   1 
HETATM 972 O  O   . HOH G 4 .   ? -14.537 -4.998  6.700   1.00 32.44  ? 312 HOH A O   1 
HETATM 973 O  O   . HOH G 4 .   ? 5.775   6.672   13.366  1.00 29.16  ? 313 HOH A O   1 
HETATM 974 O  O   . HOH G 4 .   ? -7.942  7.088   -2.168  1.00 24.42  ? 314 HOH A O   1 
HETATM 975 O  O   . HOH G 4 .   ? 6.500   -8.435  -6.067  1.00 43.67  ? 315 HOH A O   1 
HETATM 976 O  O   . HOH G 4 .   ? -5.461  1.610   -11.129 1.00 27.40  ? 316 HOH A O   1 
HETATM 977 O  O   . HOH G 4 .   ? -3.283  -9.926  -4.107  1.00 33.99  ? 317 HOH A O   1 
HETATM 978 O  O   . HOH G 4 .   ? -1.153  11.623  -3.333  1.00 38.17  ? 318 HOH A O   1 
HETATM 979 O  O   . HOH G 4 .   ? 2.399   -12.058 -1.161  1.00 45.14  ? 319 HOH A O   1 
HETATM 980 O  O   . HOH G 4 .   ? 0.902   -0.679  -12.429 1.00 34.81  ? 320 HOH A O   1 
HETATM 981 O  O   . HOH G 4 .   ? 8.231   -1.480  13.299  1.00 26.19  ? 321 HOH A O   1 
HETATM 982 O  O   . HOH G 4 .   ? 4.600   11.484  3.387   1.00 33.11  ? 322 HOH A O   1 
HETATM 983 O  O   . HOH G 4 .   ? -0.015  11.231  8.669   1.00 34.72  ? 323 HOH A O   1 
HETATM 984 O  O   . HOH G 4 .   ? -14.570 4.054   -3.647  1.00 25.90  ? 324 HOH A O   1 
HETATM 985 O  O   . HOH G 4 .   ? 13.376  -2.401  10.691  1.00 44.88  ? 325 HOH A O   1 
HETATM 986 O  O   . HOH G 4 .   ? -5.857  9.437   -11.629 1.00 40.06  ? 326 HOH A O   1 
HETATM 987 O  O   . HOH G 4 .   ? -7.927  9.105   -5.770  1.00 28.36  ? 327 HOH A O   1 
HETATM 988 O  O   . HOH G 4 .   ? -10.456 8.652   -3.292  1.00 31.95  ? 328 HOH A O   1 
HETATM 989 O  O   . HOH G 4 .   ? -27.063 -11.911 1.972   1.00 49.80  ? 329 HOH A O   1 
HETATM 990 O  O   . HOH G 4 .   ? 0.959   4.892   -8.616  1.00 30.06  ? 330 HOH A O   1 
HETATM 991 O  O   . HOH G 4 .   ? 7.995   -9.399  6.627   1.00 43.28  ? 331 HOH A O   1 
HETATM 992 O  O   . HOH G 4 .   ? 3.543   12.673  13.750  1.00 47.36  ? 332 HOH A O   1 
HETATM 993 O  O   . HOH G 4 .   ? 16.172  -3.700  -3.411  1.00 40.88  ? 333 HOH A O   1 
HETATM 994 O  O   . HOH G 4 .   ? -4.011  -12.283 -2.386  1.00 33.68  ? 334 HOH A O   1 
# 
